data_6JJK
#
_entry.id   6JJK
#
_cell.length_a   214.920
_cell.length_b   122.427
_cell.length_c   140.242
_cell.angle_alpha   90.000
_cell.angle_beta   117.720
_cell.angle_gamma   90.000
#
_symmetry.space_group_name_H-M   'C 1 2 1'
#
loop_
_entity.id
_entity.type
_entity.pdbx_description
1 polymer 'Periplasmic serine endoprotease DegP'
2 polymer CYS-TYR-TYR-LYS-ILE
#
loop_
_entity_poly.entity_id
_entity_poly.type
_entity_poly.pdbx_seq_one_letter_code
_entity_poly.pdbx_strand_id
1 'polypeptide(L)'
;AQQMPSLAPMLEKVMPSVVSINVEGSTTVNTPRMPRNFQQFFGDDSPFCQEGSPFQSSPFCQGGQGGNGGGQQQKFMALG
SGVIIDADKGYVVTNNHVVDNATVIKVQLSDGRKFDAKMVGKDPRSDIALIQIQNPKNLTAIKMADSDALRVGDYTVAIG
NPFGLGETVTSGIVSALGRSGLNAENYENFIQTDAAINRGNAGGALVNLNGELIGINTAILAPDGGNIGIGFAIPSNMVK
NLTSQMVEYGQVKRGELGIMGTELNSELAKAMKVDAQRGAFVSQVLPNSSAAKAGIKAGDVITSLNGKPISSFAALRAQV
GTMPVGSKLTLGLLRDGKQVNVNLELQQSSQNQVDSSSIFNGIEGAEMSNKGKDQGVVVNNVKTGTPAAQIGLKKGDVII
GANQQAVKNIAELRKVLDSKPSVLALNIQRGDSTIYLLMQ
;
A,B,C,D,E,F
2 'polypeptide(L)' CYYKI G,H,I,J,K,L,M,N,O,P,Q,R
#
# COMPACT_ATOMS: atom_id res chain seq x y z
N ALA A 1 -58.64 14.77 14.80
CA ALA A 1 -57.64 14.73 15.86
C ALA A 1 -57.66 13.38 16.57
N GLN A 2 -56.47 12.86 16.87
CA GLN A 2 -56.34 11.57 17.55
C GLN A 2 -55.00 11.52 18.25
N GLN A 3 -54.88 10.58 19.19
CA GLN A 3 -53.70 10.39 20.00
C GLN A 3 -52.89 9.21 19.47
N MET A 4 -51.61 9.43 19.21
CA MET A 4 -50.77 8.42 18.59
C MET A 4 -49.77 7.86 19.59
N PRO A 5 -49.62 6.53 19.67
CA PRO A 5 -48.58 5.95 20.52
C PRO A 5 -47.20 6.37 20.04
N SER A 6 -46.29 6.53 20.99
CA SER A 6 -44.96 7.04 20.64
C SER A 6 -43.98 6.73 21.77
N LEU A 7 -42.73 6.46 21.38
CA LEU A 7 -41.62 6.29 22.31
C LEU A 7 -41.01 7.62 22.75
N ALA A 8 -41.33 8.71 22.07
CA ALA A 8 -40.81 10.01 22.44
C ALA A 8 -41.03 10.39 23.90
N PRO A 9 -42.17 10.08 24.54
CA PRO A 9 -42.26 10.30 25.99
C PRO A 9 -41.18 9.56 26.77
N MET A 10 -40.94 8.29 26.44
CA MET A 10 -39.92 7.53 27.15
C MET A 10 -38.51 7.93 26.70
N LEU A 11 -38.30 8.09 25.40
CA LEU A 11 -36.96 8.33 24.88
C LEU A 11 -36.36 9.62 25.44
N GLU A 12 -37.19 10.64 25.65
CA GLU A 12 -36.66 11.92 26.11
C GLU A 12 -36.07 11.82 27.51
N LYS A 13 -36.58 10.91 28.34
CA LYS A 13 -35.96 10.71 29.64
C LYS A 13 -34.65 9.94 29.53
N VAL A 14 -34.51 9.11 28.50
CA VAL A 14 -33.43 8.15 28.41
C VAL A 14 -32.35 8.61 27.44
N MET A 15 -32.74 9.27 26.35
CA MET A 15 -31.76 9.73 25.36
C MET A 15 -30.59 10.51 25.95
N PRO A 16 -30.73 11.36 26.98
CA PRO A 16 -29.53 11.99 27.54
C PRO A 16 -28.52 11.01 28.11
N SER A 17 -28.96 9.84 28.57
CA SER A 17 -28.06 8.88 29.21
C SER A 17 -27.18 8.14 28.21
N VAL A 18 -27.36 8.35 26.91
CA VAL A 18 -26.54 7.70 25.88
C VAL A 18 -25.64 8.75 25.28
N VAL A 19 -24.35 8.45 25.19
CA VAL A 19 -23.38 9.37 24.64
C VAL A 19 -22.75 8.73 23.41
N SER A 20 -22.31 9.58 22.48
CA SER A 20 -21.39 9.16 21.43
C SER A 20 -19.96 9.34 21.93
N ILE A 21 -19.03 8.64 21.28
CA ILE A 21 -17.66 8.57 21.77
C ILE A 21 -16.71 8.67 20.57
N ASN A 22 -15.82 9.66 20.61
CA ASN A 22 -14.79 9.83 19.60
C ASN A 22 -13.43 9.54 20.22
N VAL A 23 -12.74 8.52 19.70
CA VAL A 23 -11.49 8.02 20.27
C VAL A 23 -10.39 8.17 19.23
N GLU A 24 -9.25 8.70 19.66
CA GLU A 24 -8.17 9.05 18.75
C GLU A 24 -6.83 8.48 19.18
N GLN A 74 1.61 3.47 13.46
CA GLN A 74 0.29 3.48 12.86
C GLN A 74 -0.79 3.78 13.90
N LYS A 75 -1.20 5.04 13.96
CA LYS A 75 -2.26 5.49 14.85
C LYS A 75 -3.54 5.73 14.06
N PHE A 76 -4.67 5.70 14.76
CA PHE A 76 -5.96 5.70 14.11
C PHE A 76 -7.02 6.29 15.02
N MET A 77 -8.19 6.55 14.43
CA MET A 77 -9.36 7.05 15.14
C MET A 77 -10.56 6.19 14.76
N ALA A 78 -11.44 5.95 15.73
CA ALA A 78 -12.73 5.34 15.50
C ALA A 78 -13.72 6.03 16.44
N LEU A 79 -15.00 5.68 16.29
CA LEU A 79 -16.03 6.28 17.12
C LEU A 79 -17.16 5.28 17.33
N GLY A 80 -17.81 5.41 18.49
CA GLY A 80 -18.90 4.52 18.86
C GLY A 80 -19.85 5.23 19.81
N SER A 81 -20.40 4.49 20.76
CA SER A 81 -21.41 5.01 21.68
C SER A 81 -21.07 4.59 23.11
N GLY A 82 -21.83 5.13 24.06
CA GLY A 82 -21.62 4.80 25.46
C GLY A 82 -22.86 5.11 26.25
N VAL A 83 -22.91 4.56 27.46
CA VAL A 83 -24.06 4.70 28.33
C VAL A 83 -23.59 5.18 29.71
N ILE A 84 -24.22 6.24 30.20
CA ILE A 84 -23.91 6.75 31.53
C ILE A 84 -24.52 5.82 32.57
N ILE A 85 -23.69 5.32 33.47
CA ILE A 85 -24.14 4.41 34.52
C ILE A 85 -24.40 5.13 35.82
N ASP A 86 -23.42 5.87 36.32
CA ASP A 86 -23.56 6.67 37.53
C ASP A 86 -23.40 8.13 37.14
N ALA A 87 -24.47 8.90 37.32
CA ALA A 87 -24.46 10.29 36.86
C ALA A 87 -23.44 11.12 37.61
N ASP A 88 -23.24 10.82 38.90
CA ASP A 88 -22.35 11.64 39.73
C ASP A 88 -20.89 11.38 39.38
N LYS A 89 -20.46 10.12 39.40
CA LYS A 89 -19.06 9.78 39.18
C LYS A 89 -18.63 9.92 37.71
N GLY A 90 -19.56 10.12 36.79
CA GLY A 90 -19.23 10.21 35.39
C GLY A 90 -18.76 8.89 34.81
N TYR A 91 -19.37 7.78 35.22
CA TYR A 91 -18.98 6.46 34.75
C TYR A 91 -19.78 6.12 33.49
N VAL A 92 -19.07 5.88 32.39
CA VAL A 92 -19.68 5.56 31.10
C VAL A 92 -19.19 4.20 30.67
N VAL A 93 -20.12 3.28 30.43
CA VAL A 93 -19.79 1.95 29.93
C VAL A 93 -19.87 1.97 28.40
N THR A 94 -18.98 1.23 27.76
CA THR A 94 -19.03 1.06 26.32
C THR A 94 -18.48 -0.33 26.00
N ASN A 95 -18.17 -0.58 24.74
CA ASN A 95 -17.55 -1.82 24.34
C ASN A 95 -16.04 -1.68 24.41
N ASN A 96 -15.37 -2.74 24.88
CA ASN A 96 -13.92 -2.69 24.98
C ASN A 96 -13.27 -2.47 23.63
N HIS A 97 -13.82 -3.09 22.58
CA HIS A 97 -13.28 -2.89 21.23
C HIS A 97 -13.53 -1.49 20.69
N VAL A 98 -14.25 -0.64 21.43
CA VAL A 98 -14.37 0.76 21.05
C VAL A 98 -13.18 1.56 21.56
N VAL A 99 -12.73 1.27 22.78
CA VAL A 99 -11.80 2.13 23.49
C VAL A 99 -10.49 1.41 23.80
N ASP A 100 -10.29 0.21 23.26
CA ASP A 100 -9.02 -0.48 23.44
C ASP A 100 -7.90 0.25 22.72
N ASN A 101 -6.75 0.38 23.40
CA ASN A 101 -5.58 1.05 22.84
C ASN A 101 -5.90 2.50 22.46
N ALA A 102 -6.65 3.18 23.33
CA ALA A 102 -7.08 4.55 23.11
C ALA A 102 -6.18 5.49 23.88
N THR A 103 -5.49 6.37 23.16
CA THR A 103 -4.70 7.42 23.81
C THR A 103 -5.55 8.64 24.14
N VAL A 104 -6.44 9.04 23.24
CA VAL A 104 -7.36 10.14 23.46
C VAL A 104 -8.78 9.60 23.42
N ILE A 105 -9.60 10.01 24.39
CA ILE A 105 -10.98 9.58 24.50
C ILE A 105 -11.83 10.81 24.77
N LYS A 106 -12.82 11.05 23.92
CA LYS A 106 -13.69 12.22 24.03
C LYS A 106 -15.14 11.78 23.99
N VAL A 107 -15.93 12.28 24.93
CA VAL A 107 -17.33 11.88 25.08
C VAL A 107 -18.21 13.07 24.72
N GLN A 108 -19.05 12.90 23.70
CA GLN A 108 -19.96 13.94 23.23
C GLN A 108 -21.38 13.57 23.62
N LEU A 109 -22.06 14.47 24.30
CA LEU A 109 -23.38 14.16 24.84
C LEU A 109 -24.48 14.48 23.84
N SER A 110 -25.73 14.31 24.29
CA SER A 110 -26.89 14.55 23.43
C SER A 110 -27.10 16.03 23.15
N ASP A 111 -26.52 16.92 23.95
CA ASP A 111 -26.65 18.36 23.76
C ASP A 111 -25.41 19.00 23.14
N GLY A 112 -24.37 18.22 22.85
CA GLY A 112 -23.17 18.73 22.23
C GLY A 112 -22.01 18.99 23.17
N ARG A 113 -22.26 19.01 24.48
CA ARG A 113 -21.21 19.24 25.46
C ARG A 113 -20.12 18.18 25.35
N LYS A 114 -18.95 18.55 24.85
CA LYS A 114 -17.84 17.62 24.79
C LYS A 114 -17.17 17.51 26.17
N PHE A 115 -16.55 16.35 26.40
CA PHE A 115 -15.84 16.08 27.64
C PHE A 115 -14.58 15.27 27.31
N ASP A 116 -13.75 15.08 28.33
CA ASP A 116 -12.62 14.17 28.27
C ASP A 116 -12.93 12.96 29.15
N ALA A 117 -12.43 11.80 28.74
CA ALA A 117 -12.67 10.58 29.47
C ALA A 117 -11.38 9.78 29.54
N LYS A 118 -11.13 9.18 30.70
CA LYS A 118 -9.96 8.36 30.92
C LYS A 118 -10.39 6.93 31.20
N MET A 119 -9.51 5.98 30.89
CA MET A 119 -9.83 4.58 31.07
C MET A 119 -10.00 4.25 32.55
N VAL A 120 -10.94 3.35 32.85
CA VAL A 120 -11.18 2.86 34.21
C VAL A 120 -10.96 1.35 34.29
N GLY A 121 -11.50 0.61 33.33
CA GLY A 121 -11.33 -0.83 33.30
C GLY A 121 -11.73 -1.38 31.94
N LYS A 122 -11.14 -2.52 31.61
CA LYS A 122 -11.42 -3.15 30.32
C LYS A 122 -11.39 -4.66 30.49
N ASP A 123 -12.01 -5.36 29.54
CA ASP A 123 -12.11 -6.81 29.56
C ASP A 123 -12.45 -7.33 28.17
N PRO A 124 -11.44 -7.67 27.36
CA PRO A 124 -11.72 -8.10 25.98
C PRO A 124 -12.38 -9.47 25.88
N ARG A 125 -12.45 -10.26 26.96
CA ARG A 125 -13.13 -11.54 26.88
C ARG A 125 -14.62 -11.34 26.71
N SER A 126 -15.19 -10.32 27.34
CA SER A 126 -16.60 -10.02 27.24
C SER A 126 -16.88 -8.73 26.48
N ASP A 127 -15.83 -8.00 26.08
CA ASP A 127 -15.93 -6.78 25.27
C ASP A 127 -16.64 -5.64 26.01
N ILE A 128 -16.62 -5.65 27.33
CA ILE A 128 -17.13 -4.54 28.13
C ILE A 128 -15.95 -3.72 28.63
N ALA A 129 -16.08 -2.40 28.58
CA ALA A 129 -15.09 -1.49 29.13
C ALA A 129 -15.80 -0.32 29.80
N LEU A 130 -15.17 0.23 30.82
CA LEU A 130 -15.73 1.36 31.57
C LEU A 130 -14.73 2.51 31.54
N ILE A 131 -15.21 3.71 31.26
CA ILE A 131 -14.41 4.92 31.29
C ILE A 131 -15.08 5.91 32.24
N GLN A 132 -14.32 6.94 32.62
CA GLN A 132 -14.81 7.97 33.52
C GLN A 132 -14.70 9.32 32.85
N ILE A 133 -15.75 10.13 33.00
CA ILE A 133 -15.77 11.47 32.42
C ILE A 133 -14.97 12.40 33.32
N GLN A 134 -14.02 13.13 32.73
CA GLN A 134 -13.31 14.16 33.47
C GLN A 134 -14.22 15.38 33.63
N ASN A 135 -14.25 15.92 34.85
CA ASN A 135 -15.14 17.02 35.21
C ASN A 135 -16.61 16.68 34.92
N PRO A 136 -17.17 15.67 35.61
CA PRO A 136 -18.58 15.34 35.41
C PRO A 136 -19.49 16.45 35.93
N LYS A 137 -20.18 17.15 35.04
CA LYS A 137 -20.92 18.35 35.39
C LYS A 137 -22.34 18.24 34.84
N ASN A 138 -23.30 17.98 35.73
CA ASN A 138 -24.72 17.93 35.41
C ASN A 138 -25.00 16.89 34.32
N LEU A 139 -25.00 15.61 34.71
CA LEU A 139 -25.22 14.49 33.80
C LEU A 139 -26.51 13.78 34.17
N THR A 140 -26.80 12.69 33.45
CA THR A 140 -28.01 11.90 33.67
C THR A 140 -27.69 10.43 33.47
N ALA A 141 -28.09 9.59 34.41
CA ALA A 141 -27.81 8.17 34.38
C ALA A 141 -29.02 7.39 33.90
N ILE A 142 -28.75 6.23 33.30
CA ILE A 142 -29.79 5.31 32.87
C ILE A 142 -30.04 4.31 33.99
N LYS A 143 -31.29 3.84 34.08
CA LYS A 143 -31.59 2.74 34.97
C LYS A 143 -31.48 1.43 34.19
N MET A 144 -31.00 0.39 34.87
CA MET A 144 -30.84 -0.92 34.25
C MET A 144 -31.98 -1.84 34.67
N ALA A 145 -32.42 -2.67 33.73
CA ALA A 145 -33.42 -3.68 34.03
C ALA A 145 -32.75 -5.01 34.33
N ASP A 146 -33.57 -5.97 34.77
CA ASP A 146 -33.11 -7.34 34.96
C ASP A 146 -33.23 -8.05 33.62
N SER A 147 -32.09 -8.30 32.97
CA SER A 147 -32.11 -8.90 31.65
C SER A 147 -32.72 -10.30 31.67
N ASP A 148 -32.62 -10.99 32.81
CA ASP A 148 -33.10 -12.36 32.92
C ASP A 148 -34.62 -12.46 32.93
N ALA A 149 -35.32 -11.33 33.00
CA ALA A 149 -36.77 -11.33 32.86
C ALA A 149 -37.22 -11.09 31.43
N LEU A 150 -36.30 -10.76 30.52
CA LEU A 150 -36.66 -10.62 29.12
C LEU A 150 -37.19 -11.92 28.55
N ARG A 151 -38.11 -11.79 27.60
CA ARG A 151 -38.70 -12.91 26.90
C ARG A 151 -38.62 -12.63 25.40
N VAL A 152 -38.37 -13.68 24.62
CA VAL A 152 -38.30 -13.55 23.18
C VAL A 152 -39.63 -13.00 22.68
N GLY A 153 -39.63 -11.76 22.22
CA GLY A 153 -40.85 -11.11 21.79
C GLY A 153 -41.05 -9.73 22.37
N ASP A 154 -40.34 -9.44 23.46
CA ASP A 154 -40.39 -8.12 24.06
C ASP A 154 -39.88 -7.08 23.08
N TYR A 155 -40.59 -5.96 22.97
CA TYR A 155 -40.15 -4.90 22.09
C TYR A 155 -38.94 -4.19 22.70
N THR A 156 -37.97 -3.85 21.85
CA THR A 156 -36.75 -3.20 22.30
C THR A 156 -36.48 -1.94 21.50
N VAL A 157 -35.63 -1.09 22.07
CA VAL A 157 -35.21 0.16 21.44
C VAL A 157 -33.70 0.25 21.54
N ALA A 158 -33.03 0.28 20.39
CA ALA A 158 -31.59 0.50 20.35
C ALA A 158 -31.31 1.99 20.21
N ILE A 159 -30.20 2.42 20.81
CA ILE A 159 -29.74 3.80 20.72
C ILE A 159 -28.23 3.79 20.52
N GLY A 160 -27.75 4.59 19.59
CA GLY A 160 -26.34 4.65 19.32
C GLY A 160 -25.98 5.79 18.39
N ASN A 161 -24.80 5.69 17.79
CA ASN A 161 -24.28 6.73 16.90
C ASN A 161 -23.84 6.07 15.60
N PRO A 162 -24.79 5.67 14.74
CA PRO A 162 -24.44 5.05 13.45
C PRO A 162 -23.69 6.02 12.56
N PHE A 163 -22.44 5.67 12.24
CA PHE A 163 -21.60 6.41 11.30
C PHE A 163 -21.29 7.82 11.79
N GLY A 164 -21.45 8.08 13.08
CA GLY A 164 -21.29 9.43 13.56
C GLY A 164 -22.39 10.38 13.15
N LEU A 165 -23.52 9.86 12.67
CA LEU A 165 -24.64 10.71 12.26
C LEU A 165 -25.23 11.49 13.41
N GLY A 166 -24.99 11.07 14.65
CA GLY A 166 -25.63 11.63 15.82
C GLY A 166 -26.47 10.59 16.52
N GLU A 167 -27.10 11.03 17.61
CA GLU A 167 -27.89 10.11 18.42
C GLU A 167 -29.08 9.58 17.63
N THR A 168 -29.01 8.30 17.27
CA THR A 168 -30.02 7.66 16.43
C THR A 168 -30.77 6.61 17.25
N VAL A 169 -32.09 6.70 17.24
CA VAL A 169 -32.94 5.77 17.97
C VAL A 169 -33.64 4.85 16.97
N THR A 170 -33.46 3.56 17.15
CA THR A 170 -34.08 2.56 16.29
C THR A 170 -34.89 1.59 17.15
N SER A 171 -35.77 0.84 16.50
CA SER A 171 -36.73 0.01 17.21
C SER A 171 -36.62 -1.43 16.74
N GLY A 172 -37.03 -2.35 17.62
CA GLY A 172 -36.96 -3.76 17.32
C GLY A 172 -37.56 -4.57 18.43
N ILE A 173 -37.33 -5.89 18.38
CA ILE A 173 -37.79 -6.81 19.40
C ILE A 173 -36.68 -7.81 19.71
N VAL A 174 -36.84 -8.50 20.84
CA VAL A 174 -35.90 -9.55 21.22
C VAL A 174 -36.05 -10.69 20.22
N SER A 175 -35.10 -10.80 19.29
CA SER A 175 -35.16 -11.88 18.31
C SER A 175 -35.04 -13.23 19.02
N ALA A 176 -33.93 -13.43 19.72
CA ALA A 176 -33.74 -14.64 20.51
C ALA A 176 -32.75 -14.32 21.62
N LEU A 177 -32.55 -15.29 22.52
CA LEU A 177 -31.74 -15.09 23.71
C LEU A 177 -30.72 -16.20 23.83
N GLY A 178 -29.69 -15.92 24.63
CA GLY A 178 -28.66 -16.91 24.88
C GLY A 178 -27.77 -17.19 23.69
N ARG A 179 -27.60 -16.22 22.80
CA ARG A 179 -26.84 -16.45 21.58
C ARG A 179 -25.35 -16.29 21.83
N SER A 180 -24.58 -17.20 21.23
CA SER A 180 -23.13 -17.24 21.42
C SER A 180 -22.55 -18.13 20.32
N GLY A 181 -21.22 -18.18 20.28
CA GLY A 181 -20.50 -18.96 19.30
C GLY A 181 -19.82 -18.15 18.23
N LEU A 182 -20.18 -16.87 18.08
CA LEU A 182 -19.50 -15.99 17.13
C LEU A 182 -18.01 -15.96 17.37
N ASN A 183 -17.59 -16.05 18.64
CA ASN A 183 -16.20 -16.24 19.02
C ASN A 183 -16.19 -17.24 20.18
N ALA A 184 -15.72 -18.46 19.91
CA ALA A 184 -15.90 -19.58 20.84
C ALA A 184 -15.21 -19.37 22.18
N GLU A 185 -14.28 -18.43 22.29
CA GLU A 185 -13.57 -18.22 23.55
C GLU A 185 -14.07 -17.01 24.33
N ASN A 186 -14.75 -16.07 23.68
CA ASN A 186 -15.25 -14.88 24.36
C ASN A 186 -16.42 -15.24 25.26
N TYR A 187 -16.66 -14.39 26.26
CA TYR A 187 -17.80 -14.52 27.16
C TYR A 187 -18.97 -13.77 26.54
N GLU A 188 -19.78 -14.50 25.79
CA GLU A 188 -20.92 -13.92 25.10
C GLU A 188 -22.16 -14.75 25.42
N ASN A 189 -23.17 -14.06 25.91
CA ASN A 189 -24.51 -14.62 26.13
C ASN A 189 -25.53 -13.67 25.54
N PHE A 190 -25.33 -13.35 24.26
CA PHE A 190 -25.98 -12.21 23.63
C PHE A 190 -27.50 -12.28 23.70
N ILE A 191 -28.09 -11.09 23.83
CA ILE A 191 -29.47 -10.87 23.38
C ILE A 191 -29.41 -10.65 21.87
N GLN A 192 -30.39 -11.17 21.16
CA GLN A 192 -30.51 -10.93 19.74
C GLN A 192 -31.72 -10.03 19.48
N THR A 193 -31.51 -8.98 18.70
CA THR A 193 -32.57 -8.04 18.36
C THR A 193 -32.46 -7.69 16.88
N ASP A 194 -33.62 -7.43 16.28
CA ASP A 194 -33.68 -6.95 14.91
C ASP A 194 -33.73 -5.42 14.83
N ALA A 195 -33.49 -4.73 15.95
CA ALA A 195 -33.35 -3.29 15.90
C ALA A 195 -32.18 -2.91 15.02
N ALA A 196 -32.31 -1.77 14.36
CA ALA A 196 -31.26 -1.30 13.46
C ALA A 196 -30.01 -0.96 14.26
N ILE A 197 -28.91 -1.61 13.90
CA ILE A 197 -27.63 -1.45 14.60
C ILE A 197 -26.54 -1.54 13.55
N ASN A 198 -25.86 -0.42 13.30
CA ASN A 198 -24.74 -0.36 12.37
C ASN A 198 -23.51 0.17 13.09
N ARG A 199 -22.44 0.34 12.32
CA ARG A 199 -21.16 0.77 12.87
C ARG A 199 -21.28 2.08 13.62
N GLY A 200 -21.06 2.04 14.93
CA GLY A 200 -21.20 3.18 15.81
C GLY A 200 -22.18 2.95 16.94
N ASN A 201 -23.13 2.03 16.75
CA ASN A 201 -24.01 1.60 17.82
C ASN A 201 -23.28 0.80 18.88
N ALA A 202 -21.99 0.51 18.67
CA ALA A 202 -21.22 -0.26 19.65
C ALA A 202 -21.08 0.52 20.94
N GLY A 203 -21.27 -0.17 22.07
CA GLY A 203 -21.38 0.47 23.36
C GLY A 203 -22.66 1.26 23.57
N GLY A 204 -23.59 1.23 22.62
CA GLY A 204 -24.85 1.93 22.76
C GLY A 204 -25.81 1.19 23.68
N ALA A 205 -27.01 1.75 23.80
CA ALA A 205 -28.00 1.27 24.76
C ALA A 205 -29.10 0.52 24.03
N LEU A 206 -29.40 -0.69 24.49
CA LEU A 206 -30.60 -1.42 24.11
C LEU A 206 -31.52 -1.42 25.31
N VAL A 207 -32.70 -0.83 25.16
CA VAL A 207 -33.59 -0.55 26.28
C VAL A 207 -34.97 -1.12 25.99
N ASN A 208 -35.70 -1.42 27.07
CA ASN A 208 -37.09 -1.83 26.94
C ASN A 208 -37.98 -0.60 26.80
N LEU A 209 -39.29 -0.83 26.75
CA LEU A 209 -40.23 0.27 26.52
C LEU A 209 -40.36 1.19 27.73
N ASN A 210 -39.94 0.74 28.91
CA ASN A 210 -39.90 1.59 30.09
C ASN A 210 -38.57 2.31 30.24
N GLY A 211 -37.71 2.27 29.22
CA GLY A 211 -36.47 3.02 29.24
C GLY A 211 -35.33 2.39 30.02
N GLU A 212 -35.52 1.18 30.56
CA GLU A 212 -34.50 0.55 31.37
C GLU A 212 -33.52 -0.20 30.48
N LEU A 213 -32.22 -0.04 30.77
CA LEU A 213 -31.18 -0.65 29.96
C LEU A 213 -31.21 -2.16 30.09
N ILE A 214 -31.34 -2.87 28.97
CA ILE A 214 -31.31 -4.32 28.97
C ILE A 214 -30.11 -4.89 28.24
N GLY A 215 -29.42 -4.11 27.41
CA GLY A 215 -28.29 -4.64 26.66
C GLY A 215 -27.36 -3.56 26.19
N ILE A 216 -26.09 -3.93 26.01
CA ILE A 216 -25.09 -3.07 25.41
C ILE A 216 -24.81 -3.61 24.01
N ASN A 217 -25.29 -2.88 22.99
CA ASN A 217 -25.14 -3.31 21.61
C ASN A 217 -23.67 -3.52 21.26
N THR A 218 -23.32 -4.74 20.89
CA THR A 218 -21.93 -5.15 20.72
C THR A 218 -21.55 -5.51 19.30
N ALA A 219 -22.35 -6.32 18.62
CA ALA A 219 -21.95 -6.79 17.30
C ALA A 219 -23.19 -7.19 16.50
N ILE A 220 -23.05 -7.14 15.18
CA ILE A 220 -24.10 -7.55 14.25
C ILE A 220 -23.54 -8.58 13.28
N LEU A 221 -24.41 -9.44 12.79
CA LEU A 221 -24.05 -10.41 11.75
C LEU A 221 -24.40 -9.78 10.41
N ALA A 222 -23.37 -9.43 9.64
CA ALA A 222 -23.58 -8.74 8.39
C ALA A 222 -22.57 -9.19 7.35
N PRO A 223 -23.02 -9.72 6.20
CA PRO A 223 -22.08 -10.18 5.18
C PRO A 223 -21.42 -9.03 4.42
N ASP A 224 -22.12 -7.91 4.30
CA ASP A 224 -21.58 -6.71 3.66
C ASP A 224 -21.20 -5.64 4.66
N GLY A 225 -21.44 -5.86 5.95
CA GLY A 225 -21.17 -4.88 6.97
C GLY A 225 -22.35 -4.00 7.34
N GLY A 226 -23.40 -3.97 6.54
CA GLY A 226 -24.59 -3.20 6.83
C GLY A 226 -25.64 -4.05 7.51
N ASN A 227 -26.46 -3.41 8.34
CA ASN A 227 -27.47 -4.12 9.12
C ASN A 227 -28.49 -4.80 8.21
N ILE A 228 -28.62 -6.13 8.38
CA ILE A 228 -29.59 -6.94 7.67
C ILE A 228 -30.62 -7.54 8.61
N GLY A 229 -30.71 -7.06 9.84
CA GLY A 229 -31.73 -7.47 10.77
C GLY A 229 -31.26 -8.35 11.92
N ILE A 230 -29.96 -8.52 12.10
CA ILE A 230 -29.43 -9.39 13.14
C ILE A 230 -28.44 -8.58 13.97
N GLY A 231 -28.82 -8.27 15.21
CA GLY A 231 -27.93 -7.61 16.13
C GLY A 231 -27.75 -8.35 17.44
N PHE A 232 -26.65 -8.09 18.13
CA PHE A 232 -26.33 -8.74 19.39
C PHE A 232 -25.92 -7.71 20.42
N ALA A 233 -26.47 -7.83 21.63
CA ALA A 233 -26.16 -6.95 22.74
C ALA A 233 -25.86 -7.77 23.99
N ILE A 234 -24.94 -7.28 24.79
CA ILE A 234 -24.58 -7.95 26.05
C ILE A 234 -25.68 -7.68 27.07
N PRO A 235 -26.22 -8.72 27.71
CA PRO A 235 -27.30 -8.49 28.69
C PRO A 235 -26.88 -7.54 29.79
N SER A 236 -27.87 -6.85 30.36
CA SER A 236 -27.58 -5.85 31.38
C SER A 236 -26.91 -6.48 32.59
N ASN A 237 -27.44 -7.62 33.06
CA ASN A 237 -26.87 -8.27 34.24
C ASN A 237 -25.37 -8.50 34.08
N MET A 238 -24.95 -8.97 32.90
CA MET A 238 -23.53 -9.19 32.67
C MET A 238 -22.76 -7.87 32.69
N VAL A 239 -23.35 -6.81 32.14
CA VAL A 239 -22.71 -5.49 32.23
C VAL A 239 -22.71 -5.01 33.66
N LYS A 240 -23.75 -5.34 34.43
CA LYS A 240 -23.82 -4.96 35.84
C LYS A 240 -22.68 -5.58 36.63
N ASN A 241 -22.45 -6.88 36.45
CA ASN A 241 -21.41 -7.56 37.22
C ASN A 241 -20.01 -7.21 36.71
N LEU A 242 -19.87 -6.90 35.42
CA LEU A 242 -18.55 -6.60 34.87
C LEU A 242 -18.13 -5.17 35.19
N THR A 243 -19.06 -4.22 35.15
CA THR A 243 -18.69 -2.83 35.38
C THR A 243 -18.42 -2.58 36.86
N SER A 244 -19.16 -3.26 37.75
CA SER A 244 -18.99 -3.03 39.18
C SER A 244 -17.59 -3.41 39.64
N GLN A 245 -17.02 -4.46 39.06
CA GLN A 245 -15.63 -4.81 39.38
C GLN A 245 -14.68 -3.71 38.93
N MET A 246 -14.88 -3.18 37.72
CA MET A 246 -14.00 -2.14 37.20
C MET A 246 -14.05 -0.87 38.02
N VAL A 247 -15.15 -0.63 38.74
CA VAL A 247 -15.25 0.55 39.59
C VAL A 247 -14.34 0.40 40.81
N GLU A 248 -14.41 -0.76 41.47
CA GLU A 248 -13.67 -0.96 42.72
C GLU A 248 -12.29 -1.58 42.51
N TYR A 249 -12.11 -2.40 41.48
CA TYR A 249 -10.86 -3.12 41.28
C TYR A 249 -10.08 -2.63 40.07
N GLY A 250 -10.69 -1.84 39.19
CA GLY A 250 -10.06 -1.42 37.96
C GLY A 250 -9.85 -2.52 36.93
N GLN A 251 -10.31 -3.73 37.22
CA GLN A 251 -10.11 -4.89 36.36
C GLN A 251 -11.15 -5.93 36.74
N VAL A 252 -11.06 -7.09 36.10
CA VAL A 252 -11.96 -8.21 36.38
C VAL A 252 -11.12 -9.38 36.90
N LYS A 253 -11.26 -9.69 38.19
CA LYS A 253 -10.66 -10.88 38.76
C LYS A 253 -11.53 -12.08 38.41
N ARG A 254 -11.01 -12.95 37.55
CA ARG A 254 -11.76 -14.08 37.02
C ARG A 254 -11.61 -15.26 37.97
N GLY A 255 -12.74 -15.78 38.43
CA GLY A 255 -12.78 -16.86 39.39
C GLY A 255 -13.39 -18.10 38.77
N GLU A 256 -12.70 -19.22 38.94
CA GLU A 256 -13.04 -20.47 38.30
C GLU A 256 -13.73 -21.40 39.30
N LEU A 257 -14.70 -22.16 38.79
CA LEU A 257 -15.49 -23.07 39.61
C LEU A 257 -14.88 -24.47 39.67
N GLY A 258 -14.36 -24.97 38.56
CA GLY A 258 -13.61 -26.22 38.58
C GLY A 258 -14.29 -27.42 37.98
N ILE A 259 -15.20 -27.23 37.03
CA ILE A 259 -15.86 -28.32 36.33
C ILE A 259 -15.69 -28.14 34.83
N MET A 260 -15.40 -29.25 34.15
CA MET A 260 -15.44 -29.32 32.70
C MET A 260 -16.83 -29.72 32.23
N GLY A 261 -17.14 -29.37 31.00
CA GLY A 261 -18.45 -29.72 30.47
C GLY A 261 -18.56 -29.38 29.00
N THR A 262 -19.63 -29.90 28.40
CA THR A 262 -19.96 -29.63 27.02
C THR A 262 -21.46 -29.47 26.88
N GLU A 263 -21.87 -28.92 25.73
CA GLU A 263 -23.29 -28.66 25.47
C GLU A 263 -24.10 -29.95 25.58
N LEU A 264 -25.19 -29.88 26.33
CA LEU A 264 -26.11 -31.02 26.45
C LEU A 264 -27.14 -30.92 25.33
N ASN A 265 -27.00 -31.77 24.31
CA ASN A 265 -27.90 -31.76 23.18
C ASN A 265 -28.94 -32.88 23.32
N SER A 266 -29.77 -33.07 22.29
CA SER A 266 -30.82 -34.08 22.34
C SER A 266 -30.25 -35.49 22.19
N GLU A 267 -29.23 -35.65 21.35
CA GLU A 267 -28.58 -36.94 21.23
C GLU A 267 -28.01 -37.40 22.57
N LEU A 268 -27.29 -36.49 23.25
CA LEU A 268 -26.68 -36.83 24.54
C LEU A 268 -27.74 -37.05 25.62
N ALA A 269 -28.81 -36.24 25.60
CA ALA A 269 -29.86 -36.38 26.61
C ALA A 269 -30.55 -37.73 26.51
N LYS A 270 -30.58 -38.33 25.31
CA LYS A 270 -31.09 -39.68 25.16
C LYS A 270 -30.23 -40.68 25.92
N ALA A 271 -28.90 -40.57 25.78
CA ALA A 271 -28.02 -41.61 26.27
C ALA A 271 -28.01 -41.68 27.78
N MET A 272 -28.26 -40.56 28.46
CA MET A 272 -28.11 -40.49 29.91
C MET A 272 -29.44 -40.46 30.64
N LYS A 273 -30.54 -40.80 29.96
CA LYS A 273 -31.87 -40.84 30.58
C LYS A 273 -32.20 -39.52 31.27
N VAL A 274 -32.12 -38.45 30.50
CA VAL A 274 -32.30 -37.10 30.99
C VAL A 274 -33.58 -36.53 30.39
N ASP A 275 -34.33 -35.77 31.21
CA ASP A 275 -35.56 -35.15 30.74
C ASP A 275 -35.28 -33.92 29.88
N ALA A 276 -34.77 -32.85 30.49
CA ALA A 276 -34.53 -31.61 29.76
C ALA A 276 -33.47 -31.83 28.68
N GLN A 277 -33.84 -31.51 27.44
CA GLN A 277 -32.91 -31.63 26.32
C GLN A 277 -31.90 -30.50 26.25
N ARG A 278 -31.98 -29.52 27.16
CA ARG A 278 -31.10 -28.37 27.12
C ARG A 278 -30.52 -28.12 28.51
N GLY A 279 -29.27 -27.69 28.54
CA GLY A 279 -28.57 -27.42 29.77
C GLY A 279 -27.08 -27.61 29.60
N ALA A 280 -26.40 -27.73 30.73
CA ALA A 280 -24.96 -27.90 30.80
C ALA A 280 -24.63 -29.28 31.33
N PHE A 281 -23.83 -30.03 30.59
CA PHE A 281 -23.47 -31.40 30.97
C PHE A 281 -22.06 -31.40 31.56
N VAL A 282 -21.93 -31.95 32.77
CA VAL A 282 -20.66 -31.94 33.49
C VAL A 282 -19.80 -33.10 33.01
N SER A 283 -18.66 -32.79 32.42
CA SER A 283 -17.74 -33.82 31.96
C SER A 283 -16.91 -34.39 33.11
N GLN A 284 -16.37 -33.51 33.95
CA GLN A 284 -15.49 -33.93 35.03
C GLN A 284 -15.34 -32.78 36.00
N VAL A 285 -15.13 -33.11 37.28
CA VAL A 285 -14.86 -32.13 38.33
C VAL A 285 -13.41 -32.30 38.75
N LEU A 286 -12.71 -31.18 38.90
CA LEU A 286 -11.32 -31.27 39.29
C LEU A 286 -11.19 -31.39 40.80
N PRO A 287 -10.20 -32.13 41.28
CA PRO A 287 -9.96 -32.18 42.73
C PRO A 287 -9.50 -30.84 43.25
N ASN A 288 -9.79 -30.60 44.52
CA ASN A 288 -9.53 -29.34 45.25
C ASN A 288 -10.37 -28.19 44.75
N SER A 289 -11.20 -28.39 43.74
CA SER A 289 -12.12 -27.35 43.29
C SER A 289 -13.27 -27.22 44.27
N SER A 290 -13.78 -25.99 44.39
CA SER A 290 -14.96 -25.76 45.22
C SER A 290 -16.11 -26.67 44.82
N ALA A 291 -16.16 -27.05 43.55
CA ALA A 291 -17.19 -28.00 43.10
C ALA A 291 -16.92 -29.40 43.66
N ALA A 292 -15.65 -29.83 43.62
CA ALA A 292 -15.30 -31.10 44.23
C ALA A 292 -15.58 -31.09 45.74
N LYS A 293 -15.32 -29.95 46.39
CA LYS A 293 -15.68 -29.80 47.79
C LYS A 293 -17.19 -29.92 47.96
N ALA A 294 -17.96 -29.24 47.11
CA ALA A 294 -19.41 -29.19 47.25
C ALA A 294 -20.07 -30.53 46.94
N GLY A 295 -19.38 -31.44 46.26
CA GLY A 295 -19.95 -32.71 45.91
C GLY A 295 -20.53 -32.79 44.50
N ILE A 296 -20.06 -31.97 43.58
CA ILE A 296 -20.45 -32.11 42.19
C ILE A 296 -19.67 -33.27 41.59
N LYS A 297 -20.37 -34.15 40.88
CA LYS A 297 -19.74 -35.28 40.22
C LYS A 297 -20.05 -35.24 38.73
N ALA A 298 -19.19 -35.87 37.95
CA ALA A 298 -19.36 -35.90 36.51
C ALA A 298 -20.65 -36.61 36.13
N GLY A 299 -21.15 -36.31 34.93
CA GLY A 299 -22.41 -36.82 34.46
C GLY A 299 -23.62 -36.03 34.89
N ASP A 300 -23.50 -35.22 35.93
CA ASP A 300 -24.59 -34.36 36.34
C ASP A 300 -24.89 -33.33 35.25
N VAL A 301 -26.08 -32.75 35.32
CA VAL A 301 -26.54 -31.75 34.38
C VAL A 301 -26.96 -30.50 35.14
N ILE A 302 -26.40 -29.36 34.74
CA ILE A 302 -26.80 -28.07 35.29
C ILE A 302 -27.92 -27.52 34.42
N THR A 303 -28.99 -27.04 35.08
CA THR A 303 -30.12 -26.45 34.38
C THR A 303 -30.46 -25.04 34.84
N SER A 304 -30.06 -24.65 36.06
CA SER A 304 -30.41 -23.35 36.59
C SER A 304 -29.23 -22.77 37.36
N LEU A 305 -29.15 -21.44 37.38
CA LEU A 305 -28.10 -20.71 38.08
C LEU A 305 -28.75 -19.65 38.94
N ASN A 306 -28.74 -19.85 40.26
CA ASN A 306 -29.41 -18.96 41.21
C ASN A 306 -30.92 -18.93 40.98
N GLY A 307 -31.49 -20.09 40.63
CA GLY A 307 -32.90 -20.22 40.35
C GLY A 307 -33.29 -19.93 38.91
N LYS A 308 -32.58 -19.02 38.25
CA LYS A 308 -32.86 -18.71 36.86
C LYS A 308 -32.36 -19.84 35.96
N PRO A 309 -33.20 -20.37 35.08
CA PRO A 309 -32.79 -21.51 34.25
C PRO A 309 -31.65 -21.14 33.33
N ILE A 310 -30.95 -22.16 32.86
CA ILE A 310 -29.80 -22.00 31.98
C ILE A 310 -30.27 -22.18 30.54
N SER A 311 -29.83 -21.30 29.65
CA SER A 311 -30.22 -21.41 28.24
C SER A 311 -29.31 -22.37 27.49
N SER A 312 -28.02 -22.38 27.82
CA SER A 312 -27.05 -23.29 27.22
C SER A 312 -25.82 -23.31 28.12
N PHE A 313 -24.85 -24.13 27.76
CA PHE A 313 -23.59 -24.14 28.50
C PHE A 313 -22.84 -22.83 28.30
N ALA A 314 -22.58 -22.46 27.04
CA ALA A 314 -21.88 -21.23 26.74
C ALA A 314 -22.56 -20.02 27.37
N ALA A 315 -23.86 -20.12 27.64
CA ALA A 315 -24.53 -19.13 28.46
C ALA A 315 -23.99 -19.18 29.89
N LEU A 316 -24.10 -20.34 30.54
CA LEU A 316 -23.61 -20.48 31.91
C LEU A 316 -22.13 -20.11 32.02
N ARG A 317 -21.32 -20.55 31.05
CA ARG A 317 -19.90 -20.17 31.04
C ARG A 317 -19.75 -18.66 31.06
N ALA A 318 -20.63 -17.96 30.36
CA ALA A 318 -20.54 -16.51 30.26
C ALA A 318 -21.08 -15.80 31.49
N GLN A 319 -22.09 -16.38 32.16
CA GLN A 319 -22.64 -15.76 33.36
C GLN A 319 -21.58 -15.66 34.45
N VAL A 320 -21.04 -16.82 34.87
CA VAL A 320 -20.06 -16.83 35.95
C VAL A 320 -18.74 -16.22 35.50
N GLY A 321 -18.52 -16.07 34.20
CA GLY A 321 -17.34 -15.37 33.71
C GLY A 321 -17.32 -13.90 34.09
N THR A 322 -18.42 -13.37 34.61
CA THR A 322 -18.52 -11.98 35.01
C THR A 322 -18.54 -11.80 36.52
N MET A 323 -18.31 -12.87 37.30
CA MET A 323 -18.37 -12.66 38.73
C MET A 323 -16.99 -12.77 39.36
N PRO A 324 -16.69 -11.92 40.34
CA PRO A 324 -15.32 -11.85 40.87
C PRO A 324 -14.95 -13.10 41.66
N VAL A 325 -13.65 -13.22 41.92
CA VAL A 325 -13.15 -14.33 42.72
C VAL A 325 -13.79 -14.29 44.09
N GLY A 326 -14.17 -15.47 44.59
CA GLY A 326 -14.76 -15.56 45.89
C GLY A 326 -16.25 -15.30 45.95
N SER A 327 -16.88 -15.02 44.81
CA SER A 327 -18.32 -14.83 44.78
C SER A 327 -19.03 -16.09 45.25
N LYS A 328 -20.21 -15.89 45.84
CA LYS A 328 -21.01 -16.98 46.40
C LYS A 328 -22.28 -17.09 45.58
N LEU A 329 -22.39 -18.16 44.80
CA LEU A 329 -23.54 -18.41 43.93
C LEU A 329 -24.10 -19.79 44.23
N THR A 330 -25.23 -20.11 43.61
CA THR A 330 -25.91 -21.39 43.80
C THR A 330 -26.26 -22.00 42.45
N LEU A 331 -26.32 -23.32 42.41
CA LEU A 331 -26.56 -24.07 41.18
C LEU A 331 -27.75 -24.99 41.32
N GLY A 332 -28.42 -25.25 40.20
CA GLY A 332 -29.45 -26.26 40.13
C GLY A 332 -29.00 -27.43 39.28
N LEU A 333 -28.77 -28.58 39.90
CA LEU A 333 -28.17 -29.71 39.22
C LEU A 333 -29.21 -30.77 38.89
N LEU A 334 -28.78 -31.76 38.12
CA LEU A 334 -29.69 -32.80 37.63
C LEU A 334 -28.87 -34.07 37.44
N ARG A 335 -29.06 -35.04 38.32
CA ARG A 335 -28.38 -36.32 38.25
C ARG A 335 -29.39 -37.44 38.47
N ASP A 336 -29.53 -38.31 37.48
CA ASP A 336 -30.32 -39.55 37.61
C ASP A 336 -31.78 -39.26 37.97
N GLY A 337 -32.38 -38.31 37.25
CA GLY A 337 -33.74 -37.91 37.54
C GLY A 337 -33.97 -37.44 38.97
N LYS A 338 -32.94 -36.88 39.61
CA LYS A 338 -33.04 -36.40 40.97
C LYS A 338 -32.50 -34.98 41.05
N GLN A 339 -33.27 -34.09 41.68
CA GLN A 339 -32.97 -32.67 41.72
C GLN A 339 -31.98 -32.35 42.84
N VAL A 340 -30.91 -31.64 42.52
CA VAL A 340 -29.86 -31.30 43.47
C VAL A 340 -29.59 -29.81 43.40
N ASN A 341 -29.59 -29.15 44.55
CA ASN A 341 -29.23 -27.74 44.66
C ASN A 341 -27.96 -27.62 45.49
N VAL A 342 -27.10 -26.67 45.14
CA VAL A 342 -25.81 -26.53 45.79
C VAL A 342 -25.40 -25.06 45.76
N ASN A 343 -24.71 -24.64 46.81
CA ASN A 343 -24.04 -23.34 46.85
C ASN A 343 -22.55 -23.54 46.62
N LEU A 344 -21.88 -22.50 46.12
CA LEU A 344 -20.51 -22.67 45.67
C LEU A 344 -19.71 -21.40 45.96
N GLU A 345 -18.45 -21.41 45.55
CA GLU A 345 -17.52 -20.34 45.88
C GLU A 345 -16.45 -20.30 44.80
N LEU A 346 -16.46 -19.27 43.97
CA LEU A 346 -15.40 -19.12 42.98
C LEU A 346 -14.05 -18.98 43.66
N GLN A 347 -13.06 -19.69 43.14
CA GLN A 347 -11.66 -19.55 43.52
C GLN A 347 -10.88 -19.15 42.27
N GLN A 348 -9.56 -19.06 42.39
CA GLN A 348 -8.76 -18.68 41.22
C GLN A 348 -7.82 -19.81 40.81
N SER A 349 -6.97 -19.54 39.82
CA SER A 349 -6.01 -20.52 39.29
C SER A 349 -4.94 -20.92 40.30
N PHE A 360 5.63 -12.11 49.93
CA PHE A 360 5.75 -12.43 48.52
C PHE A 360 5.58 -11.18 47.65
N ASN A 361 6.25 -11.18 46.49
CA ASN A 361 6.20 -10.05 45.57
C ASN A 361 6.79 -10.46 44.23
N GLY A 362 6.07 -10.15 43.16
CA GLY A 362 6.49 -10.44 41.80
C GLY A 362 6.78 -9.16 41.06
N ILE A 363 7.97 -9.09 40.47
CA ILE A 363 8.46 -7.90 39.79
C ILE A 363 8.92 -8.31 38.40
N GLU A 364 8.14 -7.96 37.39
CA GLU A 364 8.44 -8.16 35.97
C GLU A 364 8.37 -9.63 35.56
N GLY A 365 7.14 -10.13 35.34
CA GLY A 365 6.93 -11.43 34.73
C GLY A 365 7.30 -12.64 35.57
N ALA A 366 7.76 -12.44 36.80
CA ALA A 366 8.15 -13.55 37.68
C ALA A 366 7.80 -13.22 39.12
N GLU A 367 7.34 -14.24 39.84
CA GLU A 367 6.90 -14.10 41.22
C GLU A 367 8.01 -14.57 42.15
N MET A 368 8.35 -13.74 43.14
CA MET A 368 9.51 -14.00 43.97
C MET A 368 9.15 -13.78 45.44
N SER A 369 10.15 -14.04 46.29
CA SER A 369 10.06 -13.81 47.73
C SER A 369 11.50 -13.72 48.25
N ASN A 370 11.64 -13.60 49.57
CA ASN A 370 12.95 -13.56 50.18
C ASN A 370 13.40 -14.97 50.59
N LYS A 371 14.70 -15.11 50.81
CA LYS A 371 15.31 -16.37 51.22
C LYS A 371 15.98 -16.19 52.57
N GLY A 372 15.60 -17.03 53.53
CA GLY A 372 16.24 -17.04 54.85
C GLY A 372 16.25 -15.67 55.50
N LYS A 373 17.37 -15.35 56.13
CA LYS A 373 17.56 -14.06 56.78
C LYS A 373 18.57 -13.28 55.95
N ASP A 374 18.08 -12.60 54.92
CA ASP A 374 18.89 -11.75 54.04
C ASP A 374 19.90 -12.57 53.24
N GLN A 375 19.50 -13.78 52.83
CA GLN A 375 20.33 -14.64 52.00
C GLN A 375 20.07 -14.46 50.51
N GLY A 376 19.41 -13.38 50.13
CA GLY A 376 19.08 -13.10 48.74
C GLY A 376 17.59 -13.28 48.46
N VAL A 377 17.24 -13.04 47.21
CA VAL A 377 15.87 -13.16 46.74
C VAL A 377 15.76 -14.46 45.94
N VAL A 378 15.08 -15.45 46.51
CA VAL A 378 14.88 -16.74 45.86
C VAL A 378 13.66 -16.66 44.96
N VAL A 379 13.79 -17.21 43.76
CA VAL A 379 12.68 -17.27 42.82
C VAL A 379 11.83 -18.49 43.14
N ASN A 380 10.51 -18.33 43.10
CA ASN A 380 9.59 -19.43 43.36
C ASN A 380 9.13 -20.09 42.06
N ASN A 381 8.45 -19.34 41.20
CA ASN A 381 7.96 -19.88 39.95
C ASN A 381 8.06 -18.82 38.86
N VAL A 382 8.46 -19.26 37.67
CA VAL A 382 8.50 -18.42 36.48
C VAL A 382 7.64 -19.08 35.41
N LYS A 383 7.13 -18.25 34.50
CA LYS A 383 6.39 -18.75 33.35
C LYS A 383 7.28 -18.76 32.13
N THR A 384 7.06 -19.74 31.25
CA THR A 384 7.92 -19.95 30.09
C THR A 384 7.66 -18.90 29.01
N GLY A 385 6.40 -18.61 28.73
CA GLY A 385 6.04 -17.53 27.84
C GLY A 385 6.12 -16.15 28.46
N THR A 386 6.59 -16.05 29.69
CA THR A 386 6.68 -14.78 30.37
C THR A 386 7.99 -14.07 30.01
N PRO A 387 8.03 -12.73 30.17
CA PRO A 387 9.29 -12.01 29.89
C PRO A 387 10.45 -12.40 30.78
N ALA A 388 10.19 -13.09 31.90
CA ALA A 388 11.26 -13.48 32.80
C ALA A 388 12.08 -14.62 32.22
N ALA A 389 11.41 -15.65 31.69
CA ALA A 389 12.14 -16.76 31.10
C ALA A 389 12.90 -16.34 29.84
N GLN A 390 12.44 -15.29 29.16
CA GLN A 390 13.14 -14.78 27.99
C GLN A 390 14.49 -14.16 28.34
N ILE A 391 14.71 -13.83 29.61
CA ILE A 391 16.01 -13.36 30.07
C ILE A 391 16.81 -14.44 30.78
N GLY A 392 16.20 -15.56 31.13
CA GLY A 392 16.95 -16.66 31.70
C GLY A 392 16.66 -16.94 33.15
N LEU A 393 15.46 -16.59 33.61
CA LEU A 393 15.06 -16.83 34.99
C LEU A 393 14.37 -18.18 35.10
N LYS A 394 14.88 -19.01 36.00
CA LYS A 394 14.36 -20.34 36.28
C LYS A 394 13.96 -20.43 37.75
N LYS A 395 13.22 -21.49 38.09
CA LYS A 395 12.75 -21.69 39.46
C LYS A 395 13.89 -22.18 40.35
N GLY A 396 14.27 -21.38 41.34
CA GLY A 396 15.32 -21.76 42.28
C GLY A 396 16.50 -20.82 42.36
N ASP A 397 16.58 -19.79 41.52
CA ASP A 397 17.72 -18.88 41.55
C ASP A 397 17.66 -18.00 42.81
N VAL A 398 18.81 -17.44 43.18
CA VAL A 398 18.94 -16.61 44.37
C VAL A 398 19.73 -15.37 43.99
N ILE A 399 19.07 -14.21 43.98
CA ILE A 399 19.72 -12.95 43.61
C ILE A 399 20.57 -12.48 44.79
N ILE A 400 21.90 -12.45 44.61
CA ILE A 400 22.76 -11.89 45.63
C ILE A 400 22.74 -10.36 45.57
N GLY A 401 22.69 -9.80 44.37
CA GLY A 401 22.72 -8.35 44.23
C GLY A 401 22.30 -7.94 42.84
N ALA A 402 22.43 -6.64 42.57
CA ALA A 402 22.07 -6.09 41.26
C ALA A 402 22.67 -4.70 41.08
N ASN A 403 23.46 -4.53 40.00
CA ASN A 403 24.01 -3.22 39.63
C ASN A 403 24.92 -2.66 40.73
N GLN A 404 25.87 -3.49 41.15
CA GLN A 404 26.86 -3.11 42.18
C GLN A 404 26.19 -2.63 43.46
N GLN A 405 24.99 -3.14 43.73
CA GLN A 405 24.25 -2.83 44.95
C GLN A 405 23.67 -4.14 45.48
N ALA A 406 24.05 -4.48 46.71
CA ALA A 406 23.66 -5.76 47.29
C ALA A 406 22.14 -5.86 47.39
N VAL A 407 21.64 -7.10 47.40
CA VAL A 407 20.22 -7.40 47.50
C VAL A 407 20.05 -8.43 48.61
N LYS A 408 19.57 -7.99 49.78
CA LYS A 408 19.28 -8.91 50.87
C LYS A 408 17.83 -9.38 50.84
N ASN A 409 16.91 -8.52 50.41
CA ASN A 409 15.50 -8.85 50.34
C ASN A 409 14.88 -8.09 49.16
N ILE A 410 13.58 -8.32 48.92
CA ILE A 410 12.88 -7.65 47.83
C ILE A 410 12.87 -6.14 48.02
N ALA A 411 13.03 -5.66 49.26
CA ALA A 411 13.07 -4.21 49.48
C ALA A 411 14.28 -3.58 48.80
N GLU A 412 15.47 -4.12 49.07
CA GLU A 412 16.68 -3.58 48.42
C GLU A 412 16.67 -3.81 46.92
N LEU A 413 15.99 -4.86 46.46
CA LEU A 413 15.81 -5.08 45.04
C LEU A 413 15.01 -3.93 44.41
N ARG A 414 13.84 -3.63 44.98
CA ARG A 414 13.03 -2.54 44.46
C ARG A 414 13.72 -1.18 44.62
N LYS A 415 14.60 -1.04 45.62
CA LYS A 415 15.28 0.24 45.79
C LYS A 415 16.32 0.46 44.69
N VAL A 416 16.88 -0.61 44.15
CA VAL A 416 17.66 -0.51 42.92
C VAL A 416 16.73 -0.37 41.71
N LEU A 417 15.50 -0.86 41.82
CA LEU A 417 14.51 -0.68 40.75
C LEU A 417 13.82 0.68 40.84
N ASP A 418 13.68 1.24 42.04
CA ASP A 418 13.19 2.61 42.17
C ASP A 418 14.15 3.60 41.53
N SER A 419 15.45 3.29 41.53
CA SER A 419 16.45 4.11 40.84
C SER A 419 16.28 4.10 39.33
N LYS A 420 15.47 3.18 38.81
CA LYS A 420 15.17 3.03 37.38
C LYS A 420 16.43 3.07 36.53
N PRO A 421 17.22 2.00 36.51
CA PRO A 421 18.36 1.96 35.60
C PRO A 421 17.93 1.55 34.20
N SER A 422 18.72 1.98 33.21
CA SER A 422 18.44 1.66 31.82
C SER A 422 18.48 0.15 31.59
N VAL A 423 19.61 -0.47 31.93
CA VAL A 423 19.78 -1.91 31.86
C VAL A 423 20.00 -2.44 33.27
N LEU A 424 19.29 -3.50 33.61
CA LEU A 424 19.38 -4.12 34.93
C LEU A 424 20.27 -5.34 34.85
N ALA A 425 21.25 -5.42 35.74
CA ALA A 425 22.18 -6.54 35.81
C ALA A 425 21.96 -7.27 37.12
N LEU A 426 21.47 -8.51 37.04
CA LEU A 426 21.14 -9.31 38.22
C LEU A 426 22.25 -10.32 38.49
N ASN A 427 22.88 -10.21 39.67
CA ASN A 427 23.96 -11.12 40.07
C ASN A 427 23.33 -12.30 40.82
N ILE A 428 22.74 -13.21 40.05
CA ILE A 428 22.05 -14.36 40.61
C ILE A 428 23.01 -15.55 40.73
N GLN A 429 22.61 -16.54 41.51
CA GLN A 429 23.42 -17.75 41.66
C GLN A 429 22.54 -18.99 41.49
N ARG A 430 22.97 -19.88 40.60
CA ARG A 430 22.33 -21.18 40.37
C ARG A 430 23.23 -22.27 40.92
N GLY A 431 22.82 -22.88 42.02
CA GLY A 431 23.62 -23.94 42.61
C GLY A 431 24.97 -23.42 43.06
N ASP A 432 26.04 -24.04 42.56
CA ASP A 432 27.39 -23.62 42.88
C ASP A 432 27.95 -22.59 41.90
N SER A 433 27.18 -22.20 40.89
CA SER A 433 27.59 -21.20 39.92
C SER A 433 27.01 -19.84 40.31
N THR A 434 27.81 -18.79 40.12
CA THR A 434 27.33 -17.42 40.19
C THR A 434 27.32 -16.86 38.77
N ILE A 435 26.13 -16.54 38.27
CA ILE A 435 25.98 -16.06 36.90
C ILE A 435 25.37 -14.66 36.92
N TYR A 436 25.17 -14.08 35.75
CA TYR A 436 24.54 -12.78 35.61
C TYR A 436 23.39 -12.88 34.61
N LEU A 437 22.44 -11.95 34.72
CA LEU A 437 21.36 -11.83 33.76
C LEU A 437 21.09 -10.35 33.54
N LEU A 438 20.47 -10.05 32.40
CA LEU A 438 20.26 -8.68 31.96
C LEU A 438 18.78 -8.43 31.71
N MET A 439 18.40 -7.15 31.72
CA MET A 439 17.00 -6.76 31.53
C MET A 439 16.92 -5.46 30.76
N GLN A 440 15.83 -5.32 30.00
CA GLN A 440 15.51 -4.10 29.24
C GLN A 440 16.69 -3.58 28.42
N GLN B 3 -59.55 -8.51 18.88
CA GLN B 3 -59.47 -7.49 17.85
C GLN B 3 -58.03 -7.01 17.68
N MET B 4 -57.46 -7.21 16.48
CA MET B 4 -56.04 -7.00 16.25
C MET B 4 -55.75 -5.55 15.89
N PRO B 5 -54.70 -4.98 16.46
CA PRO B 5 -54.16 -3.72 15.94
C PRO B 5 -53.60 -3.93 14.55
N SER B 6 -53.67 -2.89 13.72
CA SER B 6 -53.21 -2.99 12.34
C SER B 6 -53.08 -1.59 11.76
N LEU B 7 -52.43 -1.52 10.60
CA LEU B 7 -52.30 -0.28 9.84
C LEU B 7 -53.18 -0.23 8.60
N ALA B 8 -53.85 -1.34 8.26
CA ALA B 8 -54.71 -1.37 7.09
C ALA B 8 -55.76 -0.27 7.02
N PRO B 9 -56.47 0.11 8.13
CA PRO B 9 -57.46 1.19 8.02
C PRO B 9 -56.89 2.49 7.46
N MET B 10 -55.83 2.99 8.07
CA MET B 10 -55.19 4.20 7.57
C MET B 10 -54.68 4.01 6.15
N LEU B 11 -54.09 2.85 5.86
CA LEU B 11 -53.45 2.65 4.56
C LEU B 11 -54.47 2.48 3.45
N GLU B 12 -55.66 1.96 3.77
CA GLU B 12 -56.69 1.88 2.73
C GLU B 12 -57.12 3.26 2.24
N LYS B 13 -56.92 4.30 3.04
CA LYS B 13 -57.30 5.64 2.65
C LYS B 13 -56.13 6.43 2.06
N VAL B 14 -54.92 6.23 2.59
CA VAL B 14 -53.79 7.04 2.20
C VAL B 14 -53.10 6.51 0.95
N MET B 15 -53.09 5.18 0.76
CA MET B 15 -52.39 4.61 -0.38
C MET B 15 -52.83 5.13 -1.74
N PRO B 16 -54.11 5.42 -2.00
CA PRO B 16 -54.44 6.09 -3.27
C PRO B 16 -53.65 7.36 -3.49
N SER B 17 -53.41 8.12 -2.41
CA SER B 17 -52.72 9.40 -2.47
C SER B 17 -51.21 9.27 -2.70
N VAL B 18 -50.69 8.06 -2.91
CA VAL B 18 -49.29 7.86 -3.25
C VAL B 18 -49.22 7.18 -4.60
N VAL B 19 -48.31 7.65 -5.46
CA VAL B 19 -48.21 7.18 -6.83
C VAL B 19 -46.78 6.73 -7.09
N SER B 20 -46.61 6.01 -8.19
CA SER B 20 -45.30 5.69 -8.72
C SER B 20 -45.09 6.49 -10.00
N ILE B 21 -43.86 6.92 -10.25
CA ILE B 21 -43.53 7.75 -11.39
C ILE B 21 -42.52 7.00 -12.26
N ASN B 22 -42.78 6.98 -13.56
CA ASN B 22 -41.92 6.32 -14.55
C ASN B 22 -41.52 7.35 -15.60
N VAL B 23 -40.21 7.50 -15.81
CA VAL B 23 -39.69 8.63 -16.57
C VAL B 23 -38.62 8.14 -17.55
N GLU B 24 -38.79 8.48 -18.83
CA GLU B 24 -37.75 8.31 -19.83
C GLU B 24 -37.20 9.68 -20.23
N GLY B 25 -35.95 9.69 -20.69
CA GLY B 25 -35.31 10.94 -21.05
C GLY B 25 -34.03 10.73 -21.83
N SER B 26 -33.12 11.70 -21.75
CA SER B 26 -31.82 11.61 -22.41
C SER B 26 -30.95 12.78 -21.96
N THR B 27 -29.67 12.50 -21.70
CA THR B 27 -28.69 13.53 -21.40
C THR B 27 -27.26 12.98 -21.49
N GLN B 74 -27.33 9.61 -25.11
CA GLN B 74 -27.50 8.70 -23.98
C GLN B 74 -28.88 8.87 -23.35
N LYS B 75 -29.84 8.08 -23.81
CA LYS B 75 -31.20 8.10 -23.29
C LYS B 75 -31.34 7.15 -22.10
N PHE B 76 -32.21 7.51 -21.17
CA PHE B 76 -32.30 6.80 -19.90
C PHE B 76 -33.75 6.62 -19.47
N MET B 77 -33.96 5.63 -18.61
CA MET B 77 -35.22 5.41 -17.92
C MET B 77 -35.02 5.64 -16.43
N ALA B 78 -36.07 6.11 -15.76
CA ALA B 78 -35.98 6.40 -14.34
C ALA B 78 -37.32 6.10 -13.68
N LEU B 79 -37.27 5.60 -12.44
CA LEU B 79 -38.46 5.26 -11.68
C LEU B 79 -38.42 5.94 -10.32
N GLY B 80 -39.59 6.23 -9.79
CA GLY B 80 -39.69 6.92 -8.53
C GLY B 80 -41.09 6.87 -7.98
N SER B 81 -41.34 7.69 -6.95
CA SER B 81 -42.64 7.77 -6.30
C SER B 81 -43.00 9.22 -6.09
N GLY B 82 -44.27 9.45 -5.72
CA GLY B 82 -44.75 10.80 -5.50
C GLY B 82 -46.02 10.78 -4.68
N VAL B 83 -46.37 11.95 -4.15
CA VAL B 83 -47.53 12.11 -3.29
C VAL B 83 -48.42 13.19 -3.88
N ILE B 84 -49.72 12.91 -3.95
CA ILE B 84 -50.68 13.88 -4.46
C ILE B 84 -50.86 14.98 -3.42
N ILE B 85 -50.70 16.23 -3.84
CA ILE B 85 -50.86 17.37 -2.94
C ILE B 85 -52.28 17.92 -3.01
N ASP B 86 -52.83 18.09 -4.20
CA ASP B 86 -54.23 18.46 -4.37
C ASP B 86 -54.86 17.56 -5.42
N ALA B 87 -56.01 16.97 -5.08
CA ALA B 87 -56.69 16.08 -6.02
C ALA B 87 -57.37 16.88 -7.14
N ASP B 88 -57.94 18.04 -6.80
CA ASP B 88 -58.70 18.80 -7.79
C ASP B 88 -57.78 19.39 -8.86
N LYS B 89 -56.64 19.94 -8.45
CA LYS B 89 -55.66 20.43 -9.41
C LYS B 89 -54.79 19.33 -9.99
N GLY B 90 -54.63 18.22 -9.28
CA GLY B 90 -53.74 17.16 -9.74
C GLY B 90 -52.28 17.47 -9.55
N TYR B 91 -51.91 18.06 -8.41
CA TYR B 91 -50.54 18.44 -8.12
C TYR B 91 -49.85 17.26 -7.43
N VAL B 92 -48.74 16.81 -7.99
CA VAL B 92 -47.98 15.67 -7.48
C VAL B 92 -46.57 16.14 -7.17
N VAL B 93 -46.12 15.91 -5.93
CA VAL B 93 -44.78 16.29 -5.49
C VAL B 93 -43.87 15.07 -5.59
N THR B 94 -42.62 15.31 -5.99
CA THR B 94 -41.64 14.24 -6.11
C THR B 94 -40.25 14.84 -5.92
N ASN B 95 -39.24 13.98 -5.93
CA ASN B 95 -37.87 14.45 -5.88
C ASN B 95 -37.43 14.97 -7.24
N ASN B 96 -36.70 16.09 -7.23
CA ASN B 96 -36.15 16.60 -8.47
C ASN B 96 -35.25 15.58 -9.14
N HIS B 97 -34.51 14.80 -8.36
CA HIS B 97 -33.63 13.81 -8.99
C HIS B 97 -34.37 12.58 -9.54
N VAL B 98 -35.71 12.63 -9.59
CA VAL B 98 -36.54 11.60 -10.20
C VAL B 98 -37.04 12.19 -11.51
N VAL B 99 -37.21 13.51 -11.52
CA VAL B 99 -37.78 14.17 -12.68
C VAL B 99 -36.81 15.20 -13.26
N ASP B 100 -35.52 15.10 -12.93
CA ASP B 100 -34.53 15.97 -13.58
C ASP B 100 -34.20 15.43 -14.97
N ASN B 101 -33.93 16.36 -15.89
CA ASN B 101 -33.65 16.02 -17.29
C ASN B 101 -34.77 15.14 -17.85
N ALA B 102 -36.00 15.53 -17.55
CA ALA B 102 -37.18 14.72 -17.83
C ALA B 102 -37.79 15.13 -19.16
N THR B 103 -37.89 14.17 -20.08
CA THR B 103 -38.64 14.36 -21.31
C THR B 103 -40.08 13.89 -21.15
N VAL B 104 -40.27 12.64 -20.75
CA VAL B 104 -41.58 12.03 -20.62
C VAL B 104 -41.82 11.74 -19.13
N ILE B 105 -42.92 12.27 -18.61
CA ILE B 105 -43.33 12.06 -17.22
C ILE B 105 -44.68 11.38 -17.26
N LYS B 106 -44.70 10.07 -16.96
CA LYS B 106 -45.93 9.31 -16.87
C LYS B 106 -46.11 8.82 -15.44
N VAL B 107 -47.32 8.95 -14.91
CA VAL B 107 -47.65 8.60 -13.54
C VAL B 107 -48.57 7.38 -13.57
N GLN B 108 -48.41 6.50 -12.58
CA GLN B 108 -49.29 5.34 -12.43
C GLN B 108 -49.80 5.32 -11.00
N LEU B 109 -51.13 5.36 -10.85
CA LEU B 109 -51.77 5.47 -9.54
C LEU B 109 -51.73 4.14 -8.80
N SER B 110 -52.41 4.11 -7.65
CA SER B 110 -52.51 2.88 -6.89
C SER B 110 -53.31 1.83 -7.65
N ASP B 111 -54.36 2.26 -8.35
CA ASP B 111 -55.32 1.36 -9.00
C ASP B 111 -54.97 1.04 -10.45
N GLY B 112 -53.69 1.13 -10.82
CA GLY B 112 -53.27 0.78 -12.16
C GLY B 112 -53.55 1.82 -13.23
N ARG B 113 -54.37 2.82 -12.95
CA ARG B 113 -54.62 3.88 -13.91
C ARG B 113 -53.33 4.59 -14.27
N LYS B 114 -53.07 4.71 -15.57
CA LYS B 114 -51.93 5.47 -16.06
C LYS B 114 -52.35 6.89 -16.40
N PHE B 115 -51.48 7.85 -16.08
CA PHE B 115 -51.68 9.25 -16.40
C PHE B 115 -50.38 9.80 -16.98
N ASP B 116 -50.46 11.00 -17.53
CA ASP B 116 -49.29 11.75 -17.97
C ASP B 116 -49.17 13.01 -17.12
N ALA B 117 -47.95 13.53 -17.00
CA ALA B 117 -47.71 14.67 -16.13
C ALA B 117 -46.65 15.56 -16.76
N LYS B 118 -46.67 16.82 -16.36
CA LYS B 118 -45.75 17.82 -16.87
C LYS B 118 -45.12 18.56 -15.69
N MET B 119 -43.88 19.01 -15.89
CA MET B 119 -43.16 19.71 -14.84
C MET B 119 -43.85 21.03 -14.52
N VAL B 120 -43.79 21.42 -13.24
CA VAL B 120 -44.34 22.69 -12.80
C VAL B 120 -43.19 23.55 -12.25
N GLY B 121 -42.65 23.14 -11.10
CA GLY B 121 -41.47 23.78 -10.56
C GLY B 121 -40.47 22.74 -10.11
N LYS B 122 -39.22 23.15 -10.00
CA LYS B 122 -38.16 22.26 -9.54
C LYS B 122 -37.13 23.07 -8.78
N ASP B 123 -36.68 22.53 -7.65
CA ASP B 123 -35.78 23.24 -6.74
C ASP B 123 -34.65 22.30 -6.34
N PRO B 124 -33.67 22.08 -7.24
CA PRO B 124 -32.62 21.10 -6.94
C PRO B 124 -31.83 21.37 -5.68
N ARG B 125 -31.89 22.60 -5.14
CA ARG B 125 -31.22 22.88 -3.89
C ARG B 125 -31.82 22.07 -2.74
N SER B 126 -33.10 21.71 -2.84
CA SER B 126 -33.75 20.89 -1.83
C SER B 126 -34.23 19.56 -2.38
N ASP B 127 -33.95 19.26 -3.65
CA ASP B 127 -34.36 18.02 -4.30
C ASP B 127 -35.87 17.86 -4.34
N ILE B 128 -36.62 18.94 -4.19
CA ILE B 128 -38.07 18.92 -4.27
C ILE B 128 -38.49 19.49 -5.62
N ALA B 129 -39.09 18.65 -6.44
CA ALA B 129 -39.76 19.11 -7.65
C ALA B 129 -41.27 19.06 -7.45
N LEU B 130 -41.99 19.59 -8.42
CA LEU B 130 -43.44 19.50 -8.44
C LEU B 130 -43.89 19.27 -9.88
N ILE B 131 -44.72 18.25 -10.08
CA ILE B 131 -45.30 17.99 -11.38
C ILE B 131 -46.81 17.99 -11.22
N GLN B 132 -47.51 18.11 -12.35
CA GLN B 132 -48.96 18.09 -12.35
C GLN B 132 -49.44 17.01 -13.31
N ILE B 133 -50.28 16.12 -12.82
CA ILE B 133 -50.84 15.07 -13.65
C ILE B 133 -51.76 15.68 -14.69
N GLN B 134 -51.57 15.29 -15.95
CA GLN B 134 -52.44 15.74 -17.03
C GLN B 134 -53.75 14.97 -17.02
N ASN B 135 -54.86 15.70 -17.21
CA ASN B 135 -56.21 15.15 -17.21
C ASN B 135 -56.53 14.48 -15.87
N PRO B 136 -56.60 15.24 -14.78
CA PRO B 136 -56.90 14.64 -13.47
C PRO B 136 -58.37 14.26 -13.37
N LYS B 137 -58.65 12.97 -13.16
CA LYS B 137 -60.01 12.47 -13.01
C LYS B 137 -60.09 11.63 -11.73
N ASN B 138 -60.78 12.17 -10.72
CA ASN B 138 -61.10 11.45 -9.49
C ASN B 138 -59.83 10.95 -8.79
N LEU B 139 -59.14 11.90 -8.17
CA LEU B 139 -57.91 11.64 -7.41
C LEU B 139 -58.18 11.81 -5.92
N THR B 140 -57.14 11.58 -5.13
CA THR B 140 -57.19 11.76 -3.68
C THR B 140 -55.88 12.38 -3.22
N ALA B 141 -55.97 13.50 -2.53
CA ALA B 141 -54.81 14.20 -2.01
C ALA B 141 -54.57 13.84 -0.55
N ILE B 142 -53.32 13.95 -0.13
CA ILE B 142 -52.95 13.62 1.24
C ILE B 142 -53.07 14.87 2.09
N LYS B 143 -53.39 14.68 3.36
CA LYS B 143 -53.41 15.76 4.33
C LYS B 143 -52.03 15.85 4.96
N MET B 144 -51.52 17.08 5.09
CA MET B 144 -50.19 17.28 5.63
C MET B 144 -50.25 17.62 7.11
N ALA B 145 -49.25 17.17 7.86
CA ALA B 145 -49.11 17.43 9.28
C ALA B 145 -47.95 18.37 9.52
N ASP B 146 -47.79 18.77 10.78
CA ASP B 146 -46.76 19.71 11.18
C ASP B 146 -45.49 18.96 11.58
N SER B 147 -44.41 19.17 10.81
CA SER B 147 -43.15 18.50 11.11
C SER B 147 -42.43 19.09 12.31
N ASP B 148 -42.91 20.19 12.87
CA ASP B 148 -42.32 20.77 14.08
C ASP B 148 -42.90 20.18 15.37
N ALA B 149 -44.11 19.64 15.32
CA ALA B 149 -44.63 18.86 16.44
C ALA B 149 -44.05 17.44 16.47
N LEU B 150 -43.13 17.12 15.56
CA LEU B 150 -42.46 15.84 15.59
C LEU B 150 -41.63 15.69 16.86
N ARG B 151 -41.45 14.43 17.26
CA ARG B 151 -40.55 14.07 18.34
C ARG B 151 -39.80 12.82 17.93
N VAL B 152 -38.52 12.74 18.31
CA VAL B 152 -37.76 11.53 18.03
C VAL B 152 -38.43 10.35 18.73
N GLY B 153 -38.74 9.32 17.96
CA GLY B 153 -39.39 8.14 18.48
C GLY B 153 -40.85 8.00 18.09
N ASP B 154 -41.42 9.00 17.42
CA ASP B 154 -42.76 8.85 16.87
C ASP B 154 -42.74 7.79 15.77
N TYR B 155 -43.87 7.10 15.60
CA TYR B 155 -43.96 6.01 14.63
C TYR B 155 -44.22 6.55 13.24
N THR B 156 -43.57 5.95 12.24
CA THR B 156 -43.66 6.40 10.86
C THR B 156 -43.99 5.24 9.93
N VAL B 157 -44.53 5.59 8.77
CA VAL B 157 -44.92 4.64 7.73
C VAL B 157 -44.44 5.17 6.39
N ALA B 158 -43.66 4.37 5.68
CA ALA B 158 -43.11 4.75 4.39
C ALA B 158 -43.89 4.09 3.27
N ILE B 159 -44.18 4.85 2.22
CA ILE B 159 -44.89 4.36 1.05
C ILE B 159 -44.09 4.76 -0.19
N GLY B 160 -43.99 3.85 -1.15
CA GLY B 160 -43.24 4.14 -2.36
C GLY B 160 -43.26 2.96 -3.30
N ASN B 161 -42.44 3.07 -4.34
CA ASN B 161 -42.37 2.08 -5.42
C ASN B 161 -40.94 1.56 -5.51
N PRO B 162 -40.52 0.69 -4.60
CA PRO B 162 -39.15 0.18 -4.64
C PRO B 162 -38.95 -0.80 -5.78
N PHE B 163 -37.92 -0.54 -6.59
CA PHE B 163 -37.57 -1.41 -7.73
C PHE B 163 -38.75 -1.61 -8.67
N GLY B 164 -39.63 -0.63 -8.77
CA GLY B 164 -40.76 -0.71 -9.66
C GLY B 164 -41.75 -1.81 -9.35
N LEU B 165 -41.57 -2.47 -8.19
CA LEU B 165 -42.42 -3.59 -7.82
C LEU B 165 -43.87 -3.18 -7.61
N GLY B 166 -44.14 -1.89 -7.47
CA GLY B 166 -45.46 -1.42 -7.11
C GLY B 166 -45.47 -0.87 -5.70
N GLU B 167 -46.64 -0.39 -5.30
CA GLU B 167 -46.77 0.34 -4.05
C GLU B 167 -46.44 -0.55 -2.85
N THR B 168 -45.46 -0.11 -2.07
CA THR B 168 -44.94 -0.87 -0.93
C THR B 168 -44.99 -0.01 0.32
N VAL B 169 -45.61 -0.54 1.36
CA VAL B 169 -45.74 0.13 2.65
C VAL B 169 -44.83 -0.56 3.67
N THR B 170 -44.05 0.24 4.39
CA THR B 170 -43.15 -0.26 5.41
C THR B 170 -43.33 0.56 6.69
N SER B 171 -42.61 0.17 7.74
CA SER B 171 -42.84 0.76 9.05
C SER B 171 -41.51 1.06 9.74
N GLY B 172 -41.56 2.07 10.62
CA GLY B 172 -40.38 2.43 11.38
C GLY B 172 -40.71 3.49 12.42
N ILE B 173 -39.67 4.15 12.92
CA ILE B 173 -39.81 5.23 13.89
C ILE B 173 -38.89 6.38 13.49
N VAL B 174 -39.11 7.53 14.13
CA VAL B 174 -38.26 8.70 13.92
C VAL B 174 -36.94 8.45 14.65
N SER B 175 -35.88 8.19 13.89
CA SER B 175 -34.59 7.94 14.51
C SER B 175 -33.95 9.22 15.00
N ALA B 176 -34.05 10.30 14.23
CA ALA B 176 -33.44 11.57 14.58
C ALA B 176 -33.98 12.63 13.63
N LEU B 177 -33.68 13.88 13.94
CA LEU B 177 -34.19 15.03 13.20
C LEU B 177 -33.07 16.04 12.99
N GLY B 178 -33.32 16.97 12.08
CA GLY B 178 -32.35 18.01 11.79
C GLY B 178 -31.06 17.52 11.17
N ARG B 179 -31.06 16.34 10.56
CA ARG B 179 -29.83 15.79 10.00
C ARG B 179 -29.51 16.44 8.65
N SER B 180 -28.23 16.52 8.34
CA SER B 180 -27.75 17.19 7.13
C SER B 180 -26.28 16.85 6.93
N GLY B 181 -25.88 16.73 5.66
CA GLY B 181 -24.51 16.43 5.32
C GLY B 181 -24.33 15.73 3.99
N LEU B 182 -25.42 15.15 3.45
CA LEU B 182 -25.33 14.38 2.22
C LEU B 182 -24.93 15.25 1.02
N ASN B 183 -25.36 16.50 1.00
CA ASN B 183 -25.00 17.45 -0.05
C ASN B 183 -24.75 18.80 0.61
N ALA B 184 -23.48 19.22 0.62
CA ALA B 184 -23.08 20.33 1.48
C ALA B 184 -23.70 21.66 1.06
N GLU B 185 -23.89 21.89 -0.23
CA GLU B 185 -24.46 23.16 -0.68
C GLU B 185 -25.99 23.14 -0.73
N ASN B 186 -26.62 22.05 -0.30
CA ASN B 186 -28.07 21.93 -0.34
C ASN B 186 -28.70 22.34 0.99
N TYR B 187 -29.90 22.90 0.91
CA TYR B 187 -30.73 23.14 2.08
C TYR B 187 -31.34 21.81 2.50
N GLU B 188 -30.74 21.16 3.51
CA GLU B 188 -31.26 19.89 4.00
C GLU B 188 -31.47 19.95 5.50
N ASN B 189 -32.67 19.61 5.93
CA ASN B 189 -33.07 19.53 7.33
C ASN B 189 -33.79 18.21 7.56
N PHE B 190 -33.10 17.12 7.22
CA PHE B 190 -33.73 15.82 7.03
C PHE B 190 -34.45 15.33 8.28
N ILE B 191 -35.36 14.40 8.06
CA ILE B 191 -35.88 13.46 9.06
C ILE B 191 -35.24 12.12 8.80
N GLN B 192 -34.82 11.44 9.87
CA GLN B 192 -34.21 10.12 9.76
C GLN B 192 -35.18 9.07 10.27
N THR B 193 -35.28 7.96 9.55
CA THR B 193 -36.15 6.87 9.94
C THR B 193 -35.50 5.54 9.60
N ASP B 194 -35.85 4.52 10.37
CA ASP B 194 -35.45 3.14 10.11
C ASP B 194 -36.46 2.37 9.28
N ALA B 195 -37.56 3.00 8.89
CA ALA B 195 -38.47 2.39 7.93
C ALA B 195 -37.73 2.09 6.64
N ALA B 196 -37.98 0.92 6.08
CA ALA B 196 -37.27 0.49 4.89
C ALA B 196 -37.56 1.43 3.72
N ILE B 197 -36.49 1.89 3.07
CA ILE B 197 -36.57 2.83 1.96
C ILE B 197 -35.46 2.46 0.98
N ASN B 198 -35.82 2.25 -0.29
CA ASN B 198 -34.86 1.80 -1.29
C ASN B 198 -35.10 2.49 -2.62
N ARG B 199 -34.31 2.10 -3.63
CA ARG B 199 -34.31 2.76 -4.92
C ARG B 199 -35.70 2.74 -5.55
N GLY B 200 -36.26 3.93 -5.75
CA GLY B 200 -37.62 4.08 -6.21
C GLY B 200 -38.55 4.67 -5.16
N ASN B 201 -38.23 4.52 -3.87
CA ASN B 201 -38.98 5.18 -2.83
C ASN B 201 -38.89 6.70 -2.93
N ALA B 202 -37.88 7.21 -3.63
CA ALA B 202 -37.66 8.63 -3.76
C ALA B 202 -38.92 9.35 -4.21
N GLY B 203 -39.31 10.38 -3.47
CA GLY B 203 -40.56 11.05 -3.69
C GLY B 203 -41.75 10.43 -2.98
N GLY B 204 -41.59 9.23 -2.43
CA GLY B 204 -42.69 8.58 -1.73
C GLY B 204 -43.10 9.32 -0.47
N ALA B 205 -44.24 8.90 0.06
CA ALA B 205 -44.79 9.51 1.27
C ALA B 205 -44.14 8.92 2.52
N LEU B 206 -43.97 9.77 3.54
CA LEU B 206 -43.69 9.33 4.89
C LEU B 206 -44.73 9.97 5.78
N VAL B 207 -45.63 9.16 6.31
CA VAL B 207 -46.78 9.65 7.06
C VAL B 207 -46.72 9.10 8.49
N ASN B 208 -47.54 9.67 9.36
CA ASN B 208 -47.66 9.19 10.73
C ASN B 208 -48.83 8.20 10.81
N LEU B 209 -49.22 7.83 12.02
CA LEU B 209 -50.27 6.83 12.20
C LEU B 209 -51.61 7.33 11.67
N ASN B 210 -51.85 8.64 11.72
CA ASN B 210 -53.06 9.23 11.17
C ASN B 210 -52.96 9.48 9.67
N GLY B 211 -52.01 8.86 8.98
CA GLY B 211 -51.84 9.05 7.55
C GLY B 211 -51.50 10.44 7.08
N GLU B 212 -51.29 11.40 7.98
CA GLU B 212 -50.91 12.74 7.57
C GLU B 212 -49.44 12.77 7.15
N LEU B 213 -49.15 13.41 6.01
CA LEU B 213 -47.80 13.42 5.50
C LEU B 213 -46.89 14.21 6.42
N ILE B 214 -45.77 13.61 6.82
CA ILE B 214 -44.76 14.30 7.61
C ILE B 214 -43.45 14.44 6.88
N GLY B 215 -43.24 13.74 5.77
CA GLY B 215 -41.97 13.81 5.08
C GLY B 215 -42.06 13.21 3.69
N ILE B 216 -41.01 13.44 2.92
CA ILE B 216 -40.84 12.85 1.59
C ILE B 216 -39.55 12.05 1.60
N ASN B 217 -39.67 10.73 1.57
CA ASN B 217 -38.50 9.86 1.46
C ASN B 217 -37.65 10.28 0.27
N THR B 218 -36.37 10.54 0.52
CA THR B 218 -35.52 11.17 -0.48
C THR B 218 -34.22 10.40 -0.74
N ALA B 219 -33.51 10.05 0.33
CA ALA B 219 -32.25 9.33 0.19
C ALA B 219 -31.98 8.54 1.45
N ILE B 220 -31.03 7.61 1.32
CA ILE B 220 -30.64 6.69 2.38
C ILE B 220 -29.14 6.75 2.54
N LEU B 221 -28.62 5.90 3.43
CA LEU B 221 -27.18 5.73 3.63
C LEU B 221 -26.89 4.24 3.56
N ALA B 222 -26.19 3.83 2.50
CA ALA B 222 -26.00 2.40 2.24
C ALA B 222 -24.73 2.16 1.43
N PRO B 223 -23.80 1.35 1.93
CA PRO B 223 -22.56 1.10 1.19
C PRO B 223 -22.76 0.14 0.03
N ASP B 224 -24.02 -0.23 -0.22
CA ASP B 224 -24.27 -1.20 -1.29
C ASP B 224 -25.59 -0.97 -2.02
N GLY B 225 -26.30 0.13 -1.81
CA GLY B 225 -27.59 0.30 -2.44
C GLY B 225 -28.69 -0.51 -1.81
N GLY B 226 -28.56 -0.83 -0.52
CA GLY B 226 -29.58 -1.57 0.21
C GLY B 226 -29.82 -1.01 1.59
N ASN B 227 -31.10 -0.87 1.97
CA ASN B 227 -31.44 -0.17 3.20
C ASN B 227 -30.87 -0.89 4.43
N ILE B 228 -30.24 -0.13 5.32
CA ILE B 228 -29.67 -0.65 6.55
C ILE B 228 -30.29 0.10 7.73
N GLY B 229 -31.55 0.51 7.59
CA GLY B 229 -32.23 1.20 8.66
C GLY B 229 -31.97 2.69 8.74
N ILE B 230 -31.44 3.29 7.67
CA ILE B 230 -31.05 4.69 7.68
C ILE B 230 -31.63 5.32 6.41
N GLY B 231 -32.82 5.88 6.52
CA GLY B 231 -33.44 6.63 5.45
C GLY B 231 -33.65 8.08 5.86
N PHE B 232 -33.66 8.97 4.88
CA PHE B 232 -33.79 10.40 5.13
C PHE B 232 -34.96 10.97 4.33
N ALA B 233 -35.79 11.76 5.02
CA ALA B 233 -36.97 12.37 4.43
C ALA B 233 -36.94 13.88 4.66
N ILE B 234 -37.63 14.60 3.77
CA ILE B 234 -37.72 16.06 3.84
C ILE B 234 -38.93 16.44 4.66
N PRO B 235 -38.79 17.29 5.68
CA PRO B 235 -39.94 17.62 6.53
C PRO B 235 -41.08 18.19 5.71
N SER B 236 -42.29 18.09 6.27
CA SER B 236 -43.47 18.55 5.56
C SER B 236 -43.46 20.06 5.40
N ASN B 237 -43.12 20.78 6.48
CA ASN B 237 -43.14 22.24 6.45
C ASN B 237 -42.23 22.80 5.37
N MET B 238 -41.18 22.07 4.99
CA MET B 238 -40.31 22.48 3.89
C MET B 238 -40.86 22.12 2.52
N VAL B 239 -41.72 21.10 2.44
CA VAL B 239 -42.46 20.85 1.21
C VAL B 239 -43.70 21.74 1.16
N LYS B 240 -44.27 22.06 2.33
CA LYS B 240 -45.43 22.95 2.39
C LYS B 240 -45.07 24.34 1.88
N ASN B 241 -43.86 24.81 2.20
CA ASN B 241 -43.44 26.15 1.77
C ASN B 241 -43.04 26.16 0.30
N LEU B 242 -42.36 25.12 -0.17
CA LEU B 242 -41.84 25.12 -1.54
C LEU B 242 -42.92 24.88 -2.57
N THR B 243 -43.84 23.94 -2.30
CA THR B 243 -44.89 23.64 -3.28
C THR B 243 -45.86 24.80 -3.42
N SER B 244 -46.28 25.39 -2.30
CA SER B 244 -47.23 26.50 -2.35
C SER B 244 -46.65 27.70 -3.11
N GLN B 245 -45.32 27.82 -3.15
CA GLN B 245 -44.71 28.81 -4.05
C GLN B 245 -44.87 28.41 -5.51
N MET B 246 -44.59 27.13 -5.82
CA MET B 246 -44.63 26.69 -7.21
C MET B 246 -46.04 26.63 -7.78
N VAL B 247 -47.06 26.88 -6.95
CA VAL B 247 -48.43 26.99 -7.46
C VAL B 247 -48.74 28.41 -7.94
N GLU B 248 -48.02 29.42 -7.44
CA GLU B 248 -48.28 30.80 -7.80
C GLU B 248 -47.25 31.42 -8.73
N TYR B 249 -46.05 30.84 -8.83
CA TYR B 249 -45.00 31.42 -9.65
C TYR B 249 -44.20 30.44 -10.48
N GLY B 250 -44.33 29.12 -10.26
CA GLY B 250 -43.57 28.14 -11.01
C GLY B 250 -42.10 28.04 -10.65
N GLN B 251 -41.59 28.94 -9.81
CA GLN B 251 -40.21 28.89 -9.34
C GLN B 251 -40.18 29.37 -7.90
N VAL B 252 -39.02 29.29 -7.28
CA VAL B 252 -38.86 29.57 -5.86
C VAL B 252 -38.42 31.01 -5.69
N LYS B 253 -38.95 31.67 -4.65
CA LYS B 253 -38.61 33.05 -4.31
C LYS B 253 -37.62 32.98 -3.15
N ARG B 254 -36.33 32.98 -3.48
CA ARG B 254 -35.25 32.70 -2.53
C ARG B 254 -34.95 33.96 -1.72
N GLY B 255 -35.41 33.98 -0.46
CA GLY B 255 -35.10 35.08 0.42
C GLY B 255 -33.80 34.86 1.19
N GLU B 256 -33.21 35.97 1.63
CA GLU B 256 -31.94 35.92 2.35
C GLU B 256 -31.99 36.87 3.53
N LEU B 257 -30.95 36.77 4.36
CA LEU B 257 -30.67 37.77 5.38
C LEU B 257 -29.32 38.45 5.19
N GLY B 258 -28.38 37.80 4.53
CA GLY B 258 -27.06 38.37 4.31
C GLY B 258 -26.12 38.21 5.48
N ILE B 259 -25.97 36.99 5.98
CA ILE B 259 -25.01 36.69 7.06
C ILE B 259 -24.28 35.39 6.72
N MET B 260 -23.00 35.36 7.06
CA MET B 260 -22.16 34.18 6.95
C MET B 260 -22.08 33.48 8.30
N GLY B 261 -21.55 32.26 8.29
CA GLY B 261 -21.32 31.58 9.54
C GLY B 261 -21.05 30.10 9.35
N THR B 262 -20.78 29.44 10.47
CA THR B 262 -20.49 28.02 10.51
C THR B 262 -21.15 27.43 11.75
N GLU B 263 -21.00 26.11 11.92
CA GLU B 263 -21.64 25.43 13.03
C GLU B 263 -20.93 25.77 14.34
N LEU B 264 -21.72 25.86 15.41
CA LEU B 264 -21.16 26.06 16.74
C LEU B 264 -21.02 24.70 17.40
N ASN B 265 -19.79 24.17 17.42
CA ASN B 265 -19.50 22.95 18.15
C ASN B 265 -19.14 23.32 19.59
N SER B 266 -18.80 22.32 20.40
CA SER B 266 -18.36 22.60 21.76
C SER B 266 -17.00 23.30 21.77
N GLU B 267 -16.16 23.00 20.78
CA GLU B 267 -14.79 23.53 20.80
C GLU B 267 -14.77 25.01 20.44
N LEU B 268 -15.56 25.42 19.45
CA LEU B 268 -15.65 26.84 19.11
C LEU B 268 -16.33 27.61 20.23
N ALA B 269 -17.36 27.03 20.84
CA ALA B 269 -18.03 27.69 21.96
C ALA B 269 -17.08 27.93 23.12
N LYS B 270 -16.09 27.06 23.30
CA LYS B 270 -15.10 27.26 24.35
C LYS B 270 -14.20 28.44 24.03
N ALA B 271 -13.80 28.60 22.76
CA ALA B 271 -12.93 29.71 22.39
C ALA B 271 -13.63 31.05 22.56
N MET B 272 -14.93 31.11 22.27
CA MET B 272 -15.69 32.36 22.37
C MET B 272 -16.30 32.57 23.75
N LYS B 273 -16.03 31.70 24.71
CA LYS B 273 -16.58 31.80 26.06
C LYS B 273 -18.11 31.87 26.02
N VAL B 274 -18.72 30.85 25.42
CA VAL B 274 -20.15 30.83 25.19
C VAL B 274 -20.75 29.62 25.90
N ASP B 275 -21.89 29.81 26.55
CA ASP B 275 -22.49 28.69 27.27
C ASP B 275 -23.02 27.60 26.34
N ALA B 276 -24.02 27.91 25.50
CA ALA B 276 -24.66 26.87 24.69
C ALA B 276 -23.66 26.19 23.75
N GLN B 277 -23.63 24.83 23.71
CA GLN B 277 -22.57 24.17 22.96
C GLN B 277 -22.95 23.91 21.50
N ARG B 278 -24.19 24.19 21.08
CA ARG B 278 -24.51 24.06 19.66
C ARG B 278 -25.50 25.16 19.27
N GLY B 279 -25.46 25.50 18.01
CA GLY B 279 -26.21 26.60 17.45
C GLY B 279 -25.53 27.08 16.18
N ALA B 280 -25.89 28.29 15.78
CA ALA B 280 -25.38 28.89 14.56
C ALA B 280 -24.53 30.09 14.91
N PHE B 281 -23.27 30.07 14.49
CA PHE B 281 -22.33 31.16 14.73
C PHE B 281 -22.25 32.03 13.49
N VAL B 282 -22.15 33.35 13.69
CA VAL B 282 -22.14 34.32 12.60
C VAL B 282 -20.71 34.74 12.34
N SER B 283 -20.27 34.58 11.08
CA SER B 283 -18.95 35.06 10.69
C SER B 283 -18.98 36.56 10.39
N GLN B 284 -19.93 36.99 9.56
CA GLN B 284 -20.03 38.38 9.16
C GLN B 284 -21.41 38.64 8.59
N VAL B 285 -21.88 39.88 8.74
CA VAL B 285 -23.15 40.30 8.18
C VAL B 285 -22.86 41.17 6.96
N LEU B 286 -23.77 41.11 5.98
CA LEU B 286 -23.63 42.03 4.85
C LEU B 286 -24.16 43.40 5.24
N PRO B 287 -23.52 44.48 4.79
CA PRO B 287 -24.04 45.82 5.08
C PRO B 287 -25.36 46.06 4.37
N ASN B 288 -26.19 46.89 5.00
CA ASN B 288 -27.51 47.26 4.47
C ASN B 288 -28.41 46.03 4.33
N SER B 289 -28.20 45.02 5.16
CA SER B 289 -29.00 43.80 5.14
C SER B 289 -30.07 43.85 6.23
N SER B 290 -31.15 43.11 6.00
CA SER B 290 -32.20 42.99 7.01
C SER B 290 -31.63 42.52 8.33
N ALA B 291 -30.61 41.65 8.29
CA ALA B 291 -29.94 41.23 9.51
C ALA B 291 -29.18 42.39 10.14
N ALA B 292 -28.46 43.17 9.33
CA ALA B 292 -27.79 44.35 9.86
C ALA B 292 -28.80 45.34 10.42
N LYS B 293 -29.92 45.54 9.73
CA LYS B 293 -30.94 46.48 10.19
C LYS B 293 -31.65 45.99 11.45
N ALA B 294 -31.67 44.68 11.69
CA ALA B 294 -32.32 44.15 12.89
C ALA B 294 -31.47 44.29 14.14
N GLY B 295 -30.16 44.49 13.98
CA GLY B 295 -29.27 44.58 15.13
C GLY B 295 -28.49 43.31 15.36
N ILE B 296 -28.09 42.65 14.27
CA ILE B 296 -27.36 41.39 14.34
C ILE B 296 -25.90 41.67 14.02
N LYS B 297 -25.06 41.52 15.04
CA LYS B 297 -23.62 41.65 14.88
C LYS B 297 -22.99 40.28 14.80
N ALA B 298 -21.83 40.20 14.14
CA ALA B 298 -21.10 38.95 14.03
C ALA B 298 -20.59 38.48 15.39
N GLY B 299 -20.01 37.29 15.44
CA GLY B 299 -19.58 36.75 16.71
C GLY B 299 -20.72 36.37 17.63
N ASP B 300 -21.90 36.13 17.08
CA ASP B 300 -23.09 35.75 17.84
C ASP B 300 -23.41 34.28 17.63
N VAL B 301 -24.31 33.77 18.48
CA VAL B 301 -24.75 32.38 18.44
C VAL B 301 -26.27 32.37 18.38
N ILE B 302 -26.82 31.59 17.45
CA ILE B 302 -28.25 31.47 17.29
C ILE B 302 -28.73 30.26 18.07
N THR B 303 -29.83 30.42 18.80
CA THR B 303 -30.38 29.35 19.63
C THR B 303 -31.79 28.93 19.23
N SER B 304 -32.60 29.84 18.68
CA SER B 304 -33.99 29.54 18.40
C SER B 304 -34.47 30.32 17.18
N LEU B 305 -35.61 29.88 16.64
CA LEU B 305 -36.30 30.56 15.55
C LEU B 305 -37.79 30.38 15.76
N ASN B 306 -38.50 31.48 15.98
CA ASN B 306 -39.94 31.46 16.27
C ASN B 306 -40.26 30.57 17.47
N GLY B 307 -39.30 30.39 18.37
CA GLY B 307 -39.45 29.55 19.53
C GLY B 307 -38.83 28.17 19.39
N LYS B 308 -38.75 27.66 18.18
CA LYS B 308 -38.19 26.33 17.94
C LYS B 308 -36.67 26.37 18.10
N PRO B 309 -36.08 25.60 19.02
CA PRO B 309 -34.63 25.62 19.16
C PRO B 309 -33.96 25.22 17.85
N ILE B 310 -32.80 25.84 17.59
CA ILE B 310 -32.04 25.53 16.40
C ILE B 310 -31.12 24.35 16.71
N SER B 311 -31.09 23.37 15.80
CA SER B 311 -30.21 22.24 15.98
C SER B 311 -28.83 22.52 15.41
N SER B 312 -28.77 23.27 14.31
CA SER B 312 -27.52 23.54 13.62
C SER B 312 -27.71 24.77 12.75
N PHE B 313 -26.64 25.15 12.05
CA PHE B 313 -26.72 26.19 11.03
C PHE B 313 -27.25 25.64 9.72
N ALA B 314 -26.88 24.41 9.38
CA ALA B 314 -27.46 23.76 8.20
C ALA B 314 -28.96 23.56 8.38
N ALA B 315 -29.42 23.42 9.63
CA ALA B 315 -30.86 23.35 9.86
C ALA B 315 -31.51 24.71 9.66
N LEU B 316 -30.93 25.76 10.24
CA LEU B 316 -31.50 27.10 10.09
C LEU B 316 -31.44 27.56 8.64
N ARG B 317 -30.31 27.32 7.97
CA ARG B 317 -30.19 27.71 6.56
C ARG B 317 -31.26 27.03 5.71
N ALA B 318 -31.61 25.78 6.05
CA ALA B 318 -32.66 25.06 5.34
C ALA B 318 -34.04 25.45 5.83
N GLN B 319 -34.19 25.78 7.11
CA GLN B 319 -35.47 26.30 7.61
C GLN B 319 -35.90 27.54 6.84
N VAL B 320 -35.02 28.54 6.79
CA VAL B 320 -35.38 29.81 6.17
C VAL B 320 -35.13 29.80 4.67
N GLY B 321 -34.25 28.93 4.18
CA GLY B 321 -34.06 28.77 2.74
C GLY B 321 -35.31 28.34 2.01
N THR B 322 -36.34 27.89 2.74
CA THR B 322 -37.63 27.56 2.16
C THR B 322 -38.71 28.59 2.46
N MET B 323 -38.53 29.41 3.48
CA MET B 323 -39.58 30.37 3.86
C MET B 323 -39.81 31.39 2.75
N PRO B 324 -41.05 31.83 2.55
CA PRO B 324 -41.32 32.86 1.55
C PRO B 324 -40.65 34.17 1.93
N VAL B 325 -40.30 34.96 0.90
CA VAL B 325 -39.65 36.24 1.14
C VAL B 325 -40.59 37.16 1.92
N GLY B 326 -40.04 37.83 2.92
CA GLY B 326 -40.79 38.70 3.79
C GLY B 326 -41.44 38.04 4.98
N SER B 327 -41.18 36.75 5.20
CA SER B 327 -41.79 36.03 6.31
C SER B 327 -41.39 36.67 7.63
N LYS B 328 -42.39 37.14 8.38
CA LYS B 328 -42.16 37.86 9.63
C LYS B 328 -41.85 36.83 10.71
N LEU B 329 -40.57 36.74 11.07
CA LEU B 329 -40.07 35.71 11.98
C LEU B 329 -39.30 36.36 13.12
N THR B 330 -39.17 35.62 14.22
CA THR B 330 -38.38 36.04 15.36
C THR B 330 -37.19 35.11 15.55
N LEU B 331 -36.16 35.62 16.19
CA LEU B 331 -34.93 34.86 16.41
C LEU B 331 -34.47 35.01 17.85
N GLY B 332 -33.69 34.03 18.30
CA GLY B 332 -33.12 34.04 19.64
C GLY B 332 -31.61 34.08 19.62
N LEU B 333 -31.03 35.13 20.20
CA LEU B 333 -29.59 35.36 20.15
C LEU B 333 -28.99 35.21 21.55
N LEU B 334 -27.83 34.56 21.61
CA LEU B 334 -27.06 34.41 22.84
C LEU B 334 -25.74 35.15 22.66
N ARG B 335 -25.64 36.35 23.24
CA ARG B 335 -24.45 37.19 23.14
C ARG B 335 -24.02 37.61 24.54
N ASP B 336 -22.87 37.08 25.00
CA ASP B 336 -22.26 37.46 26.27
C ASP B 336 -23.14 37.09 27.46
N GLY B 337 -23.58 35.84 27.52
CA GLY B 337 -24.44 35.38 28.59
C GLY B 337 -25.79 36.06 28.69
N LYS B 338 -26.15 36.93 27.73
CA LYS B 338 -27.45 37.56 27.70
C LYS B 338 -28.22 37.08 26.48
N GLN B 339 -29.50 36.76 26.65
CA GLN B 339 -30.33 36.32 25.54
C GLN B 339 -31.13 37.51 25.03
N VAL B 340 -31.18 37.66 23.70
CA VAL B 340 -31.88 38.77 23.06
C VAL B 340 -32.70 38.21 21.90
N ASN B 341 -33.99 38.51 21.89
CA ASN B 341 -34.84 38.18 20.75
C ASN B 341 -34.82 39.34 19.75
N VAL B 342 -35.10 39.02 18.49
CA VAL B 342 -35.13 40.02 17.43
C VAL B 342 -36.25 39.67 16.45
N ASN B 343 -36.92 40.70 15.97
CA ASN B 343 -37.88 40.57 14.88
C ASN B 343 -37.15 40.81 13.56
N LEU B 344 -37.66 40.20 12.50
CA LEU B 344 -36.96 40.27 11.23
C LEU B 344 -37.96 40.11 10.09
N GLU B 345 -37.42 39.97 8.87
CA GLU B 345 -38.19 39.99 7.64
C GLU B 345 -37.29 39.65 6.47
N LEU B 346 -37.63 38.60 5.72
CA LEU B 346 -36.79 38.18 4.60
C LEU B 346 -36.79 39.23 3.50
N GLN B 347 -35.64 39.41 2.86
CA GLN B 347 -35.49 40.36 1.77
C GLN B 347 -34.90 39.64 0.55
N GLN B 348 -34.71 40.38 -0.53
CA GLN B 348 -34.28 39.77 -1.79
C GLN B 348 -32.77 39.50 -1.78
N SER B 349 -32.32 38.84 -2.84
CA SER B 349 -30.93 38.42 -2.99
C SER B 349 -30.24 39.30 -4.03
N SER B 350 -29.24 40.05 -3.60
CA SER B 350 -28.45 40.85 -4.53
C SER B 350 -27.58 39.98 -5.43
N GLN B 351 -27.08 38.86 -4.90
CA GLN B 351 -26.24 37.95 -5.65
C GLN B 351 -26.72 36.52 -5.41
N ASN B 352 -26.60 35.68 -6.44
CA ASN B 352 -26.97 34.27 -6.38
C ASN B 352 -28.46 34.12 -6.00
N GLN B 353 -29.30 34.52 -6.95
CA GLN B 353 -30.74 34.58 -6.74
C GLN B 353 -31.49 33.45 -7.45
N VAL B 354 -31.36 33.33 -8.76
CA VAL B 354 -32.09 32.34 -9.54
C VAL B 354 -31.10 31.50 -10.34
N ASP B 355 -31.13 30.19 -10.13
CA ASP B 355 -30.29 29.28 -10.90
C ASP B 355 -30.89 29.06 -12.29
N SER B 356 -30.01 28.75 -13.23
CA SER B 356 -30.45 28.46 -14.59
C SER B 356 -31.41 27.28 -14.64
N SER B 357 -31.29 26.35 -13.69
CA SER B 357 -32.06 25.09 -13.76
C SER B 357 -33.56 25.33 -13.82
N SER B 358 -34.06 26.39 -13.17
CA SER B 358 -35.49 26.68 -13.14
C SER B 358 -35.99 27.31 -14.43
N ILE B 359 -35.23 27.23 -15.52
CA ILE B 359 -35.54 27.98 -16.73
C ILE B 359 -35.50 27.09 -17.96
N PHE B 360 -34.55 26.16 -17.99
CA PHE B 360 -34.26 25.40 -19.21
C PHE B 360 -34.62 23.92 -19.13
N ASN B 361 -34.83 23.35 -17.95
CA ASN B 361 -35.12 21.93 -17.77
C ASN B 361 -34.02 21.03 -18.34
N GLY B 362 -32.82 21.58 -18.56
CA GLY B 362 -31.75 20.81 -19.17
C GLY B 362 -30.40 21.48 -19.13
N ILE B 363 -30.38 22.79 -18.86
CA ILE B 363 -29.15 23.57 -18.76
C ILE B 363 -29.13 24.23 -17.40
N GLU B 364 -28.16 23.86 -16.56
CA GLU B 364 -28.03 24.44 -15.23
C GLU B 364 -26.58 24.88 -15.03
N GLY B 365 -26.23 25.16 -13.79
CA GLY B 365 -24.85 25.48 -13.44
C GLY B 365 -24.50 26.95 -13.44
N ALA B 366 -25.48 27.84 -13.58
CA ALA B 366 -25.23 29.28 -13.57
C ALA B 366 -26.24 29.95 -12.67
N GLU B 367 -25.74 30.78 -11.75
CA GLU B 367 -26.58 31.56 -10.84
C GLU B 367 -26.65 32.98 -11.36
N MET B 368 -27.87 33.54 -11.42
CA MET B 368 -28.08 34.83 -12.05
C MET B 368 -29.27 35.53 -11.38
N SER B 369 -29.36 36.84 -11.63
CA SER B 369 -30.38 37.66 -11.03
C SER B 369 -30.67 38.87 -11.92
N ASN B 370 -31.71 39.61 -11.57
CA ASN B 370 -32.04 40.83 -12.27
C ASN B 370 -31.14 41.97 -11.82
N LYS B 371 -31.04 43.00 -12.66
CA LYS B 371 -30.06 44.06 -12.49
C LYS B 371 -30.72 45.41 -12.71
N GLY B 372 -30.39 46.37 -11.84
CA GLY B 372 -30.89 47.72 -11.99
C GLY B 372 -32.41 47.77 -11.96
N LYS B 373 -32.96 48.58 -12.86
CA LYS B 373 -34.41 48.69 -13.06
C LYS B 373 -34.71 48.16 -14.45
N ASP B 374 -34.86 46.83 -14.55
CA ASP B 374 -35.10 46.15 -15.83
C ASP B 374 -34.00 46.46 -16.84
N GLN B 375 -32.75 46.38 -16.38
CA GLN B 375 -31.57 46.66 -17.22
C GLN B 375 -30.87 45.39 -17.67
N GLY B 376 -31.61 44.29 -17.76
CA GLY B 376 -31.07 43.01 -18.17
C GLY B 376 -30.95 42.06 -16.99
N VAL B 377 -30.32 40.92 -17.27
CA VAL B 377 -30.09 39.87 -16.28
C VAL B 377 -28.58 39.69 -16.14
N VAL B 378 -28.06 39.99 -14.95
CA VAL B 378 -26.64 39.88 -14.68
C VAL B 378 -26.34 38.48 -14.16
N VAL B 379 -25.22 37.91 -14.60
CA VAL B 379 -24.76 36.61 -14.13
C VAL B 379 -23.95 36.84 -12.86
N ASN B 380 -24.40 36.24 -11.76
CA ASN B 380 -23.69 36.35 -10.50
C ASN B 380 -22.60 35.29 -10.37
N ASN B 381 -22.89 34.07 -10.82
CA ASN B 381 -22.01 32.93 -10.60
C ASN B 381 -22.22 31.91 -11.70
N VAL B 382 -21.12 31.27 -12.11
CA VAL B 382 -21.16 30.17 -13.06
C VAL B 382 -20.14 29.13 -12.62
N LYS B 383 -20.59 27.90 -12.41
CA LYS B 383 -19.71 26.81 -11.98
C LYS B 383 -19.07 26.15 -13.20
N THR B 384 -17.78 25.82 -13.06
CA THR B 384 -17.07 25.09 -14.11
C THR B 384 -17.59 23.66 -14.18
N GLY B 385 -17.49 23.07 -15.38
CA GLY B 385 -17.96 21.71 -15.57
C GLY B 385 -19.45 21.54 -15.60
N THR B 386 -20.20 22.62 -15.85
CA THR B 386 -21.64 22.62 -15.93
C THR B 386 -22.07 23.08 -17.32
N PRO B 387 -23.30 22.73 -17.75
CA PRO B 387 -23.72 23.08 -19.13
C PRO B 387 -23.73 24.58 -19.42
N ALA B 388 -23.71 25.43 -18.40
CA ALA B 388 -23.69 26.87 -18.63
C ALA B 388 -22.28 27.34 -18.99
N ALA B 389 -21.27 26.90 -18.24
CA ALA B 389 -19.90 27.26 -18.57
C ALA B 389 -19.39 26.52 -19.80
N GLN B 390 -20.07 25.45 -20.20
CA GLN B 390 -19.71 24.73 -21.42
C GLN B 390 -20.06 25.52 -22.66
N ILE B 391 -20.98 26.47 -22.56
CA ILE B 391 -21.32 27.36 -23.68
C ILE B 391 -20.74 28.75 -23.51
N GLY B 392 -20.07 29.02 -22.39
CA GLY B 392 -19.38 30.28 -22.19
C GLY B 392 -20.18 31.37 -21.51
N LEU B 393 -20.32 31.26 -20.19
CA LEU B 393 -20.96 32.29 -19.37
C LEU B 393 -20.01 32.69 -18.26
N LYS B 394 -19.48 33.90 -18.34
CA LYS B 394 -18.62 34.43 -17.30
C LYS B 394 -19.42 35.30 -16.34
N LYS B 395 -18.80 35.65 -15.22
CA LYS B 395 -19.42 36.60 -14.31
C LYS B 395 -19.38 38.00 -14.92
N GLY B 396 -20.47 38.74 -14.75
CA GLY B 396 -20.58 40.08 -15.27
C GLY B 396 -21.39 40.22 -16.54
N ASP B 397 -21.79 39.11 -17.15
CA ASP B 397 -22.58 39.16 -18.37
C ASP B 397 -23.98 39.68 -18.07
N VAL B 398 -24.51 40.49 -18.99
CA VAL B 398 -25.79 41.17 -18.80
C VAL B 398 -26.62 40.91 -20.05
N ILE B 399 -27.59 40.01 -19.96
CA ILE B 399 -28.41 39.64 -21.11
C ILE B 399 -29.38 40.80 -21.42
N ILE B 400 -29.30 41.30 -22.65
CA ILE B 400 -30.16 42.40 -23.09
C ILE B 400 -31.28 41.93 -24.01
N GLY B 401 -31.02 40.96 -24.88
CA GLY B 401 -32.05 40.47 -25.78
C GLY B 401 -31.93 38.98 -25.99
N ALA B 402 -32.93 38.43 -26.68
CA ALA B 402 -32.96 37.01 -27.01
C ALA B 402 -33.88 36.81 -28.18
N ASN B 403 -33.31 36.43 -29.33
CA ASN B 403 -34.09 36.17 -30.55
C ASN B 403 -34.87 37.41 -30.97
N GLN B 404 -34.18 38.55 -30.98
CA GLN B 404 -34.72 39.84 -31.39
C GLN B 404 -35.83 40.33 -30.46
N GLN B 405 -35.87 39.83 -29.23
CA GLN B 405 -36.78 40.33 -28.20
C GLN B 405 -35.95 40.80 -27.02
N ALA B 406 -36.10 42.07 -26.66
CA ALA B 406 -35.35 42.62 -25.54
C ALA B 406 -35.68 41.88 -24.25
N VAL B 407 -34.66 41.35 -23.60
CA VAL B 407 -34.81 40.68 -22.30
C VAL B 407 -34.34 41.64 -21.21
N LYS B 408 -35.27 42.05 -20.35
CA LYS B 408 -34.96 43.00 -19.28
C LYS B 408 -35.14 42.42 -17.88
N ASN B 409 -35.71 41.23 -17.75
CA ASN B 409 -35.79 40.55 -16.47
C ASN B 409 -35.96 39.06 -16.73
N ILE B 410 -35.94 38.27 -15.64
CA ILE B 410 -36.12 36.82 -15.77
C ILE B 410 -37.49 36.50 -16.34
N ALA B 411 -38.48 37.36 -16.08
CA ALA B 411 -39.81 37.14 -16.66
C ALA B 411 -39.78 37.30 -18.17
N GLU B 412 -39.16 38.37 -18.67
CA GLU B 412 -38.99 38.54 -20.10
C GLU B 412 -38.09 37.46 -20.70
N LEU B 413 -37.11 36.99 -19.95
CA LEU B 413 -36.30 35.86 -20.39
C LEU B 413 -37.16 34.60 -20.51
N ARG B 414 -37.80 34.22 -19.41
CA ARG B 414 -38.76 33.12 -19.44
C ARG B 414 -39.84 33.35 -20.50
N LYS B 415 -40.19 34.62 -20.76
CA LYS B 415 -41.23 34.92 -21.75
C LYS B 415 -40.83 34.43 -23.13
N VAL B 416 -39.53 34.36 -23.41
CA VAL B 416 -39.04 33.82 -24.66
C VAL B 416 -38.73 32.33 -24.54
N LEU B 417 -38.29 31.88 -23.36
CA LEU B 417 -37.80 30.52 -23.19
C LEU B 417 -38.93 29.50 -23.02
N ASP B 418 -40.12 29.95 -22.62
CA ASP B 418 -41.27 29.05 -22.66
C ASP B 418 -41.65 28.69 -24.08
N SER B 419 -41.34 29.56 -25.04
CA SER B 419 -41.57 29.26 -26.46
C SER B 419 -40.75 28.07 -26.95
N LYS B 420 -39.76 27.62 -26.18
CA LYS B 420 -38.90 26.48 -26.48
C LYS B 420 -38.40 26.56 -27.92
N PRO B 421 -37.58 27.55 -28.27
CA PRO B 421 -37.19 27.74 -29.66
C PRO B 421 -36.13 26.74 -30.10
N SER B 422 -36.10 26.50 -31.41
CA SER B 422 -35.15 25.54 -31.97
C SER B 422 -33.71 25.94 -31.67
N VAL B 423 -33.38 27.21 -31.88
CA VAL B 423 -32.09 27.76 -31.54
C VAL B 423 -32.31 29.06 -30.78
N LEU B 424 -31.49 29.30 -29.77
CA LEU B 424 -31.56 30.52 -28.97
C LEU B 424 -30.33 31.36 -29.23
N ALA B 425 -30.53 32.67 -29.37
CA ALA B 425 -29.44 33.62 -29.58
C ALA B 425 -29.56 34.69 -28.51
N LEU B 426 -28.67 34.65 -27.53
CA LEU B 426 -28.72 35.55 -26.38
C LEU B 426 -27.82 36.75 -26.60
N ASN B 427 -28.41 37.94 -26.61
CA ASN B 427 -27.67 39.19 -26.87
C ASN B 427 -27.14 39.75 -25.56
N ILE B 428 -26.19 39.00 -24.98
CA ILE B 428 -25.57 39.40 -23.72
C ILE B 428 -24.54 40.49 -24.00
N GLN B 429 -23.97 41.08 -22.95
CA GLN B 429 -22.92 42.07 -23.11
C GLN B 429 -21.81 41.82 -22.10
N ARG B 430 -20.58 41.95 -22.56
CA ARG B 430 -19.39 41.86 -21.73
C ARG B 430 -18.57 43.13 -21.92
N GLY B 431 -18.45 43.91 -20.84
CA GLY B 431 -17.85 45.23 -20.97
C GLY B 431 -18.75 46.13 -21.81
N ASP B 432 -18.12 47.05 -22.54
CA ASP B 432 -18.84 47.89 -23.49
C ASP B 432 -19.20 47.14 -24.76
N SER B 433 -18.89 45.86 -24.85
CA SER B 433 -19.06 45.08 -26.08
C SER B 433 -20.42 44.40 -26.09
N THR B 434 -21.07 44.42 -27.25
CA THR B 434 -22.29 43.68 -27.49
C THR B 434 -21.93 42.40 -28.25
N ILE B 435 -22.26 41.24 -27.66
CA ILE B 435 -21.95 39.94 -28.24
C ILE B 435 -23.23 39.10 -28.27
N TYR B 436 -23.10 37.88 -28.80
CA TYR B 436 -24.18 36.91 -28.82
C TYR B 436 -23.66 35.56 -28.35
N LEU B 437 -24.61 34.66 -28.03
CA LEU B 437 -24.30 33.29 -27.67
C LEU B 437 -25.41 32.39 -28.19
N LEU B 438 -25.03 31.21 -28.67
CA LEU B 438 -25.93 30.33 -29.38
C LEU B 438 -26.25 29.08 -28.56
N MET B 439 -27.46 28.56 -28.75
CA MET B 439 -27.96 27.44 -27.97
C MET B 439 -28.91 26.60 -28.79
N GLN B 440 -28.92 25.30 -28.49
CA GLN B 440 -29.95 24.37 -28.98
C GLN B 440 -29.99 24.30 -30.51
N GLN C 3 -46.11 -1.84 33.09
CA GLN C 3 -46.77 -2.74 32.14
C GLN C 3 -46.43 -2.39 30.70
N MET C 4 -45.84 -3.36 29.99
CA MET C 4 -45.39 -3.16 28.63
C MET C 4 -46.07 -4.15 27.69
N PRO C 5 -46.33 -3.76 26.44
CA PRO C 5 -46.78 -4.73 25.43
C PRO C 5 -45.62 -5.58 24.92
N SER C 6 -45.96 -6.79 24.51
CA SER C 6 -44.97 -7.72 23.98
C SER C 6 -45.66 -8.80 23.18
N LEU C 7 -44.85 -9.51 22.39
CA LEU C 7 -45.30 -10.64 21.60
C LEU C 7 -44.96 -11.99 22.23
N ALA C 8 -44.17 -11.99 23.30
CA ALA C 8 -43.84 -13.25 23.96
C ALA C 8 -45.06 -14.05 24.41
N PRO C 9 -46.22 -13.48 24.79
CA PRO C 9 -47.40 -14.33 24.96
C PRO C 9 -47.78 -15.12 23.71
N MET C 10 -47.86 -14.44 22.56
CA MET C 10 -48.18 -15.12 21.32
C MET C 10 -47.08 -16.11 20.91
N LEU C 11 -45.82 -15.74 21.15
CA LEU C 11 -44.73 -16.50 20.56
C LEU C 11 -44.49 -17.83 21.29
N GLU C 12 -44.64 -17.84 22.62
CA GLU C 12 -44.41 -19.08 23.36
C GLU C 12 -45.41 -20.15 22.99
N LYS C 13 -46.55 -19.79 22.43
CA LYS C 13 -47.50 -20.78 21.94
C LYS C 13 -47.17 -21.24 20.54
N VAL C 14 -46.58 -20.36 19.73
CA VAL C 14 -46.38 -20.64 18.31
C VAL C 14 -45.00 -21.22 18.04
N MET C 15 -43.97 -20.68 18.68
CA MET C 15 -42.59 -21.11 18.38
C MET C 15 -42.36 -22.62 18.47
N PRO C 16 -43.00 -23.40 19.35
CA PRO C 16 -42.79 -24.85 19.28
C PRO C 16 -43.16 -25.46 17.94
N SER C 17 -44.17 -24.91 17.26
CA SER C 17 -44.60 -25.45 15.99
C SER C 17 -43.59 -25.19 14.87
N VAL C 18 -42.68 -24.22 15.03
CA VAL C 18 -41.65 -23.96 14.05
C VAL C 18 -40.46 -24.85 14.36
N VAL C 19 -39.80 -25.35 13.31
CA VAL C 19 -38.65 -26.23 13.44
C VAL C 19 -37.53 -25.69 12.57
N SER C 20 -36.35 -26.26 12.75
CA SER C 20 -35.22 -26.04 11.86
C SER C 20 -34.96 -27.31 11.08
N ILE C 21 -34.60 -27.16 9.81
CA ILE C 21 -34.37 -28.29 8.92
C ILE C 21 -32.92 -28.28 8.47
N ASN C 22 -32.20 -29.34 8.80
CA ASN C 22 -30.84 -29.56 8.34
C ASN C 22 -30.86 -30.64 7.27
N VAL C 23 -30.39 -30.29 6.08
CA VAL C 23 -30.43 -31.16 4.90
C VAL C 23 -29.01 -31.57 4.54
N GLU C 24 -28.86 -32.84 4.17
CA GLU C 24 -27.59 -33.38 3.69
C GLU C 24 -27.85 -34.16 2.42
N GLY C 25 -27.07 -33.90 1.39
CA GLY C 25 -27.30 -34.52 0.10
C GLY C 25 -26.07 -34.59 -0.76
N SER C 26 -26.27 -34.49 -2.08
CA SER C 26 -25.18 -34.58 -3.05
C SER C 26 -25.63 -34.09 -4.42
N THR C 27 -24.83 -33.23 -5.05
CA THR C 27 -25.16 -32.72 -6.38
C THR C 27 -23.89 -32.57 -7.23
N GLN C 74 -19.18 -34.96 -4.55
CA GLN C 74 -19.56 -33.59 -4.26
C GLN C 74 -20.85 -33.53 -3.44
N LYS C 75 -20.71 -33.60 -2.12
CA LYS C 75 -21.82 -33.55 -1.19
C LYS C 75 -22.00 -32.15 -0.63
N PHE C 76 -23.26 -31.79 -0.36
CA PHE C 76 -23.59 -30.45 0.09
C PHE C 76 -24.51 -30.52 1.31
N MET C 77 -24.48 -29.44 2.08
CA MET C 77 -25.32 -29.28 3.27
C MET C 77 -26.11 -27.98 3.14
N ALA C 78 -27.41 -28.05 3.40
CA ALA C 78 -28.29 -26.91 3.35
C ALA C 78 -28.99 -26.73 4.69
N LEU C 79 -29.67 -25.59 4.83
CA LEU C 79 -30.35 -25.28 6.08
C LEU C 79 -31.54 -24.36 5.82
N GLY C 80 -32.55 -24.52 6.65
CA GLY C 80 -33.80 -23.79 6.48
C GLY C 80 -34.77 -24.18 7.58
N SER C 81 -36.01 -23.73 7.42
CA SER C 81 -37.03 -23.89 8.44
C SER C 81 -38.26 -24.61 7.91
N GLY C 82 -39.04 -25.16 8.84
CA GLY C 82 -40.30 -25.79 8.51
C GLY C 82 -41.34 -25.44 9.54
N VAL C 83 -42.58 -25.80 9.23
CA VAL C 83 -43.72 -25.58 10.13
C VAL C 83 -44.52 -26.87 10.22
N ILE C 84 -44.97 -27.19 11.42
CA ILE C 84 -45.68 -28.45 11.69
C ILE C 84 -47.14 -28.25 11.32
N ILE C 85 -47.60 -28.97 10.30
CA ILE C 85 -48.99 -28.91 9.88
C ILE C 85 -49.87 -29.90 10.66
N ASP C 86 -49.38 -31.12 10.84
CA ASP C 86 -50.13 -32.17 11.54
C ASP C 86 -49.27 -32.67 12.71
N ALA C 87 -49.80 -32.54 13.93
CA ALA C 87 -49.05 -32.93 15.11
C ALA C 87 -48.85 -34.45 15.15
N ASP C 88 -49.91 -35.21 14.89
CA ASP C 88 -49.82 -36.67 14.95
C ASP C 88 -48.87 -37.20 13.89
N LYS C 89 -49.15 -36.90 12.62
CA LYS C 89 -48.42 -37.50 11.51
C LYS C 89 -47.00 -36.97 11.37
N GLY C 90 -46.65 -35.90 12.09
CA GLY C 90 -45.32 -35.33 11.95
C GLY C 90 -45.07 -34.66 10.61
N TYR C 91 -46.10 -34.05 10.03
CA TYR C 91 -45.98 -33.38 8.74
C TYR C 91 -45.39 -31.98 8.94
N VAL C 92 -44.22 -31.75 8.36
CA VAL C 92 -43.58 -30.44 8.35
C VAL C 92 -43.56 -29.94 6.91
N VAL C 93 -44.13 -28.76 6.71
CA VAL C 93 -44.09 -28.13 5.39
C VAL C 93 -42.85 -27.25 5.33
N THR C 94 -42.27 -27.12 4.14
CA THR C 94 -41.06 -26.32 3.97
C THR C 94 -40.97 -25.90 2.51
N ASN C 95 -39.83 -25.31 2.14
CA ASN C 95 -39.61 -24.86 0.77
C ASN C 95 -38.86 -25.93 0.00
N ASN C 96 -39.27 -26.13 -1.26
CA ASN C 96 -38.70 -27.19 -2.08
C ASN C 96 -37.20 -27.04 -2.25
N HIS C 97 -36.74 -25.81 -2.55
CA HIS C 97 -35.31 -25.60 -2.80
C HIS C 97 -34.45 -25.93 -1.59
N VAL C 98 -35.04 -25.99 -0.40
CA VAL C 98 -34.29 -26.36 0.79
C VAL C 98 -34.04 -27.87 0.80
N VAL C 99 -35.11 -28.66 0.68
CA VAL C 99 -35.04 -30.10 0.81
C VAL C 99 -34.92 -30.78 -0.56
N ASP C 100 -34.70 -30.01 -1.62
CA ASP C 100 -34.50 -30.59 -2.94
C ASP C 100 -33.20 -31.37 -2.99
N ASN C 101 -33.24 -32.55 -3.63
CA ASN C 101 -32.09 -33.43 -3.78
C ASN C 101 -31.40 -33.67 -2.44
N ALA C 102 -32.17 -34.24 -1.52
CA ALA C 102 -31.76 -34.42 -0.13
C ALA C 102 -31.66 -35.91 0.16
N THR C 103 -30.46 -36.35 0.54
CA THR C 103 -30.28 -37.75 0.95
C THR C 103 -30.87 -37.99 2.33
N VAL C 104 -30.46 -37.19 3.32
CA VAL C 104 -30.97 -37.28 4.68
C VAL C 104 -31.55 -35.94 5.09
N ILE C 105 -32.67 -35.97 5.80
CA ILE C 105 -33.30 -34.77 6.33
C ILE C 105 -33.40 -34.92 7.84
N LYS C 106 -32.70 -34.06 8.57
CA LYS C 106 -32.78 -34.01 10.01
C LYS C 106 -33.54 -32.76 10.44
N VAL C 107 -34.35 -32.89 11.50
CA VAL C 107 -35.22 -31.82 11.96
C VAL C 107 -35.01 -31.64 13.45
N GLN C 108 -34.76 -30.40 13.87
CA GLN C 108 -34.56 -30.07 15.28
C GLN C 108 -35.65 -29.09 15.70
N LEU C 109 -36.35 -29.43 16.79
CA LEU C 109 -37.50 -28.64 17.21
C LEU C 109 -37.04 -27.39 17.95
N SER C 110 -37.98 -26.66 18.55
CA SER C 110 -37.64 -25.51 19.37
C SER C 110 -36.84 -25.93 20.60
N ASP C 111 -37.32 -26.96 21.30
CA ASP C 111 -36.70 -27.43 22.52
C ASP C 111 -35.39 -28.18 22.31
N GLY C 112 -35.02 -28.47 21.06
CA GLY C 112 -33.75 -29.08 20.74
C GLY C 112 -33.83 -30.52 20.29
N ARG C 113 -34.97 -31.19 20.49
CA ARG C 113 -35.08 -32.59 20.12
C ARG C 113 -34.93 -32.76 18.61
N LYS C 114 -34.07 -33.68 18.22
CA LYS C 114 -33.82 -33.96 16.81
C LYS C 114 -34.67 -35.14 16.34
N PHE C 115 -34.98 -35.13 15.05
CA PHE C 115 -35.72 -36.22 14.42
C PHE C 115 -35.15 -36.44 13.02
N ASP C 116 -35.40 -37.63 12.49
CA ASP C 116 -35.11 -37.92 11.10
C ASP C 116 -36.38 -37.67 10.28
N ALA C 117 -36.20 -37.14 9.07
CA ALA C 117 -37.32 -36.77 8.23
C ALA C 117 -37.20 -37.43 6.87
N LYS C 118 -38.33 -37.90 6.36
CA LYS C 118 -38.43 -38.49 5.03
C LYS C 118 -39.30 -37.60 4.15
N MET C 119 -39.04 -37.66 2.84
CA MET C 119 -39.78 -36.84 1.90
C MET C 119 -41.22 -37.32 1.80
N VAL C 120 -42.12 -36.38 1.49
CA VAL C 120 -43.52 -36.73 1.23
C VAL C 120 -43.95 -36.17 -0.11
N GLY C 121 -43.84 -34.84 -0.29
CA GLY C 121 -44.23 -34.21 -1.53
C GLY C 121 -43.28 -33.08 -1.90
N LYS C 122 -43.30 -32.75 -3.19
CA LYS C 122 -42.54 -31.63 -3.72
C LYS C 122 -43.30 -31.04 -4.90
N ASP C 123 -43.11 -29.74 -5.13
CA ASP C 123 -43.78 -29.04 -6.21
C ASP C 123 -42.91 -27.85 -6.61
N PRO C 124 -41.91 -28.09 -7.47
CA PRO C 124 -40.90 -27.06 -7.72
C PRO C 124 -41.43 -25.78 -8.36
N ARG C 125 -42.59 -25.82 -9.01
CA ARG C 125 -43.10 -24.63 -9.67
C ARG C 125 -43.79 -23.67 -8.71
N SER C 126 -44.04 -24.09 -7.46
CA SER C 126 -44.46 -23.18 -6.40
C SER C 126 -43.53 -23.23 -5.20
N ASP C 127 -42.47 -24.04 -5.25
CA ASP C 127 -41.41 -24.08 -4.23
C ASP C 127 -41.95 -24.48 -2.85
N ILE C 128 -42.97 -25.34 -2.82
CA ILE C 128 -43.48 -25.92 -1.60
C ILE C 128 -43.12 -27.40 -1.58
N ALA C 129 -42.63 -27.86 -0.44
CA ALA C 129 -42.38 -29.28 -0.21
C ALA C 129 -42.98 -29.67 1.13
N LEU C 130 -43.28 -30.96 1.27
CA LEU C 130 -43.79 -31.51 2.52
C LEU C 130 -42.90 -32.67 2.93
N ILE C 131 -42.41 -32.63 4.17
CA ILE C 131 -41.65 -33.72 4.74
C ILE C 131 -42.45 -34.27 5.92
N GLN C 132 -42.01 -35.42 6.43
CA GLN C 132 -42.70 -36.05 7.55
C GLN C 132 -41.70 -36.53 8.59
N ILE C 133 -41.94 -36.16 9.85
CA ILE C 133 -41.05 -36.55 10.94
C ILE C 133 -41.20 -38.04 11.19
N GLN C 134 -40.07 -38.75 11.28
CA GLN C 134 -40.09 -40.17 11.59
C GLN C 134 -40.24 -40.37 13.08
N ASN C 135 -41.15 -41.27 13.48
CA ASN C 135 -41.44 -41.54 14.88
C ASN C 135 -41.72 -40.27 15.66
N PRO C 136 -42.76 -39.50 15.31
CA PRO C 136 -43.05 -38.26 16.02
C PRO C 136 -43.59 -38.55 17.41
N LYS C 137 -43.14 -37.75 18.38
CA LYS C 137 -43.51 -37.95 19.78
C LYS C 137 -43.77 -36.59 20.42
N ASN C 138 -45.03 -36.36 20.77
CA ASN C 138 -45.49 -35.12 21.41
C ASN C 138 -45.02 -33.88 20.67
N LEU C 139 -45.66 -33.58 19.53
CA LEU C 139 -45.42 -32.37 18.77
C LEU C 139 -46.62 -31.44 18.92
N THR C 140 -46.55 -30.32 18.19
CA THR C 140 -47.59 -29.29 18.28
C THR C 140 -47.72 -28.64 16.92
N ALA C 141 -48.88 -28.81 16.27
CA ALA C 141 -49.12 -28.19 14.98
C ALA C 141 -49.54 -26.73 15.15
N ILE C 142 -49.19 -25.92 14.15
CA ILE C 142 -49.58 -24.52 14.18
C ILE C 142 -51.03 -24.38 13.71
N LYS C 143 -51.67 -23.31 14.15
CA LYS C 143 -52.98 -22.93 13.62
C LYS C 143 -52.78 -22.12 12.36
N MET C 144 -53.52 -22.46 11.31
CA MET C 144 -53.43 -21.73 10.06
C MET C 144 -54.60 -20.75 9.92
N ALA C 145 -54.37 -19.67 9.19
CA ALA C 145 -55.38 -18.68 8.90
C ALA C 145 -55.57 -18.55 7.40
N ASP C 146 -56.70 -17.98 7.02
CA ASP C 146 -57.03 -17.76 5.61
C ASP C 146 -56.28 -16.53 5.10
N SER C 147 -55.34 -16.75 4.17
CA SER C 147 -54.50 -15.67 3.67
C SER C 147 -55.29 -14.60 2.94
N ASP C 148 -56.53 -14.87 2.57
CA ASP C 148 -57.33 -13.89 1.84
C ASP C 148 -57.83 -12.77 2.74
N ALA C 149 -57.90 -12.98 4.05
CA ALA C 149 -58.24 -11.91 4.96
C ALA C 149 -57.11 -10.89 5.12
N LEU C 150 -55.92 -11.21 4.58
CA LEU C 150 -54.79 -10.31 4.70
C LEU C 150 -55.03 -9.01 3.96
N ARG C 151 -54.75 -7.89 4.64
CA ARG C 151 -54.74 -6.58 4.04
C ARG C 151 -53.37 -5.95 4.30
N VAL C 152 -52.94 -5.09 3.38
CA VAL C 152 -51.65 -4.45 3.54
C VAL C 152 -51.71 -3.50 4.73
N GLY C 153 -50.70 -3.60 5.60
CA GLY C 153 -50.67 -2.88 6.85
C GLY C 153 -50.83 -3.74 8.07
N ASP C 154 -51.32 -4.97 7.90
CA ASP C 154 -51.42 -5.91 9.01
C ASP C 154 -50.04 -6.31 9.49
N TYR C 155 -49.93 -6.58 10.78
CA TYR C 155 -48.65 -6.82 11.42
C TYR C 155 -48.25 -8.28 11.23
N THR C 156 -47.01 -8.51 10.81
CA THR C 156 -46.49 -9.85 10.59
C THR C 156 -45.35 -10.15 11.56
N VAL C 157 -45.15 -11.43 11.79
CA VAL C 157 -44.05 -11.95 12.61
C VAL C 157 -43.46 -13.14 11.90
N ALA C 158 -42.15 -13.12 11.70
CA ALA C 158 -41.46 -14.17 10.95
C ALA C 158 -40.62 -15.02 11.90
N ILE C 159 -40.80 -16.32 11.82
CA ILE C 159 -40.02 -17.28 12.61
C ILE C 159 -39.27 -18.17 11.63
N GLY C 160 -38.02 -18.46 11.96
CA GLY C 160 -37.18 -19.24 11.08
C GLY C 160 -35.79 -19.41 11.68
N ASN C 161 -34.85 -19.87 10.85
CA ASN C 161 -33.49 -20.17 11.30
C ASN C 161 -32.48 -19.52 10.37
N PRO C 162 -32.23 -18.22 10.50
CA PRO C 162 -31.22 -17.57 9.67
C PRO C 162 -29.82 -18.00 10.08
N PHE C 163 -29.02 -18.37 9.08
CA PHE C 163 -27.62 -18.74 9.28
C PHE C 163 -27.45 -19.85 10.30
N GLY C 164 -28.47 -20.67 10.52
CA GLY C 164 -28.36 -21.73 11.49
C GLY C 164 -28.23 -21.25 12.92
N LEU C 165 -28.59 -20.00 13.19
CA LEU C 165 -28.47 -19.45 14.53
C LEU C 165 -29.40 -20.13 15.54
N GLY C 166 -30.46 -20.78 15.06
CA GLY C 166 -31.53 -21.25 15.92
C GLY C 166 -32.79 -20.42 15.70
N GLU C 167 -33.83 -20.77 16.46
CA GLU C 167 -35.14 -20.18 16.25
C GLU C 167 -35.12 -18.68 16.51
N THR C 168 -35.19 -17.89 15.44
CA THR C 168 -35.10 -16.44 15.51
C THR C 168 -36.42 -15.82 15.06
N VAL C 169 -36.88 -14.80 15.79
CA VAL C 169 -38.16 -14.16 15.56
C VAL C 169 -37.94 -12.73 15.14
N THR C 170 -38.59 -12.32 14.05
CA THR C 170 -38.54 -10.95 13.56
C THR C 170 -39.95 -10.49 13.22
N SER C 171 -40.14 -9.17 13.25
CA SER C 171 -41.46 -8.58 13.05
C SER C 171 -41.40 -7.52 11.96
N GLY C 172 -42.58 -7.11 11.51
CA GLY C 172 -42.75 -6.10 10.48
C GLY C 172 -44.22 -5.90 10.16
N ILE C 173 -44.54 -5.67 8.88
CA ILE C 173 -45.93 -5.55 8.44
C ILE C 173 -46.06 -6.18 7.06
N VAL C 174 -47.30 -6.33 6.62
CA VAL C 174 -47.56 -6.71 5.23
C VAL C 174 -47.17 -5.54 4.34
N SER C 175 -46.05 -5.67 3.62
CA SER C 175 -45.63 -4.60 2.72
C SER C 175 -46.56 -4.50 1.52
N ALA C 176 -46.95 -5.65 0.96
CA ALA C 176 -47.79 -5.68 -0.23
C ALA C 176 -48.38 -7.08 -0.36
N LEU C 177 -49.32 -7.22 -1.30
CA LEU C 177 -49.95 -8.50 -1.60
C LEU C 177 -49.89 -8.76 -3.10
N GLY C 178 -50.00 -10.04 -3.45
CA GLY C 178 -50.14 -10.42 -4.84
C GLY C 178 -48.92 -10.15 -5.69
N ARG C 179 -47.73 -10.18 -5.10
CA ARG C 179 -46.52 -9.93 -5.85
C ARG C 179 -46.09 -11.15 -6.64
N SER C 180 -45.52 -10.91 -7.81
CA SER C 180 -45.15 -11.98 -8.72
C SER C 180 -44.15 -11.42 -9.73
N GLY C 181 -43.65 -12.29 -10.60
CA GLY C 181 -42.81 -11.90 -11.70
C GLY C 181 -41.32 -12.07 -11.48
N LEU C 182 -40.90 -12.43 -10.26
CA LEU C 182 -39.48 -12.53 -9.95
C LEU C 182 -38.85 -13.76 -10.60
N ASN C 183 -39.59 -14.85 -10.71
CA ASN C 183 -39.18 -16.03 -11.45
C ASN C 183 -40.37 -16.41 -12.33
N ALA C 184 -40.26 -16.10 -13.63
CA ALA C 184 -41.44 -15.96 -14.47
C ALA C 184 -42.23 -17.25 -14.59
N GLU C 185 -41.58 -18.41 -14.52
CA GLU C 185 -42.30 -19.65 -14.74
C GLU C 185 -42.91 -20.26 -13.47
N ASN C 186 -42.59 -19.73 -12.30
CA ASN C 186 -43.12 -20.26 -11.06
C ASN C 186 -44.44 -19.61 -10.69
N TYR C 187 -45.21 -20.32 -9.85
CA TYR C 187 -46.50 -19.84 -9.36
C TYR C 187 -46.23 -19.01 -8.10
N GLU C 188 -46.15 -17.70 -8.25
CA GLU C 188 -45.90 -16.82 -7.12
C GLU C 188 -47.07 -15.86 -6.94
N ASN C 189 -47.62 -15.84 -5.72
CA ASN C 189 -48.59 -14.86 -5.26
C ASN C 189 -48.16 -14.31 -3.91
N PHE C 190 -46.85 -14.06 -3.79
CA PHE C 190 -46.20 -13.82 -2.50
C PHE C 190 -46.90 -12.73 -1.69
N ILE C 191 -46.87 -12.90 -0.37
CA ILE C 191 -47.03 -11.79 0.55
C ILE C 191 -45.67 -11.09 0.65
N GLN C 192 -45.67 -9.77 0.45
CA GLN C 192 -44.46 -9.01 0.69
C GLN C 192 -44.50 -8.44 2.10
N THR C 193 -43.37 -8.57 2.81
CA THR C 193 -43.29 -8.10 4.18
C THR C 193 -41.92 -7.49 4.42
N ASP C 194 -41.89 -6.48 5.27
CA ASP C 194 -40.66 -5.83 5.72
C ASP C 194 -40.04 -6.51 6.93
N ALA C 195 -40.61 -7.61 7.39
CA ALA C 195 -40.00 -8.38 8.48
C ALA C 195 -38.67 -8.97 8.01
N ALA C 196 -37.71 -9.03 8.94
CA ALA C 196 -36.36 -9.47 8.59
C ALA C 196 -36.34 -10.96 8.26
N ILE C 197 -35.72 -11.30 7.13
CA ILE C 197 -35.71 -12.66 6.61
C ILE C 197 -34.40 -12.85 5.84
N ASN C 198 -33.67 -13.93 6.14
CA ASN C 198 -32.40 -14.18 5.48
C ASN C 198 -32.21 -15.67 5.22
N ARG C 199 -31.02 -16.00 4.69
CA ARG C 199 -30.68 -17.37 4.35
C ARG C 199 -30.89 -18.29 5.54
N GLY C 200 -31.89 -19.17 5.43
CA GLY C 200 -32.30 -20.04 6.52
C GLY C 200 -33.74 -19.83 6.95
N ASN C 201 -34.26 -18.61 6.79
CA ASN C 201 -35.67 -18.38 7.03
C ASN C 201 -36.56 -19.11 6.04
N ALA C 202 -35.98 -19.61 4.95
CA ALA C 202 -36.74 -20.31 3.92
C ALA C 202 -37.53 -21.45 4.50
N GLY C 203 -38.85 -21.40 4.32
CA GLY C 203 -39.74 -22.39 4.87
C GLY C 203 -40.27 -22.08 6.25
N GLY C 204 -39.88 -20.94 6.83
CA GLY C 204 -40.33 -20.56 8.16
C GLY C 204 -41.74 -20.05 8.17
N ALA C 205 -42.21 -19.76 9.38
CA ALA C 205 -43.58 -19.30 9.57
C ALA C 205 -43.64 -17.78 9.48
N LEU C 206 -44.62 -17.29 8.73
CA LEU C 206 -45.03 -15.89 8.78
C LEU C 206 -46.41 -15.88 9.43
N VAL C 207 -46.49 -15.34 10.64
CA VAL C 207 -47.71 -15.39 11.44
C VAL C 207 -48.20 -13.97 11.68
N ASN C 208 -49.46 -13.87 12.05
CA ASN C 208 -50.06 -12.59 12.41
C ASN C 208 -50.00 -12.39 13.92
N LEU C 209 -50.63 -11.32 14.40
CA LEU C 209 -50.54 -11.00 15.82
C LEU C 209 -51.22 -12.04 16.70
N ASN C 210 -52.13 -12.84 16.14
CA ASN C 210 -52.79 -13.89 16.89
C ASN C 210 -52.03 -15.21 16.84
N GLY C 211 -50.94 -15.29 16.07
CA GLY C 211 -50.16 -16.51 16.00
C GLY C 211 -50.55 -17.47 14.89
N GLU C 212 -51.57 -17.17 14.11
CA GLU C 212 -52.00 -18.06 13.04
C GLU C 212 -51.11 -17.89 11.81
N LEU C 213 -50.84 -18.99 11.13
CA LEU C 213 -49.92 -18.97 10.00
C LEU C 213 -50.58 -18.29 8.80
N ILE C 214 -49.93 -17.27 8.26
CA ILE C 214 -50.43 -16.61 7.08
C ILE C 214 -49.58 -16.90 5.84
N GLY C 215 -48.35 -17.34 6.01
CA GLY C 215 -47.50 -17.54 4.86
C GLY C 215 -46.25 -18.29 5.23
N ILE C 216 -45.54 -18.74 4.21
CA ILE C 216 -44.29 -19.48 4.36
C ILE C 216 -43.19 -18.66 3.72
N ASN C 217 -42.29 -18.12 4.56
CA ASN C 217 -41.20 -17.29 4.09
C ASN C 217 -40.37 -18.03 3.05
N THR C 218 -40.17 -17.40 1.89
CA THR C 218 -39.68 -18.12 0.73
C THR C 218 -38.45 -17.50 0.09
N ALA C 219 -38.48 -16.19 -0.15
CA ALA C 219 -37.35 -15.56 -0.84
C ALA C 219 -37.32 -14.06 -0.54
N ILE C 220 -36.12 -13.50 -0.58
CA ILE C 220 -35.89 -12.09 -0.35
C ILE C 220 -35.36 -11.46 -1.63
N LEU C 221 -35.62 -10.17 -1.79
CA LEU C 221 -34.98 -9.39 -2.86
C LEU C 221 -33.74 -8.74 -2.26
N ALA C 222 -32.58 -9.21 -2.69
CA ALA C 222 -31.34 -8.75 -2.08
C ALA C 222 -30.26 -8.53 -3.13
N PRO C 223 -29.84 -7.29 -3.33
CA PRO C 223 -28.65 -7.06 -4.18
C PRO C 223 -27.39 -7.66 -3.60
N ASP C 224 -27.28 -7.73 -2.28
CA ASP C 224 -26.08 -8.22 -1.61
C ASP C 224 -26.23 -9.63 -1.06
N GLY C 225 -27.46 -10.15 -0.99
CA GLY C 225 -27.73 -11.39 -0.31
C GLY C 225 -28.24 -11.23 1.11
N GLY C 226 -28.23 -10.00 1.63
CA GLY C 226 -28.77 -9.70 2.94
C GLY C 226 -30.09 -8.97 2.80
N ASN C 227 -30.94 -9.10 3.82
CA ASN C 227 -32.26 -8.49 3.79
C ASN C 227 -32.15 -6.98 3.73
N ILE C 228 -33.01 -6.36 2.92
CA ILE C 228 -33.09 -4.90 2.82
C ILE C 228 -34.53 -4.48 3.00
N GLY C 229 -35.30 -5.27 3.76
CA GLY C 229 -36.68 -4.96 4.07
C GLY C 229 -37.70 -5.51 3.11
N ILE C 230 -37.29 -6.41 2.21
CA ILE C 230 -38.18 -6.94 1.19
C ILE C 230 -38.13 -8.46 1.29
N GLY C 231 -39.15 -9.03 1.94
CA GLY C 231 -39.27 -10.47 2.05
C GLY C 231 -40.55 -10.95 1.40
N PHE C 232 -40.50 -12.14 0.82
CA PHE C 232 -41.62 -12.71 0.09
C PHE C 232 -41.99 -14.06 0.70
N ALA C 233 -43.24 -14.18 1.13
CA ALA C 233 -43.77 -15.40 1.73
C ALA C 233 -44.97 -15.89 0.93
N ILE C 234 -45.01 -17.19 0.69
CA ILE C 234 -46.13 -17.81 -0.03
C ILE C 234 -47.37 -17.81 0.86
N PRO C 235 -48.52 -17.33 0.37
CA PRO C 235 -49.71 -17.25 1.23
C PRO C 235 -50.11 -18.62 1.76
N SER C 236 -50.76 -18.61 2.93
CA SER C 236 -51.08 -19.86 3.62
C SER C 236 -52.01 -20.72 2.78
N ASN C 237 -53.05 -20.10 2.21
CA ASN C 237 -54.04 -20.85 1.42
C ASN C 237 -53.37 -21.68 0.35
N MET C 238 -52.41 -21.11 -0.37
CA MET C 238 -51.68 -21.88 -1.37
C MET C 238 -50.97 -23.06 -0.72
N VAL C 239 -50.36 -22.84 0.45
CA VAL C 239 -49.72 -23.94 1.16
C VAL C 239 -50.76 -24.94 1.62
N LYS C 240 -51.93 -24.47 2.07
CA LYS C 240 -53.01 -25.37 2.45
C LYS C 240 -53.39 -26.29 1.31
N ASN C 241 -53.73 -25.71 0.15
CA ASN C 241 -54.16 -26.51 -0.99
C ASN C 241 -53.05 -27.43 -1.49
N LEU C 242 -51.81 -26.91 -1.56
CA LEU C 242 -50.70 -27.70 -2.08
C LEU C 242 -50.28 -28.82 -1.12
N THR C 243 -50.47 -28.63 0.18
CA THR C 243 -50.10 -29.69 1.12
C THR C 243 -51.15 -30.79 1.14
N SER C 244 -52.43 -30.41 1.27
CA SER C 244 -53.51 -31.39 1.35
C SER C 244 -53.56 -32.30 0.13
N GLN C 245 -52.92 -31.90 -0.97
CA GLN C 245 -52.77 -32.80 -2.11
C GLN C 245 -51.67 -33.81 -1.86
N MET C 246 -50.46 -33.34 -1.55
CA MET C 246 -49.32 -34.24 -1.33
C MET C 246 -49.60 -35.29 -0.28
N VAL C 247 -50.58 -35.06 0.59
CA VAL C 247 -51.03 -36.12 1.49
C VAL C 247 -51.90 -37.11 0.74
N GLU C 248 -52.99 -36.63 0.16
CA GLU C 248 -53.97 -37.53 -0.45
C GLU C 248 -53.44 -38.18 -1.72
N TYR C 249 -52.72 -37.43 -2.55
CA TYR C 249 -52.23 -37.95 -3.82
C TYR C 249 -50.72 -38.18 -3.87
N GLY C 250 -49.98 -37.78 -2.84
CA GLY C 250 -48.54 -37.89 -2.90
C GLY C 250 -47.86 -36.95 -3.86
N GLN C 251 -48.62 -36.09 -4.53
CA GLN C 251 -48.07 -35.12 -5.47
C GLN C 251 -49.11 -34.04 -5.72
N VAL C 252 -48.84 -33.18 -6.70
CA VAL C 252 -49.73 -32.08 -7.05
C VAL C 252 -50.48 -32.44 -8.33
N LYS C 253 -51.81 -32.51 -8.23
CA LYS C 253 -52.64 -32.78 -9.40
C LYS C 253 -52.94 -31.44 -10.07
N ARG C 254 -52.25 -31.19 -11.19
CA ARG C 254 -52.26 -29.89 -11.84
C ARG C 254 -53.41 -29.79 -12.83
N GLY C 255 -54.34 -28.88 -12.57
CA GLY C 255 -55.44 -28.65 -13.50
C GLY C 255 -55.15 -27.55 -14.50
N GLU C 256 -56.08 -27.39 -15.45
CA GLU C 256 -55.98 -26.30 -16.42
C GLU C 256 -57.38 -25.87 -16.83
N LEU C 257 -57.57 -24.56 -16.92
CA LEU C 257 -58.83 -24.01 -17.41
C LEU C 257 -58.91 -24.05 -18.92
N GLY C 258 -57.78 -23.87 -19.59
CA GLY C 258 -57.77 -23.81 -21.04
C GLY C 258 -58.02 -22.41 -21.56
N ILE C 259 -57.37 -21.42 -20.97
CA ILE C 259 -57.42 -20.05 -21.48
C ILE C 259 -55.98 -19.58 -21.67
N MET C 260 -55.72 -18.96 -22.81
CA MET C 260 -54.50 -18.20 -23.01
C MET C 260 -54.76 -16.73 -22.71
N GLY C 261 -53.74 -16.06 -22.18
CA GLY C 261 -53.91 -14.66 -21.85
C GLY C 261 -52.62 -14.02 -21.39
N THR C 262 -52.67 -12.70 -21.32
CA THR C 262 -51.58 -11.88 -20.82
C THR C 262 -52.16 -10.82 -19.89
N GLU C 263 -51.28 -10.02 -19.30
CA GLU C 263 -51.69 -9.09 -18.27
C GLU C 263 -52.48 -7.93 -18.86
N LEU C 264 -53.49 -7.47 -18.12
CA LEU C 264 -54.29 -6.31 -18.49
C LEU C 264 -53.65 -5.07 -17.89
N ASN C 265 -53.05 -4.24 -18.73
CA ASN C 265 -52.55 -2.93 -18.31
C ASN C 265 -53.55 -1.84 -18.70
N SER C 266 -53.27 -0.62 -18.26
CA SER C 266 -54.16 0.50 -18.57
C SER C 266 -54.27 0.70 -20.07
N GLU C 267 -53.17 0.49 -20.80
CA GLU C 267 -53.17 0.72 -22.24
C GLU C 267 -54.09 -0.25 -22.97
N LEU C 268 -54.02 -1.54 -22.63
CA LEU C 268 -54.84 -2.52 -23.34
C LEU C 268 -56.32 -2.32 -23.05
N ALA C 269 -56.67 -1.84 -21.85
CA ALA C 269 -58.04 -1.49 -21.57
C ALA C 269 -58.50 -0.27 -22.39
N LYS C 270 -57.55 0.61 -22.74
CA LYS C 270 -57.87 1.71 -23.63
C LYS C 270 -58.32 1.21 -25.00
N ALA C 271 -57.56 0.27 -25.57
CA ALA C 271 -57.88 -0.23 -26.90
C ALA C 271 -59.22 -0.96 -26.93
N MET C 272 -59.48 -1.80 -25.93
CA MET C 272 -60.65 -2.65 -25.93
C MET C 272 -61.84 -2.04 -25.18
N LYS C 273 -61.77 -0.76 -24.83
CA LYS C 273 -62.88 -0.04 -24.21
C LYS C 273 -63.29 -0.70 -22.89
N VAL C 274 -62.32 -0.93 -22.02
CA VAL C 274 -62.53 -1.69 -20.79
C VAL C 274 -62.40 -0.77 -19.59
N ASP C 275 -63.06 -1.17 -18.50
CA ASP C 275 -63.10 -0.36 -17.28
C ASP C 275 -61.83 -0.51 -16.45
N ALA C 276 -61.67 -1.65 -15.79
CA ALA C 276 -60.60 -1.83 -14.82
C ALA C 276 -59.24 -1.88 -15.49
N GLN C 277 -58.24 -1.30 -14.81
CA GLN C 277 -56.89 -1.17 -15.34
C GLN C 277 -56.00 -2.36 -14.99
N ARG C 278 -56.58 -3.48 -14.57
CA ARG C 278 -55.79 -4.62 -14.12
C ARG C 278 -56.68 -5.86 -14.13
N GLY C 279 -56.10 -6.98 -14.55
CA GLY C 279 -56.83 -8.23 -14.61
C GLY C 279 -56.21 -9.16 -15.63
N ALA C 280 -57.00 -10.14 -16.04
CA ALA C 280 -56.58 -11.18 -16.97
C ALA C 280 -57.31 -11.01 -18.29
N PHE C 281 -56.55 -10.71 -19.33
CA PHE C 281 -57.09 -10.57 -20.69
C PHE C 281 -56.94 -11.90 -21.41
N VAL C 282 -58.03 -12.37 -22.01
CA VAL C 282 -58.08 -13.69 -22.64
C VAL C 282 -57.60 -13.55 -24.08
N SER C 283 -56.48 -14.19 -24.39
CA SER C 283 -56.00 -14.21 -25.77
C SER C 283 -56.82 -15.17 -26.63
N GLN C 284 -57.06 -16.37 -26.13
CA GLN C 284 -57.77 -17.41 -26.88
C GLN C 284 -58.12 -18.59 -25.99
N VAL C 285 -59.39 -18.95 -25.94
CA VAL C 285 -59.78 -20.16 -25.21
C VAL C 285 -59.51 -21.38 -26.09
N LEU C 286 -59.38 -22.56 -25.44
CA LEU C 286 -58.98 -23.74 -26.20
C LEU C 286 -60.15 -24.71 -26.34
N PRO C 287 -60.18 -25.51 -27.41
CA PRO C 287 -61.30 -26.43 -27.62
C PRO C 287 -61.24 -27.60 -26.65
N ASN C 288 -62.41 -28.18 -26.41
CA ASN C 288 -62.60 -29.27 -25.45
C ASN C 288 -62.18 -28.89 -24.03
N SER C 289 -62.04 -27.59 -23.78
CA SER C 289 -61.72 -27.09 -22.46
C SER C 289 -62.98 -26.55 -21.79
N SER C 290 -63.02 -26.68 -20.45
CA SER C 290 -64.18 -26.22 -19.70
C SER C 290 -64.48 -24.75 -19.99
N ALA C 291 -63.45 -23.95 -20.24
CA ALA C 291 -63.66 -22.54 -20.56
C ALA C 291 -64.37 -22.38 -21.90
N ALA C 292 -64.00 -23.20 -22.89
CA ALA C 292 -64.76 -23.23 -24.14
C ALA C 292 -66.21 -23.63 -23.88
N LYS C 293 -66.41 -24.72 -23.13
CA LYS C 293 -67.76 -25.17 -22.79
C LYS C 293 -68.49 -24.15 -21.94
N ALA C 294 -67.79 -23.44 -21.06
CA ALA C 294 -68.44 -22.47 -20.19
C ALA C 294 -68.86 -21.21 -20.91
N GLY C 295 -68.54 -21.07 -22.19
CA GLY C 295 -68.90 -19.86 -22.90
C GLY C 295 -67.95 -18.70 -22.67
N ILE C 296 -66.71 -18.98 -22.29
CA ILE C 296 -65.69 -17.94 -22.23
C ILE C 296 -65.19 -17.71 -23.64
N LYS C 297 -65.32 -16.48 -24.12
CA LYS C 297 -64.88 -16.10 -25.45
C LYS C 297 -63.58 -15.31 -25.34
N ALA C 298 -62.81 -15.30 -26.42
CA ALA C 298 -61.61 -14.49 -26.45
C ALA C 298 -61.95 -13.01 -26.40
N GLY C 299 -60.98 -12.20 -26.01
CA GLY C 299 -61.20 -10.79 -25.83
C GLY C 299 -61.90 -10.42 -24.55
N ASP C 300 -62.41 -11.39 -23.79
CA ASP C 300 -62.96 -11.11 -22.49
C ASP C 300 -61.84 -10.86 -21.50
N VAL C 301 -62.20 -10.22 -20.38
CA VAL C 301 -61.24 -9.90 -19.33
C VAL C 301 -61.79 -10.42 -18.01
N ILE C 302 -61.06 -11.35 -17.39
CA ILE C 302 -61.42 -11.84 -16.07
C ILE C 302 -61.02 -10.78 -15.04
N THR C 303 -61.97 -10.42 -14.19
CA THR C 303 -61.75 -9.38 -13.19
C THR C 303 -61.71 -9.88 -11.77
N SER C 304 -62.51 -10.89 -11.43
CA SER C 304 -62.56 -11.44 -10.08
C SER C 304 -62.50 -12.95 -10.15
N LEU C 305 -62.41 -13.57 -8.98
CA LEU C 305 -62.39 -15.03 -8.87
C LEU C 305 -62.99 -15.39 -7.52
N ASN C 306 -64.17 -16.01 -7.54
CA ASN C 306 -64.87 -16.42 -6.31
C ASN C 306 -65.18 -15.23 -5.42
N GLY C 307 -65.50 -14.09 -6.05
CA GLY C 307 -65.83 -12.87 -5.36
C GLY C 307 -64.64 -12.01 -5.00
N LYS C 308 -63.47 -12.61 -4.81
CA LYS C 308 -62.27 -11.85 -4.55
C LYS C 308 -61.71 -11.32 -5.86
N PRO C 309 -61.56 -10.02 -6.04
CA PRO C 309 -60.97 -9.49 -7.27
C PRO C 309 -59.56 -10.03 -7.48
N ILE C 310 -59.19 -10.18 -8.74
CA ILE C 310 -57.86 -10.64 -9.09
C ILE C 310 -56.91 -9.45 -9.05
N SER C 311 -55.67 -9.71 -8.62
CA SER C 311 -54.67 -8.65 -8.64
C SER C 311 -54.01 -8.57 -10.01
N SER C 312 -53.70 -9.72 -10.60
CA SER C 312 -53.04 -9.78 -11.90
C SER C 312 -53.30 -11.14 -12.50
N PHE C 313 -52.87 -11.32 -13.75
CA PHE C 313 -52.90 -12.65 -14.33
C PHE C 313 -51.88 -13.56 -13.65
N ALA C 314 -50.69 -13.03 -13.35
CA ALA C 314 -49.67 -13.83 -12.67
C ALA C 314 -50.17 -14.35 -11.33
N ALA C 315 -51.00 -13.57 -10.64
CA ALA C 315 -51.67 -14.06 -9.44
C ALA C 315 -52.61 -15.21 -9.80
N LEU C 316 -53.48 -14.99 -10.79
CA LEU C 316 -54.49 -15.99 -11.13
C LEU C 316 -53.86 -17.29 -11.60
N ARG C 317 -52.82 -17.20 -12.44
CA ARG C 317 -52.12 -18.40 -12.89
C ARG C 317 -51.55 -19.17 -11.70
N ALA C 318 -51.03 -18.44 -10.71
CA ALA C 318 -50.51 -19.08 -9.50
C ALA C 318 -51.62 -19.56 -8.58
N GLN C 319 -52.70 -18.78 -8.46
CA GLN C 319 -53.83 -19.13 -7.61
C GLN C 319 -54.43 -20.48 -7.98
N VAL C 320 -55.07 -20.56 -9.15
CA VAL C 320 -55.74 -21.79 -9.55
C VAL C 320 -54.76 -22.87 -9.93
N GLY C 321 -53.49 -22.53 -10.20
CA GLY C 321 -52.48 -23.54 -10.45
C GLY C 321 -52.28 -24.50 -9.31
N THR C 322 -52.78 -24.17 -8.11
CA THR C 322 -52.67 -25.04 -6.94
C THR C 322 -53.97 -25.78 -6.62
N MET C 323 -55.11 -25.30 -7.11
CA MET C 323 -56.36 -25.96 -6.82
C MET C 323 -56.37 -27.36 -7.44
N PRO C 324 -56.88 -28.35 -6.72
CA PRO C 324 -56.83 -29.73 -7.23
C PRO C 324 -57.68 -29.90 -8.48
N VAL C 325 -57.34 -30.93 -9.26
CA VAL C 325 -58.05 -31.20 -10.51
C VAL C 325 -59.52 -31.46 -10.22
N GLY C 326 -60.39 -30.69 -10.87
CA GLY C 326 -61.81 -30.79 -10.67
C GLY C 326 -62.40 -29.74 -9.76
N SER C 327 -61.66 -28.68 -9.44
CA SER C 327 -62.14 -27.65 -8.53
C SER C 327 -63.19 -26.78 -9.23
N LYS C 328 -64.43 -26.87 -8.78
CA LYS C 328 -65.49 -26.01 -9.31
C LYS C 328 -65.34 -24.61 -8.72
N LEU C 329 -65.10 -23.62 -9.58
CA LEU C 329 -64.94 -22.24 -9.17
C LEU C 329 -65.91 -21.38 -9.97
N THR C 330 -65.93 -20.07 -9.64
CA THR C 330 -66.72 -19.08 -10.35
C THR C 330 -65.78 -17.96 -10.78
N LEU C 331 -66.12 -17.29 -11.89
CA LEU C 331 -65.25 -16.28 -12.45
C LEU C 331 -66.01 -14.98 -12.72
N GLY C 332 -65.33 -13.86 -12.52
CA GLY C 332 -65.86 -12.57 -12.91
C GLY C 332 -65.27 -12.11 -14.22
N LEU C 333 -66.11 -12.02 -15.25
CA LEU C 333 -65.68 -11.66 -16.59
C LEU C 333 -66.08 -10.22 -16.92
N LEU C 334 -65.49 -9.71 -18.01
CA LEU C 334 -65.85 -8.39 -18.51
C LEU C 334 -65.71 -8.44 -20.03
N ARG C 335 -66.83 -8.66 -20.71
CA ARG C 335 -66.89 -8.53 -22.16
C ARG C 335 -67.81 -7.37 -22.52
N ASP C 336 -67.27 -6.44 -23.31
CA ASP C 336 -68.02 -5.27 -23.78
C ASP C 336 -68.68 -4.54 -22.61
N GLY C 337 -67.89 -4.29 -21.57
CA GLY C 337 -68.32 -3.52 -20.42
C GLY C 337 -69.57 -4.03 -19.72
N LYS C 338 -69.83 -5.32 -19.79
CA LYS C 338 -70.98 -5.94 -19.15
C LYS C 338 -70.53 -7.05 -18.21
N GLN C 339 -71.12 -7.07 -17.02
CA GLN C 339 -70.74 -8.04 -15.99
C GLN C 339 -71.24 -9.42 -16.37
N VAL C 340 -70.32 -10.38 -16.46
CA VAL C 340 -70.64 -11.76 -16.83
C VAL C 340 -69.96 -12.68 -15.83
N ASN C 341 -70.75 -13.42 -15.05
CA ASN C 341 -70.23 -14.43 -14.13
C ASN C 341 -70.37 -15.79 -14.77
N VAL C 342 -69.31 -16.59 -14.72
CA VAL C 342 -69.32 -17.92 -15.29
C VAL C 342 -68.74 -18.91 -14.28
N ASN C 343 -69.41 -20.05 -14.12
CA ASN C 343 -68.93 -21.12 -13.27
C ASN C 343 -68.09 -22.10 -14.10
N LEU C 344 -67.20 -22.81 -13.43
CA LEU C 344 -66.21 -23.60 -14.13
C LEU C 344 -65.85 -24.83 -13.29
N GLU C 345 -64.95 -25.64 -13.84
CA GLU C 345 -64.53 -26.88 -13.21
C GLU C 345 -63.26 -27.33 -13.92
N LEU C 346 -62.18 -27.53 -13.16
CA LEU C 346 -60.89 -27.80 -13.76
C LEU C 346 -60.91 -29.12 -14.53
N GLN C 347 -60.00 -29.23 -15.50
CA GLN C 347 -59.94 -30.38 -16.38
C GLN C 347 -58.53 -30.91 -16.46
N GLN C 348 -58.40 -32.16 -16.93
CA GLN C 348 -57.12 -32.83 -16.99
C GLN C 348 -56.23 -32.21 -18.07
N SER C 349 -54.97 -32.64 -18.09
CA SER C 349 -54.00 -32.13 -19.04
C SER C 349 -53.69 -33.16 -20.12
N PHE C 360 -63.94 -49.11 -21.70
CA PHE C 360 -62.77 -48.55 -22.37
C PHE C 360 -61.54 -48.62 -21.49
N ASN C 361 -60.36 -48.54 -22.13
CA ASN C 361 -59.08 -48.57 -21.45
C ASN C 361 -57.94 -48.19 -22.40
N GLY C 362 -57.45 -46.95 -22.25
CA GLY C 362 -56.37 -46.46 -23.03
C GLY C 362 -55.07 -46.50 -22.25
N ILE C 363 -54.08 -47.18 -22.81
CA ILE C 363 -52.81 -47.43 -22.14
C ILE C 363 -51.70 -46.85 -22.99
N GLU C 364 -51.08 -45.77 -22.48
CA GLU C 364 -49.88 -45.19 -23.07
C GLU C 364 -50.08 -44.65 -24.48
N GLY C 365 -50.83 -43.56 -24.65
CA GLY C 365 -50.99 -42.99 -25.97
C GLY C 365 -51.76 -43.82 -26.97
N ALA C 366 -52.64 -44.71 -26.50
CA ALA C 366 -53.43 -45.57 -27.38
C ALA C 366 -54.74 -45.89 -26.69
N GLU C 367 -55.85 -45.63 -27.38
CA GLU C 367 -57.19 -45.81 -26.82
C GLU C 367 -57.77 -47.15 -27.25
N MET C 368 -58.30 -47.89 -26.28
CA MET C 368 -58.97 -49.16 -26.57
C MET C 368 -60.29 -49.24 -25.82
N SER C 369 -61.08 -50.25 -26.20
CA SER C 369 -62.35 -50.57 -25.55
C SER C 369 -62.66 -52.03 -25.86
N ASN C 370 -63.75 -52.54 -25.28
CA ASN C 370 -64.14 -53.92 -25.52
C ASN C 370 -64.58 -54.11 -26.98
N LYS C 371 -64.60 -55.36 -27.41
CA LYS C 371 -65.15 -55.70 -28.72
C LYS C 371 -66.01 -56.94 -28.62
N GLY C 372 -67.26 -56.82 -29.06
CA GLY C 372 -68.14 -57.96 -29.17
C GLY C 372 -68.25 -58.73 -27.88
N LYS C 373 -68.45 -60.04 -28.01
CA LYS C 373 -68.52 -60.96 -26.87
C LYS C 373 -67.25 -61.79 -26.88
N ASP C 374 -66.25 -61.33 -26.15
CA ASP C 374 -64.93 -61.96 -26.11
C ASP C 374 -64.35 -62.09 -27.52
N GLN C 375 -64.48 -61.01 -28.30
CA GLN C 375 -63.87 -60.91 -29.63
C GLN C 375 -62.52 -60.21 -29.60
N GLY C 376 -61.79 -60.33 -28.48
CA GLY C 376 -60.53 -59.64 -28.34
C GLY C 376 -60.70 -58.21 -27.86
N VAL C 377 -59.89 -57.30 -28.40
CA VAL C 377 -59.94 -55.89 -28.05
C VAL C 377 -59.81 -55.10 -29.35
N VAL C 378 -60.91 -54.46 -29.78
CA VAL C 378 -60.88 -53.67 -30.99
C VAL C 378 -60.08 -52.40 -30.74
N VAL C 379 -59.31 -51.98 -31.74
CA VAL C 379 -58.56 -50.73 -31.67
C VAL C 379 -59.45 -49.60 -32.14
N ASN C 380 -59.52 -48.53 -31.35
CA ASN C 380 -60.30 -47.36 -31.74
C ASN C 380 -59.52 -46.50 -32.73
N ASN C 381 -58.67 -45.63 -32.21
CA ASN C 381 -57.82 -44.78 -33.04
C ASN C 381 -56.72 -44.21 -32.15
N VAL C 382 -55.67 -43.69 -32.80
CA VAL C 382 -54.49 -43.19 -32.10
C VAL C 382 -54.11 -41.83 -32.68
N LYS C 383 -53.74 -40.91 -31.79
CA LYS C 383 -53.17 -39.65 -32.22
C LYS C 383 -51.76 -39.90 -32.76
N THR C 384 -51.48 -39.38 -33.95
CA THR C 384 -50.20 -39.64 -34.61
C THR C 384 -49.00 -39.12 -33.83
N GLY C 385 -49.22 -38.36 -32.76
CA GLY C 385 -48.12 -37.83 -31.97
C GLY C 385 -47.93 -38.54 -30.64
N THR C 386 -48.49 -39.75 -30.51
CA THR C 386 -48.30 -40.52 -29.29
C THR C 386 -47.20 -41.55 -29.47
N PRO C 387 -46.51 -41.94 -28.39
CA PRO C 387 -45.49 -43.00 -28.52
C PRO C 387 -46.07 -44.34 -28.93
N ALA C 388 -47.37 -44.55 -28.79
CA ALA C 388 -47.98 -45.79 -29.24
C ALA C 388 -48.28 -45.78 -30.73
N ALA C 389 -48.55 -44.59 -31.30
CA ALA C 389 -48.77 -44.49 -32.73
C ALA C 389 -47.49 -44.52 -33.53
N GLN C 390 -46.34 -44.29 -32.88
CA GLN C 390 -45.04 -44.38 -33.55
C GLN C 390 -44.58 -45.81 -33.75
N ILE C 391 -45.31 -46.80 -33.24
CA ILE C 391 -44.98 -48.21 -33.42
C ILE C 391 -45.94 -48.88 -34.40
N GLY C 392 -46.71 -48.09 -35.14
CA GLY C 392 -47.48 -48.62 -36.25
C GLY C 392 -48.88 -49.07 -35.94
N LEU C 393 -49.45 -48.65 -34.80
CA LEU C 393 -50.82 -49.01 -34.48
C LEU C 393 -51.77 -48.11 -35.25
N LYS C 394 -52.71 -48.72 -36.00
CA LYS C 394 -53.68 -48.00 -36.81
C LYS C 394 -55.09 -48.30 -36.33
N LYS C 395 -56.01 -47.40 -36.64
CA LYS C 395 -57.39 -47.56 -36.23
C LYS C 395 -58.01 -48.81 -36.83
N GLY C 396 -58.77 -49.55 -36.00
CA GLY C 396 -59.58 -50.65 -36.46
C GLY C 396 -59.04 -52.03 -36.13
N ASP C 397 -57.77 -52.13 -35.72
CA ASP C 397 -57.17 -53.43 -35.46
C ASP C 397 -57.86 -54.13 -34.29
N VAL C 398 -57.65 -55.44 -34.19
CA VAL C 398 -58.28 -56.27 -33.16
C VAL C 398 -57.25 -57.26 -32.66
N ILE C 399 -57.05 -57.29 -31.34
CA ILE C 399 -56.04 -58.13 -30.72
C ILE C 399 -56.70 -59.41 -30.22
N ILE C 400 -56.39 -60.53 -30.85
CA ILE C 400 -56.91 -61.82 -30.41
C ILE C 400 -56.03 -62.44 -29.32
N GLY C 401 -54.73 -62.16 -29.33
CA GLY C 401 -53.83 -62.68 -28.32
C GLY C 401 -52.54 -61.87 -28.28
N ALA C 402 -51.82 -62.02 -27.18
CA ALA C 402 -50.57 -61.29 -26.99
C ALA C 402 -49.61 -62.11 -26.15
N ASN C 403 -48.35 -62.19 -26.60
CA ASN C 403 -47.31 -62.95 -25.91
C ASN C 403 -47.70 -64.41 -25.72
N GLN C 404 -48.27 -65.00 -26.78
CA GLN C 404 -48.68 -66.41 -26.79
C GLN C 404 -49.71 -66.71 -25.71
N GLN C 405 -50.45 -65.69 -25.28
CA GLN C 405 -51.50 -65.84 -24.30
C GLN C 405 -52.78 -65.27 -24.87
N ALA C 406 -53.82 -66.09 -24.95
CA ALA C 406 -55.07 -65.70 -25.58
C ALA C 406 -55.74 -64.56 -24.82
N VAL C 407 -56.24 -63.57 -25.56
CA VAL C 407 -56.84 -62.37 -24.99
C VAL C 407 -58.30 -62.31 -25.42
N LYS C 408 -59.20 -62.34 -24.43
CA LYS C 408 -60.64 -62.22 -24.66
C LYS C 408 -61.11 -60.78 -24.60
N ASN C 409 -60.66 -60.04 -23.59
CA ASN C 409 -61.15 -58.70 -23.32
C ASN C 409 -59.96 -57.86 -22.86
N ILE C 410 -60.25 -56.70 -22.25
CA ILE C 410 -59.18 -55.85 -21.75
C ILE C 410 -58.67 -56.30 -20.39
N ALA C 411 -59.49 -57.00 -19.61
CA ALA C 411 -59.02 -57.55 -18.34
C ALA C 411 -57.91 -58.57 -18.52
N GLU C 412 -57.75 -59.13 -19.72
CA GLU C 412 -56.64 -60.00 -20.05
C GLU C 412 -55.52 -59.28 -20.78
N LEU C 413 -55.73 -58.02 -21.17
CA LEU C 413 -54.65 -57.15 -21.64
C LEU C 413 -53.84 -56.64 -20.46
N ARG C 414 -54.51 -56.07 -19.47
CA ARG C 414 -53.84 -55.51 -18.30
C ARG C 414 -53.43 -56.59 -17.31
N LYS C 415 -53.91 -57.82 -17.46
CA LYS C 415 -53.33 -58.95 -16.76
C LYS C 415 -52.04 -59.42 -17.43
N VAL C 416 -51.81 -59.02 -18.68
CA VAL C 416 -50.50 -59.24 -19.29
C VAL C 416 -49.53 -58.14 -18.87
N LEU C 417 -50.02 -56.90 -18.73
CA LEU C 417 -49.21 -55.85 -18.11
C LEU C 417 -49.10 -56.00 -16.60
N ASP C 418 -50.02 -56.73 -15.97
CA ASP C 418 -49.82 -57.14 -14.58
C ASP C 418 -48.61 -58.07 -14.46
N SER C 419 -48.33 -58.84 -15.50
CA SER C 419 -47.13 -59.67 -15.57
C SER C 419 -45.90 -58.89 -16.00
N LYS C 420 -46.08 -57.68 -16.56
CA LYS C 420 -45.00 -56.78 -16.97
C LYS C 420 -43.97 -57.49 -17.84
N PRO C 421 -44.27 -57.72 -19.12
CA PRO C 421 -43.25 -58.27 -20.02
C PRO C 421 -42.32 -57.18 -20.53
N SER C 422 -41.05 -57.56 -20.71
CA SER C 422 -40.06 -56.60 -21.18
C SER C 422 -40.40 -56.11 -22.59
N VAL C 423 -40.80 -57.03 -23.47
CA VAL C 423 -41.29 -56.70 -24.81
C VAL C 423 -42.70 -57.27 -24.93
N LEU C 424 -43.58 -56.53 -25.59
CA LEU C 424 -44.96 -56.94 -25.78
C LEU C 424 -45.15 -57.33 -27.23
N ALA C 425 -45.54 -58.59 -27.45
CA ALA C 425 -45.77 -59.13 -28.79
C ALA C 425 -47.27 -59.36 -28.95
N LEU C 426 -47.90 -58.56 -29.81
CA LEU C 426 -49.34 -58.58 -30.00
C LEU C 426 -49.70 -59.30 -31.30
N ASN C 427 -50.82 -60.03 -31.28
CA ASN C 427 -51.35 -60.69 -32.46
C ASN C 427 -52.62 -59.97 -32.91
N ILE C 428 -52.42 -58.78 -33.47
CA ILE C 428 -53.52 -57.95 -33.95
C ILE C 428 -53.91 -58.40 -35.35
N GLN C 429 -55.02 -57.88 -35.86
CA GLN C 429 -55.45 -58.14 -37.23
C GLN C 429 -55.86 -56.84 -37.89
N ARG C 430 -55.27 -56.55 -39.04
CA ARG C 430 -55.69 -55.45 -39.90
C ARG C 430 -56.09 -56.03 -41.26
N GLY C 431 -57.36 -55.89 -41.61
CA GLY C 431 -57.91 -56.58 -42.76
C GLY C 431 -57.98 -58.08 -42.50
N ASP C 432 -57.95 -58.84 -43.59
CA ASP C 432 -57.86 -60.29 -43.47
C ASP C 432 -56.48 -60.76 -43.04
N SER C 433 -55.55 -59.83 -42.82
CA SER C 433 -54.19 -60.18 -42.48
C SER C 433 -54.05 -60.47 -40.99
N THR C 434 -53.33 -61.55 -40.68
CA THR C 434 -52.89 -61.84 -39.32
C THR C 434 -51.44 -61.38 -39.21
N ILE C 435 -51.19 -60.39 -38.35
CA ILE C 435 -49.88 -59.78 -38.21
C ILE C 435 -49.48 -59.77 -36.74
N TYR C 436 -48.28 -59.26 -36.48
CA TYR C 436 -47.74 -59.08 -35.13
C TYR C 436 -47.13 -57.69 -35.02
N LEU C 437 -47.18 -57.14 -33.81
CA LEU C 437 -46.52 -55.87 -33.50
C LEU C 437 -45.81 -55.99 -32.16
N LEU C 438 -44.75 -55.22 -32.00
CA LEU C 438 -43.87 -55.33 -30.85
C LEU C 438 -43.75 -54.00 -30.12
N MET C 439 -43.38 -54.09 -28.85
CA MET C 439 -43.30 -52.93 -27.96
C MET C 439 -41.94 -52.87 -27.27
N GLN C 440 -41.64 -51.69 -26.74
CA GLN C 440 -40.46 -51.46 -25.91
C GLN C 440 -39.17 -51.85 -26.61
N GLN D 3 59.85 0.91 5.47
CA GLN D 3 59.10 1.93 6.19
C GLN D 3 57.97 2.50 5.31
N MET D 4 56.78 2.63 5.89
CA MET D 4 55.60 2.98 5.10
C MET D 4 55.03 4.32 5.51
N PRO D 5 54.46 5.07 4.56
CA PRO D 5 53.67 6.25 4.92
C PRO D 5 52.23 5.87 5.23
N SER D 6 51.60 6.69 6.06
CA SER D 6 50.26 6.37 6.54
C SER D 6 49.56 7.63 7.03
N LEU D 7 48.27 7.47 7.33
CA LEU D 7 47.44 8.52 7.92
C LEU D 7 47.07 8.22 9.36
N ALA D 8 47.53 7.09 9.91
CA ALA D 8 47.13 6.70 11.25
C ALA D 8 47.53 7.68 12.34
N PRO D 9 48.77 8.20 12.39
CA PRO D 9 49.13 9.10 13.51
C PRO D 9 48.31 10.39 13.53
N MET D 10 47.88 10.88 12.38
CA MET D 10 47.03 12.07 12.37
C MET D 10 45.61 11.74 12.84
N LEU D 11 45.08 10.59 12.42
CA LEU D 11 43.72 10.24 12.78
C LEU D 11 43.59 9.85 14.25
N GLU D 12 44.65 9.29 14.83
CA GLU D 12 44.58 8.92 16.24
C GLU D 12 44.43 10.14 17.15
N LYS D 13 44.81 11.32 16.67
CA LYS D 13 44.58 12.57 17.40
C LYS D 13 43.27 13.24 17.00
N VAL D 14 42.64 12.81 15.91
CA VAL D 14 41.49 13.52 15.35
C VAL D 14 40.18 12.73 15.50
N MET D 15 40.22 11.41 15.45
CA MET D 15 38.99 10.63 15.46
C MET D 15 38.18 10.74 16.75
N PRO D 16 38.81 10.89 17.94
CA PRO D 16 38.00 11.18 19.15
C PRO D 16 37.13 12.41 18.98
N SER D 17 37.49 13.29 18.05
CA SER D 17 36.73 14.52 17.87
C SER D 17 35.42 14.29 17.13
N VAL D 18 35.35 13.31 16.24
CA VAL D 18 34.15 13.04 15.46
C VAL D 18 33.26 12.06 16.23
N VAL D 19 31.95 12.35 16.25
CA VAL D 19 30.99 11.56 16.99
C VAL D 19 29.87 11.12 16.05
N SER D 20 29.19 10.06 16.45
CA SER D 20 27.99 9.59 15.77
C SER D 20 26.76 10.03 16.55
N ILE D 21 25.74 10.47 15.83
CA ILE D 21 24.56 11.09 16.43
C ILE D 21 23.36 10.21 16.17
N ASN D 22 22.43 10.20 17.13
CA ASN D 22 21.16 9.48 16.98
C ASN D 22 20.03 10.38 17.42
N VAL D 23 18.97 10.43 16.60
CA VAL D 23 17.89 11.40 16.73
C VAL D 23 16.56 10.66 16.71
N GLU D 24 15.64 11.07 17.59
CA GLU D 24 14.27 10.57 17.61
C GLU D 24 13.32 11.73 17.37
N GLY D 25 12.39 11.56 16.42
CA GLY D 25 11.47 12.62 16.09
C GLY D 25 10.04 12.18 15.87
N SER D 26 9.26 13.04 15.21
CA SER D 26 7.85 12.76 14.95
C SER D 26 7.33 13.69 13.88
N THR D 27 6.55 13.15 12.94
CA THR D 27 5.92 13.93 11.89
C THR D 27 4.84 13.11 11.17
N GLN D 74 3.48 10.18 11.84
CA GLN D 74 4.61 9.48 11.24
C GLN D 74 5.89 9.76 12.01
N LYS D 75 6.10 9.02 13.10
CA LYS D 75 7.30 9.20 13.91
C LYS D 75 8.51 8.65 13.18
N PHE D 76 9.67 9.28 13.43
CA PHE D 76 10.89 8.93 12.72
C PHE D 76 12.06 8.87 13.70
N MET D 77 13.16 8.28 13.23
CA MET D 77 14.44 8.24 13.92
C MET D 77 15.54 8.35 12.88
N ALA D 78 16.52 9.21 13.15
CA ALA D 78 17.57 9.51 12.19
C ALA D 78 18.95 9.27 12.81
N LEU D 79 19.93 8.98 11.96
CA LEU D 79 21.30 8.77 12.40
C LEU D 79 22.27 9.51 11.48
N GLY D 80 23.35 10.00 12.08
CA GLY D 80 24.35 10.75 11.34
C GLY D 80 25.59 10.95 12.18
N SER D 81 26.41 11.91 11.77
CA SER D 81 27.67 12.18 12.45
C SER D 81 27.70 13.61 12.96
N GLY D 82 28.66 13.88 13.83
CA GLY D 82 28.85 15.22 14.35
C GLY D 82 30.31 15.45 14.68
N VAL D 83 30.65 16.72 14.87
CA VAL D 83 32.02 17.15 15.09
C VAL D 83 32.06 18.02 16.34
N ILE D 84 32.86 17.62 17.32
CA ILE D 84 33.03 18.41 18.53
C ILE D 84 33.79 19.69 18.16
N ILE D 85 33.15 20.84 18.37
CA ILE D 85 33.79 22.12 18.12
C ILE D 85 34.52 22.58 19.37
N ASP D 86 33.78 22.77 20.45
CA ASP D 86 34.34 23.22 21.72
C ASP D 86 34.34 22.05 22.68
N ALA D 87 35.51 21.81 23.31
CA ALA D 87 35.68 20.64 24.15
C ALA D 87 34.99 20.81 25.51
N ASP D 88 35.27 21.91 26.20
CA ASP D 88 34.72 22.10 27.54
C ASP D 88 33.21 22.28 27.51
N LYS D 89 32.71 23.13 26.61
CA LYS D 89 31.29 23.44 26.56
C LYS D 89 30.46 22.31 25.96
N GLY D 90 31.07 21.43 25.16
CA GLY D 90 30.33 20.35 24.55
C GLY D 90 29.58 20.71 23.28
N TYR D 91 30.04 21.72 22.55
CA TYR D 91 29.41 22.09 21.30
C TYR D 91 29.77 21.08 20.22
N VAL D 92 28.75 20.52 19.57
CA VAL D 92 28.95 19.53 18.52
C VAL D 92 28.15 19.97 17.30
N VAL D 93 28.86 20.42 16.25
CA VAL D 93 28.21 20.85 15.02
C VAL D 93 27.79 19.64 14.21
N THR D 94 26.66 19.77 13.53
CA THR D 94 26.15 18.72 12.65
C THR D 94 25.31 19.37 11.57
N ASN D 95 24.72 18.55 10.71
CA ASN D 95 23.81 19.06 9.70
C ASN D 95 22.46 19.36 10.32
N ASN D 96 21.83 20.44 9.87
CA ASN D 96 20.49 20.76 10.37
C ASN D 96 19.48 19.75 9.87
N HIS D 97 19.64 19.28 8.64
CA HIS D 97 18.76 18.23 8.12
C HIS D 97 18.94 16.90 8.82
N VAL D 98 19.82 16.83 9.81
CA VAL D 98 20.01 15.62 10.60
C VAL D 98 19.17 15.64 11.86
N VAL D 99 19.06 16.82 12.48
CA VAL D 99 18.60 16.96 13.86
C VAL D 99 17.32 17.76 13.97
N ASP D 100 16.65 18.05 12.84
CA ASP D 100 15.40 18.77 12.88
C ASP D 100 14.25 17.87 13.33
N ASN D 101 13.29 18.47 14.03
CA ASN D 101 12.12 17.76 14.58
C ASN D 101 12.55 16.63 15.51
N ALA D 102 13.62 16.85 16.27
CA ALA D 102 14.22 15.83 17.13
C ALA D 102 13.70 15.98 18.55
N THR D 103 13.07 14.93 19.07
CA THR D 103 12.62 14.94 20.45
C THR D 103 13.72 14.49 21.40
N VAL D 104 14.43 13.42 21.05
CA VAL D 104 15.52 12.88 21.86
C VAL D 104 16.75 12.78 20.97
N ILE D 105 17.89 13.23 21.50
CA ILE D 105 19.16 13.24 20.77
C ILE D 105 20.24 12.68 21.68
N LYS D 106 20.80 11.54 21.29
CA LYS D 106 21.91 10.92 22.02
C LYS D 106 23.12 10.86 21.10
N VAL D 107 24.27 11.27 21.62
CA VAL D 107 25.52 11.33 20.87
C VAL D 107 26.46 10.27 21.41
N GLN D 108 27.05 9.48 20.52
CA GLN D 108 27.99 8.44 20.89
C GLN D 108 29.37 8.79 20.34
N LEU D 109 30.38 8.72 21.19
CA LEU D 109 31.75 9.08 20.83
C LEU D 109 32.38 7.95 20.01
N SER D 110 33.69 8.05 19.79
CA SER D 110 34.41 6.97 19.12
C SER D 110 34.61 5.77 20.03
N ASP D 111 34.77 6.01 21.34
CA ASP D 111 35.03 4.92 22.26
C ASP D 111 33.75 4.24 22.74
N GLY D 112 32.58 4.75 22.37
CA GLY D 112 31.32 4.13 22.74
C GLY D 112 30.57 4.80 23.87
N ARG D 113 31.14 5.83 24.49
CA ARG D 113 30.43 6.57 25.53
C ARG D 113 29.21 7.25 24.95
N LYS D 114 28.07 7.10 25.62
CA LYS D 114 26.85 7.78 25.23
C LYS D 114 26.67 9.06 26.03
N PHE D 115 26.08 10.06 25.38
CA PHE D 115 25.74 11.32 26.00
C PHE D 115 24.39 11.77 25.47
N ASP D 116 23.81 12.77 26.12
CA ASP D 116 22.56 13.37 25.68
C ASP D 116 22.84 14.81 25.28
N ALA D 117 22.32 15.22 24.13
CA ALA D 117 22.67 16.50 23.53
C ALA D 117 21.41 17.33 23.30
N LYS D 118 21.53 18.64 23.54
CA LYS D 118 20.44 19.58 23.37
C LYS D 118 20.69 20.47 22.17
N MET D 119 19.68 20.64 21.33
CA MET D 119 19.75 21.60 20.23
C MET D 119 20.05 23.00 20.77
N VAL D 120 20.82 23.76 20.01
CA VAL D 120 21.17 25.13 20.40
C VAL D 120 20.79 26.10 19.28
N GLY D 121 21.22 25.81 18.07
CA GLY D 121 20.91 26.66 16.93
C GLY D 121 20.73 25.85 15.67
N LYS D 122 20.07 26.46 14.69
CA LYS D 122 19.83 25.82 13.40
C LYS D 122 19.73 26.90 12.33
N ASP D 123 20.19 26.57 11.12
CA ASP D 123 20.23 27.53 10.01
C ASP D 123 20.06 26.77 8.71
N PRO D 124 18.81 26.51 8.31
CA PRO D 124 18.57 25.60 7.19
C PRO D 124 18.92 26.16 5.82
N ARG D 125 19.01 27.48 5.66
CA ARG D 125 19.46 28.03 4.37
C ARG D 125 20.86 27.57 4.03
N SER D 126 21.67 27.24 5.03
CA SER D 126 23.01 26.70 4.83
C SER D 126 23.19 25.29 5.39
N ASP D 127 22.21 24.77 6.11
CA ASP D 127 22.16 23.38 6.56
C ASP D 127 23.17 23.07 7.66
N ILE D 128 23.39 24.02 8.57
CA ILE D 128 24.29 23.82 9.70
C ILE D 128 23.47 24.02 10.98
N ALA D 129 23.49 23.03 11.85
CA ALA D 129 22.93 23.12 13.19
C ALA D 129 24.03 22.99 14.22
N LEU D 130 23.67 23.09 15.50
CA LEU D 130 24.63 22.97 16.57
C LEU D 130 23.92 22.41 17.80
N ILE D 131 24.51 21.40 18.42
CA ILE D 131 23.97 20.79 19.62
C ILE D 131 25.02 20.86 20.72
N GLN D 132 24.56 20.64 21.96
CA GLN D 132 25.42 20.76 23.13
C GLN D 132 25.27 19.52 24.00
N ILE D 133 26.40 18.84 24.27
CA ILE D 133 26.39 17.61 25.03
C ILE D 133 26.09 17.90 26.50
N GLN D 134 25.21 17.10 27.10
CA GLN D 134 24.91 17.24 28.52
C GLN D 134 25.96 16.54 29.36
N ASN D 135 26.39 17.23 30.43
CA ASN D 135 27.44 16.77 31.32
C ASN D 135 28.67 16.37 30.52
N PRO D 136 29.34 17.32 29.86
CA PRO D 136 30.53 16.97 29.08
C PRO D 136 31.66 16.53 30.00
N LYS D 137 32.26 15.39 29.69
CA LYS D 137 33.38 14.87 30.47
C LYS D 137 34.38 14.24 29.51
N ASN D 138 35.58 14.82 29.44
CA ASN D 138 36.68 14.24 28.68
C ASN D 138 36.35 14.10 27.21
N LEU D 139 36.36 15.22 26.48
CA LEU D 139 36.10 15.23 25.05
C LEU D 139 37.31 15.80 24.31
N THR D 140 37.28 15.69 22.99
CA THR D 140 38.34 16.18 22.12
C THR D 140 37.75 17.10 21.07
N ALA D 141 38.35 18.28 20.91
CA ALA D 141 37.93 19.27 19.92
C ALA D 141 38.85 19.23 18.71
N ILE D 142 38.36 19.78 17.61
CA ILE D 142 39.07 19.76 16.32
C ILE D 142 39.51 21.18 15.99
N LYS D 143 40.77 21.31 15.57
CA LYS D 143 41.25 22.59 15.08
C LYS D 143 40.70 22.83 13.68
N MET D 144 40.21 24.05 13.44
CA MET D 144 39.62 24.39 12.15
C MET D 144 40.58 25.32 11.42
N ALA D 145 41.12 24.84 10.31
CA ALA D 145 41.96 25.67 9.46
C ALA D 145 41.10 26.57 8.58
N ASP D 146 41.76 27.49 7.88
CA ASP D 146 41.06 28.39 6.98
C ASP D 146 40.71 27.64 5.70
N SER D 147 39.41 27.44 5.45
CA SER D 147 38.98 26.74 4.24
C SER D 147 39.33 27.50 2.97
N ASP D 148 39.50 28.82 3.05
CA ASP D 148 39.84 29.63 1.88
C ASP D 148 41.24 29.36 1.35
N ALA D 149 42.04 28.54 2.03
CA ALA D 149 43.34 28.11 1.53
C ALA D 149 43.25 26.84 0.70
N LEU D 150 42.09 26.20 0.64
CA LEU D 150 41.93 24.99 -0.15
C LEU D 150 42.07 25.28 -1.63
N ARG D 151 42.60 24.30 -2.36
CA ARG D 151 42.73 24.37 -3.80
C ARG D 151 42.37 23.01 -4.39
N VAL D 152 41.90 23.03 -5.63
CA VAL D 152 41.60 21.79 -6.32
C VAL D 152 42.90 21.00 -6.45
N GLY D 153 42.96 19.85 -5.77
CA GLY D 153 44.15 19.04 -5.81
C GLY D 153 44.61 18.58 -4.45
N ASP D 154 44.27 19.35 -3.42
CA ASP D 154 44.63 18.99 -2.05
C ASP D 154 43.98 17.67 -1.66
N TYR D 155 44.63 16.94 -0.76
CA TYR D 155 44.13 15.65 -0.30
C TYR D 155 43.21 15.84 0.88
N THR D 156 42.16 15.02 0.93
CA THR D 156 41.12 15.15 1.95
C THR D 156 40.88 13.79 2.62
N VAL D 157 40.52 13.84 3.90
CA VAL D 157 40.18 12.67 4.68
C VAL D 157 38.78 12.88 5.23
N ALA D 158 37.85 12.04 4.82
CA ALA D 158 36.46 12.13 5.24
C ALA D 158 36.20 11.18 6.40
N ILE D 159 35.57 11.69 7.45
CA ILE D 159 35.24 10.90 8.64
C ILE D 159 33.74 10.99 8.88
N GLY D 160 33.12 9.85 9.15
CA GLY D 160 31.70 9.81 9.40
C GLY D 160 31.26 8.45 9.91
N ASN D 161 29.96 8.19 9.75
CA ASN D 161 29.35 6.95 10.22
C ASN D 161 28.29 6.48 9.22
N PRO D 162 28.70 5.79 8.16
CA PRO D 162 27.73 5.29 7.17
C PRO D 162 27.02 4.05 7.69
N PHE D 163 25.69 4.11 7.71
CA PHE D 163 24.85 2.94 7.96
C PHE D 163 25.04 2.38 9.37
N GLY D 164 25.51 3.22 10.29
CA GLY D 164 25.62 2.83 11.68
C GLY D 164 26.70 1.79 11.89
N LEU D 165 27.55 1.60 10.88
CA LEU D 165 28.66 0.66 11.00
C LEU D 165 29.64 1.10 12.08
N GLY D 166 29.78 2.40 12.29
CA GLY D 166 30.78 2.95 13.17
C GLY D 166 31.57 4.04 12.48
N GLU D 167 32.58 4.53 13.19
CA GLU D 167 33.41 5.61 12.64
C GLU D 167 34.19 5.10 11.45
N THR D 168 33.90 5.65 10.27
CA THR D 168 34.50 5.20 9.02
C THR D 168 35.32 6.34 8.42
N VAL D 169 36.60 6.10 8.21
CA VAL D 169 37.52 7.07 7.62
C VAL D 169 37.72 6.72 6.15
N THR D 170 37.63 7.72 5.28
CA THR D 170 37.82 7.51 3.85
C THR D 170 38.75 8.57 3.30
N SER D 171 39.28 8.32 2.11
CA SER D 171 40.32 9.14 1.51
C SER D 171 39.88 9.69 0.17
N GLY D 172 40.33 10.90 -0.13
CA GLY D 172 39.99 11.54 -1.39
C GLY D 172 40.81 12.79 -1.59
N ILE D 173 40.41 13.57 -2.60
CA ILE D 173 41.03 14.86 -2.90
C ILE D 173 39.94 15.89 -3.11
N VAL D 174 40.33 17.16 -3.10
CA VAL D 174 39.41 18.25 -3.43
C VAL D 174 39.13 18.17 -4.92
N SER D 175 37.90 17.77 -5.28
CA SER D 175 37.54 17.68 -6.69
C SER D 175 37.31 19.07 -7.28
N ALA D 176 36.59 19.92 -6.58
CA ALA D 176 36.33 21.29 -7.03
C ALA D 176 35.81 22.09 -5.85
N LEU D 177 35.71 23.40 -6.05
CA LEU D 177 35.31 24.33 -5.00
C LEU D 177 34.23 25.27 -5.53
N GLY D 178 33.49 25.87 -4.60
CA GLY D 178 32.53 26.89 -4.96
C GLY D 178 31.29 26.39 -5.66
N ARG D 179 30.87 25.16 -5.38
CA ARG D 179 29.77 24.54 -6.11
C ARG D 179 28.43 24.84 -5.44
N SER D 180 27.42 25.07 -6.27
CA SER D 180 26.08 25.38 -5.78
C SER D 180 25.08 25.08 -6.89
N GLY D 181 23.83 24.83 -6.49
CA GLY D 181 22.78 24.56 -7.44
C GLY D 181 21.89 23.42 -7.05
N LEU D 182 22.33 22.60 -6.08
CA LEU D 182 21.50 21.51 -5.59
C LEU D 182 20.15 22.01 -5.11
N ASN D 183 20.15 23.11 -4.36
CA ASN D 183 18.95 23.77 -3.86
C ASN D 183 19.22 25.27 -3.99
N ALA D 184 18.87 25.82 -5.16
CA ALA D 184 19.32 27.15 -5.56
C ALA D 184 18.97 28.26 -4.56
N GLU D 185 18.09 28.00 -3.59
CA GLU D 185 17.82 28.98 -2.55
C GLU D 185 18.78 28.85 -1.37
N ASN D 186 19.34 27.66 -1.15
CA ASN D 186 20.25 27.45 -0.04
C ASN D 186 21.53 28.26 -0.21
N TYR D 187 22.18 28.55 0.91
CA TYR D 187 23.51 29.16 0.93
C TYR D 187 24.54 28.05 0.88
N GLU D 188 24.99 27.72 -0.33
CA GLU D 188 25.90 26.60 -0.53
C GLU D 188 27.13 27.07 -1.30
N ASN D 189 28.30 26.93 -0.68
CA ASN D 189 29.56 27.20 -1.33
C ASN D 189 30.38 25.91 -1.22
N PHE D 190 29.76 24.80 -1.66
CA PHE D 190 30.22 23.47 -1.30
C PHE D 190 31.63 23.18 -1.81
N ILE D 191 32.35 22.36 -1.04
CA ILE D 191 33.57 21.69 -1.47
C ILE D 191 33.17 20.38 -2.11
N GLN D 192 33.84 20.00 -3.19
CA GLN D 192 33.59 18.73 -3.84
C GLN D 192 34.78 17.81 -3.64
N THR D 193 34.51 16.57 -3.27
CA THR D 193 35.54 15.60 -2.95
C THR D 193 35.11 14.21 -3.42
N ASP D 194 36.05 13.45 -3.96
CA ASP D 194 35.83 12.07 -4.30
C ASP D 194 36.01 11.13 -3.11
N ALA D 195 36.18 11.68 -1.91
CA ALA D 195 36.26 10.85 -0.73
C ALA D 195 34.95 10.09 -0.55
N ALA D 196 35.07 8.82 -0.19
CA ALA D 196 33.89 7.96 -0.08
C ALA D 196 32.97 8.46 1.02
N ILE D 197 31.72 8.74 0.66
CA ILE D 197 30.74 9.34 1.57
C ILE D 197 29.38 8.74 1.24
N ASN D 198 28.77 8.07 2.23
CA ASN D 198 27.44 7.52 2.04
C ASN D 198 26.51 7.91 3.18
N ARG D 199 25.30 7.35 3.19
CA ARG D 199 24.26 7.77 4.14
C ARG D 199 24.74 7.59 5.57
N GLY D 200 24.89 8.70 6.29
CA GLY D 200 25.41 8.70 7.65
C GLY D 200 26.68 9.51 7.83
N ASN D 201 27.41 9.79 6.74
CA ASN D 201 28.60 10.62 6.83
C ASN D 201 28.25 12.07 7.12
N ALA D 202 26.98 12.46 6.91
CA ALA D 202 26.57 13.85 7.08
C ALA D 202 26.84 14.32 8.50
N GLY D 203 27.27 15.58 8.62
CA GLY D 203 27.73 16.11 9.88
C GLY D 203 29.12 15.67 10.25
N GLY D 204 29.78 14.87 9.41
CA GLY D 204 31.13 14.45 9.69
C GLY D 204 32.16 15.40 9.13
N ALA D 205 33.37 15.31 9.68
CA ALA D 205 34.42 16.26 9.39
C ALA D 205 35.18 15.88 8.12
N LEU D 206 35.52 16.89 7.33
CA LEU D 206 36.44 16.76 6.22
C LEU D 206 37.73 17.48 6.60
N VAL D 207 38.83 16.74 6.67
CA VAL D 207 40.08 17.27 7.21
C VAL D 207 41.18 17.11 6.17
N ASN D 208 42.19 17.97 6.28
CA ASN D 208 43.38 17.83 5.47
C ASN D 208 44.32 16.79 6.09
N LEU D 209 45.46 16.56 5.43
CA LEU D 209 46.41 15.56 5.92
C LEU D 209 47.01 15.93 7.28
N ASN D 210 46.66 17.07 7.86
CA ASN D 210 47.09 17.47 9.20
C ASN D 210 45.99 17.31 10.24
N GLY D 211 44.79 16.92 9.83
CA GLY D 211 43.68 16.72 10.75
C GLY D 211 42.92 17.97 11.12
N GLU D 212 43.20 19.10 10.46
CA GLU D 212 42.45 20.32 10.70
C GLU D 212 41.18 20.31 9.89
N LEU D 213 40.08 20.76 10.51
CA LEU D 213 38.78 20.72 9.86
C LEU D 213 38.75 21.68 8.69
N ILE D 214 38.44 21.17 7.50
CA ILE D 214 38.33 21.99 6.30
C ILE D 214 36.92 22.00 5.73
N GLY D 215 36.00 21.23 6.30
CA GLY D 215 34.64 21.24 5.83
C GLY D 215 33.82 20.17 6.54
N ILE D 216 32.51 20.40 6.56
CA ILE D 216 31.55 19.47 7.15
C ILE D 216 30.82 18.80 6.00
N ASN D 217 31.05 17.49 5.85
CA ASN D 217 30.36 16.72 4.82
C ASN D 217 28.85 16.88 4.96
N THR D 218 28.20 17.22 3.84
CA THR D 218 26.79 17.60 3.87
C THR D 218 25.94 16.65 3.03
N ALA D 219 26.15 16.59 1.73
CA ALA D 219 25.31 15.79 0.85
C ALA D 219 26.16 15.24 -0.28
N ILE D 220 25.60 14.27 -1.00
CA ILE D 220 26.26 13.66 -2.15
C ILE D 220 25.31 13.72 -3.34
N LEU D 221 25.86 13.50 -4.53
CA LEU D 221 25.06 13.28 -5.72
C LEU D 221 25.09 11.79 -6.01
N ALA D 222 23.94 11.14 -5.87
CA ALA D 222 23.86 9.71 -6.16
C ALA D 222 22.52 9.39 -6.80
N PRO D 223 22.50 9.07 -8.10
CA PRO D 223 21.27 8.59 -8.72
C PRO D 223 20.82 7.22 -8.21
N ASP D 224 21.62 6.56 -7.36
CA ASP D 224 21.25 5.29 -6.76
C ASP D 224 21.39 5.29 -5.25
N GLY D 225 21.64 6.44 -4.63
CA GLY D 225 21.81 6.51 -3.19
C GLY D 225 23.10 5.98 -2.65
N GLY D 226 23.96 5.39 -3.48
CA GLY D 226 25.27 4.93 -3.08
C GLY D 226 26.33 5.85 -3.66
N ASN D 227 27.44 5.98 -2.93
CA ASN D 227 28.48 6.92 -3.35
C ASN D 227 29.10 6.49 -4.68
N ILE D 228 29.19 7.45 -5.60
CA ILE D 228 29.88 7.26 -6.86
C ILE D 228 31.04 8.24 -7.00
N GLY D 229 31.55 8.74 -5.89
CA GLY D 229 32.74 9.58 -5.92
C GLY D 229 32.48 11.07 -5.93
N ILE D 230 31.32 11.51 -5.43
CA ILE D 230 30.95 12.91 -5.44
C ILE D 230 30.35 13.24 -4.07
N GLY D 231 31.11 13.95 -3.25
CA GLY D 231 30.64 14.40 -1.96
C GLY D 231 30.75 15.92 -1.85
N PHE D 232 29.92 16.50 -1.00
CA PHE D 232 29.86 17.94 -0.82
C PHE D 232 29.97 18.28 0.67
N ALA D 233 30.80 19.28 0.95
CA ALA D 233 31.06 19.74 2.32
C ALA D 233 31.00 21.26 2.37
N ILE D 234 30.37 21.76 3.41
CA ILE D 234 30.33 23.21 3.66
C ILE D 234 31.70 23.64 4.18
N PRO D 235 32.33 24.65 3.58
CA PRO D 235 33.66 25.06 4.01
C PRO D 235 33.71 25.37 5.50
N SER D 236 34.90 25.18 6.09
CA SER D 236 35.05 25.41 7.52
C SER D 236 34.85 26.87 7.87
N ASN D 237 35.13 27.79 6.93
CA ASN D 237 34.97 29.20 7.23
C ASN D 237 33.50 29.59 7.33
N MET D 238 32.62 28.96 6.54
CA MET D 238 31.20 29.19 6.70
C MET D 238 30.70 28.58 8.01
N VAL D 239 31.23 27.41 8.38
CA VAL D 239 30.89 26.81 9.66
C VAL D 239 31.46 27.64 10.81
N LYS D 240 32.71 28.09 10.67
CA LYS D 240 33.32 28.92 11.69
C LYS D 240 32.52 30.20 11.91
N ASN D 241 31.95 30.75 10.85
CA ASN D 241 31.17 31.98 10.96
C ASN D 241 29.75 31.72 11.44
N LEU D 242 29.19 30.55 11.15
CA LEU D 242 27.84 30.22 11.60
C LEU D 242 27.82 29.57 12.97
N THR D 243 28.88 28.85 13.35
CA THR D 243 28.96 28.33 14.71
C THR D 243 29.15 29.46 15.71
N SER D 244 29.96 30.47 15.35
CA SER D 244 30.20 31.60 16.25
C SER D 244 28.97 32.49 16.41
N GLN D 245 27.99 32.40 15.49
CA GLN D 245 26.77 33.17 15.66
C GLN D 245 25.76 32.46 16.55
N MET D 246 25.73 31.12 16.51
CA MET D 246 24.84 30.36 17.36
C MET D 246 25.32 30.30 18.81
N VAL D 247 26.59 30.59 19.07
CA VAL D 247 27.08 30.63 20.43
C VAL D 247 26.56 31.86 21.16
N GLU D 248 26.53 33.01 20.48
CA GLU D 248 26.16 34.26 21.14
C GLU D 248 24.64 34.43 21.21
N TYR D 249 23.94 34.22 20.09
CA TYR D 249 22.52 34.55 20.02
C TYR D 249 21.58 33.39 19.72
N GLY D 250 22.10 32.19 19.48
CA GLY D 250 21.21 31.04 19.34
C GLY D 250 20.60 30.92 17.96
N GLN D 251 20.57 32.01 17.21
CA GLN D 251 20.17 32.00 15.81
C GLN D 251 21.09 32.96 15.06
N VAL D 252 20.79 33.18 13.79
CA VAL D 252 21.68 33.92 12.90
C VAL D 252 21.12 35.31 12.64
N LYS D 253 21.97 36.32 12.80
CA LYS D 253 21.66 37.69 12.42
C LYS D 253 21.95 37.83 10.92
N ARG D 254 20.99 37.40 10.11
CA ARG D 254 21.12 37.41 8.66
C ARG D 254 21.28 38.82 8.12
N GLY D 255 22.52 39.23 7.86
CA GLY D 255 22.80 40.58 7.41
C GLY D 255 22.70 40.73 5.91
N GLU D 256 22.30 41.93 5.48
CA GLU D 256 22.17 42.27 4.07
C GLU D 256 22.99 43.51 3.77
N LEU D 257 23.71 43.48 2.64
CA LEU D 257 24.45 44.63 2.16
C LEU D 257 23.56 45.58 1.35
N GLY D 258 22.88 45.04 0.34
CA GLY D 258 21.92 45.82 -0.41
C GLY D 258 22.22 45.99 -1.88
N ILE D 259 22.62 44.91 -2.54
CA ILE D 259 22.82 44.90 -3.99
C ILE D 259 22.16 43.66 -4.57
N MET D 260 21.46 43.84 -5.68
CA MET D 260 20.89 42.75 -6.46
C MET D 260 21.82 42.41 -7.60
N GLY D 261 21.70 41.18 -8.11
CA GLY D 261 22.53 40.78 -9.22
C GLY D 261 22.30 39.33 -9.61
N THR D 262 23.13 38.89 -10.54
CA THR D 262 23.07 37.53 -11.07
C THR D 262 24.46 37.14 -11.57
N GLU D 263 24.60 35.87 -11.94
CA GLU D 263 25.91 35.31 -12.28
C GLU D 263 26.50 36.02 -13.49
N LEU D 264 27.83 36.04 -13.54
CA LEU D 264 28.56 36.62 -14.67
C LEU D 264 29.08 35.47 -15.52
N ASN D 265 28.45 35.26 -16.68
CA ASN D 265 28.85 34.20 -17.59
C ASN D 265 29.88 34.76 -18.58
N SER D 266 30.25 33.97 -19.59
CA SER D 266 31.16 34.44 -20.62
C SER D 266 30.48 35.32 -21.66
N GLU D 267 29.17 35.16 -21.83
CA GLU D 267 28.45 35.98 -22.81
C GLU D 267 28.25 37.41 -22.31
N LEU D 268 27.95 37.57 -21.01
CA LEU D 268 27.68 38.89 -20.47
C LEU D 268 28.94 39.74 -20.41
N ALA D 269 30.10 39.12 -20.16
CA ALA D 269 31.36 39.86 -20.16
C ALA D 269 31.77 40.31 -21.57
N LYS D 270 31.30 39.61 -22.60
CA LYS D 270 31.50 40.09 -23.96
C LYS D 270 30.62 41.32 -24.24
N ALA D 271 29.40 41.32 -23.72
CA ALA D 271 28.51 42.46 -23.91
C ALA D 271 28.99 43.67 -23.11
N MET D 272 29.34 43.45 -21.84
CA MET D 272 29.86 44.51 -20.98
C MET D 272 31.32 44.82 -21.24
N LYS D 273 31.93 44.18 -22.24
CA LYS D 273 33.35 44.30 -22.55
C LYS D 273 34.19 44.39 -21.27
N VAL D 274 33.88 43.49 -20.33
CA VAL D 274 34.62 43.34 -19.08
C VAL D 274 35.63 42.20 -19.24
N ASP D 275 36.79 42.36 -18.61
CA ASP D 275 37.86 41.39 -18.76
C ASP D 275 37.49 40.05 -18.12
N ALA D 276 37.17 40.07 -16.82
CA ALA D 276 36.95 38.84 -16.08
C ALA D 276 35.70 38.10 -16.55
N GLN D 277 35.80 36.79 -16.66
CA GLN D 277 34.71 35.94 -17.12
C GLN D 277 33.94 35.28 -15.99
N ARG D 278 34.14 35.74 -14.75
CA ARG D 278 33.36 35.18 -13.64
C ARG D 278 33.41 36.16 -12.47
N GLY D 279 32.32 36.18 -11.73
CA GLY D 279 32.20 37.08 -10.59
C GLY D 279 30.74 37.42 -10.35
N ALA D 280 30.53 38.47 -9.56
CA ALA D 280 29.20 38.94 -9.21
C ALA D 280 28.89 40.20 -10.00
N PHE D 281 27.80 40.16 -10.77
CA PHE D 281 27.39 41.27 -11.62
C PHE D 281 26.29 42.05 -10.93
N VAL D 282 26.53 43.34 -10.69
CA VAL D 282 25.59 44.18 -9.94
C VAL D 282 24.52 44.66 -10.92
N SER D 283 23.36 44.00 -10.89
CA SER D 283 22.24 44.44 -11.73
C SER D 283 21.67 45.77 -11.25
N GLN D 284 21.66 46.00 -9.93
CA GLN D 284 21.13 47.22 -9.34
C GLN D 284 21.58 47.26 -7.89
N VAL D 285 21.55 48.45 -7.31
CA VAL D 285 21.80 48.64 -5.88
C VAL D 285 20.52 49.16 -5.24
N LEU D 286 20.20 48.63 -4.07
CA LEU D 286 19.03 49.11 -3.37
C LEU D 286 19.32 50.46 -2.73
N PRO D 287 18.38 51.40 -2.77
CA PRO D 287 18.58 52.67 -2.08
C PRO D 287 18.53 52.48 -0.57
N ASN D 288 19.23 53.38 0.14
CA ASN D 288 19.31 53.40 1.60
C ASN D 288 20.03 52.19 2.18
N SER D 289 20.86 51.53 1.38
CA SER D 289 21.64 50.39 1.85
C SER D 289 23.07 50.80 2.14
N SER D 290 23.67 50.15 3.15
CA SER D 290 25.07 50.42 3.47
C SER D 290 25.97 50.24 2.25
N ALA D 291 25.66 49.26 1.41
CA ALA D 291 26.41 49.08 0.17
C ALA D 291 26.27 50.28 -0.74
N ALA D 292 25.05 50.80 -0.88
CA ALA D 292 24.85 52.03 -1.65
C ALA D 292 25.59 53.20 -1.00
N LYS D 293 25.68 53.21 0.34
CA LYS D 293 26.46 54.24 1.02
C LYS D 293 27.94 54.17 0.69
N ALA D 294 28.45 53.02 0.25
CA ALA D 294 29.87 52.82 0.04
C ALA D 294 30.35 53.25 -1.34
N GLY D 295 29.46 53.34 -2.32
CA GLY D 295 29.85 53.76 -3.65
C GLY D 295 29.90 52.62 -4.65
N ILE D 296 28.78 51.90 -4.78
CA ILE D 296 28.68 50.75 -5.66
C ILE D 296 27.69 51.11 -6.77
N LYS D 297 28.18 51.17 -8.00
CA LYS D 297 27.35 51.45 -9.16
C LYS D 297 26.81 50.16 -9.74
N ALA D 298 25.62 50.24 -10.34
CA ALA D 298 25.08 49.10 -11.06
C ALA D 298 25.90 48.86 -12.32
N GLY D 299 25.94 47.59 -12.75
CA GLY D 299 26.77 47.20 -13.86
C GLY D 299 28.19 46.85 -13.50
N ASP D 300 28.61 47.10 -12.27
CA ASP D 300 29.95 46.74 -11.82
C ASP D 300 30.04 45.25 -11.54
N VAL D 301 31.24 44.71 -11.71
CA VAL D 301 31.53 43.30 -11.45
C VAL D 301 32.36 43.20 -10.19
N ILE D 302 31.99 42.29 -9.30
CA ILE D 302 32.77 41.98 -8.11
C ILE D 302 33.68 40.81 -8.43
N THR D 303 34.96 40.93 -8.02
CA THR D 303 35.95 39.90 -8.30
C THR D 303 36.62 39.33 -7.06
N SER D 304 36.71 40.08 -5.97
CA SER D 304 37.38 39.57 -4.78
C SER D 304 36.67 40.08 -3.53
N LEU D 305 36.86 39.33 -2.44
CA LEU D 305 36.36 39.68 -1.11
C LEU D 305 37.46 39.35 -0.12
N ASN D 306 37.88 40.34 0.67
CA ASN D 306 39.00 40.18 1.60
C ASN D 306 40.25 39.69 0.86
N GLY D 307 40.37 40.07 -0.41
CA GLY D 307 41.42 39.60 -1.28
C GLY D 307 41.14 38.28 -1.96
N LYS D 308 40.24 37.47 -1.40
CA LYS D 308 40.01 36.13 -1.93
C LYS D 308 39.22 36.21 -3.24
N PRO D 309 39.70 35.58 -4.31
CA PRO D 309 38.92 35.59 -5.55
C PRO D 309 37.57 34.91 -5.37
N ILE D 310 36.62 35.30 -6.21
CA ILE D 310 35.23 34.87 -6.11
C ILE D 310 34.96 33.87 -7.22
N SER D 311 34.56 32.65 -6.85
CA SER D 311 34.25 31.62 -7.84
C SER D 311 32.94 31.91 -8.54
N SER D 312 31.94 32.39 -7.80
CA SER D 312 30.63 32.65 -8.40
C SER D 312 29.82 33.55 -7.48
N PHE D 313 28.78 34.15 -8.06
CA PHE D 313 27.83 34.96 -7.30
C PHE D 313 27.17 34.15 -6.20
N ALA D 314 26.64 32.96 -6.55
CA ALA D 314 26.01 32.11 -5.53
C ALA D 314 27.00 31.69 -4.46
N ALA D 315 28.29 31.61 -4.80
CA ALA D 315 29.30 31.39 -3.77
C ALA D 315 29.49 32.63 -2.92
N LEU D 316 29.68 33.79 -3.55
CA LEU D 316 29.82 35.03 -2.80
C LEU D 316 28.59 35.28 -1.94
N ARG D 317 27.39 35.05 -2.49
CA ARG D 317 26.17 35.18 -1.70
C ARG D 317 26.19 34.25 -0.50
N ALA D 318 26.71 33.02 -0.69
CA ALA D 318 26.76 32.07 0.40
C ALA D 318 27.86 32.42 1.39
N GLN D 319 28.98 32.98 0.91
CA GLN D 319 30.06 33.38 1.80
C GLN D 319 29.58 34.44 2.79
N VAL D 320 28.92 35.49 2.29
CA VAL D 320 28.47 36.57 3.16
C VAL D 320 27.13 36.28 3.80
N GLY D 321 26.40 35.28 3.29
CA GLY D 321 25.16 34.88 3.96
C GLY D 321 25.37 34.32 5.35
N THR D 322 26.62 34.14 5.77
CA THR D 322 26.96 33.60 7.08
C THR D 322 27.54 34.63 8.04
N MET D 323 28.15 35.70 7.53
CA MET D 323 28.85 36.63 8.40
C MET D 323 27.83 37.49 9.17
N PRO D 324 28.12 37.83 10.43
CA PRO D 324 27.13 38.55 11.24
C PRO D 324 27.01 40.01 10.82
N VAL D 325 25.92 40.64 11.26
CA VAL D 325 25.65 42.04 10.91
C VAL D 325 26.79 42.92 11.40
N GLY D 326 27.31 43.76 10.50
CA GLY D 326 28.37 44.68 10.85
C GLY D 326 29.77 44.20 10.55
N SER D 327 29.93 43.05 9.90
CA SER D 327 31.25 42.54 9.57
C SER D 327 31.91 43.44 8.53
N LYS D 328 33.05 44.02 8.89
CA LYS D 328 33.81 44.82 7.93
C LYS D 328 34.56 43.90 6.97
N LEU D 329 34.52 44.24 5.69
CA LEU D 329 35.14 43.42 4.65
C LEU D 329 35.57 44.31 3.50
N THR D 330 36.47 43.78 2.68
CA THR D 330 37.00 44.48 1.53
C THR D 330 36.58 43.77 0.24
N LEU D 331 36.37 44.55 -0.81
CA LEU D 331 35.85 44.04 -2.07
C LEU D 331 36.69 44.54 -3.24
N GLY D 332 36.97 43.64 -4.18
CA GLY D 332 37.59 44.01 -5.44
C GLY D 332 36.55 44.08 -6.53
N LEU D 333 36.55 45.18 -7.27
CA LEU D 333 35.53 45.47 -8.27
C LEU D 333 36.18 45.72 -9.63
N LEU D 334 35.33 45.75 -10.65
CA LEU D 334 35.76 46.07 -12.01
C LEU D 334 34.61 46.82 -12.68
N ARG D 335 34.67 48.15 -12.64
CA ARG D 335 33.73 49.01 -13.35
C ARG D 335 34.48 49.78 -14.42
N ASP D 336 34.13 49.53 -15.68
CA ASP D 336 34.77 50.16 -16.84
C ASP D 336 36.26 49.83 -16.90
N GLY D 337 36.59 48.57 -16.68
CA GLY D 337 37.98 48.14 -16.67
C GLY D 337 38.85 48.74 -15.59
N LYS D 338 38.27 49.39 -14.58
CA LYS D 338 39.03 49.98 -13.48
C LYS D 338 38.81 49.18 -12.21
N GLN D 339 39.89 48.98 -11.44
CA GLN D 339 39.80 48.27 -10.17
C GLN D 339 39.30 49.22 -9.08
N VAL D 340 38.33 48.76 -8.30
CA VAL D 340 37.73 49.56 -7.24
C VAL D 340 37.70 48.73 -5.96
N ASN D 341 38.19 49.32 -4.87
CA ASN D 341 38.20 48.68 -3.56
C ASN D 341 37.37 49.51 -2.59
N VAL D 342 36.56 48.84 -1.78
CA VAL D 342 35.67 49.53 -0.86
C VAL D 342 35.42 48.63 0.34
N ASN D 343 35.29 49.24 1.51
CA ASN D 343 34.93 48.53 2.74
C ASN D 343 33.47 48.79 3.08
N LEU D 344 32.90 47.88 3.86
CA LEU D 344 31.44 47.89 4.06
C LEU D 344 31.09 47.32 5.43
N GLU D 345 29.78 47.23 5.66
CA GLU D 345 29.21 46.95 6.97
C GLU D 345 27.75 46.59 6.74
N LEU D 346 27.29 45.53 7.38
CA LEU D 346 25.96 45.01 7.11
C LEU D 346 24.89 45.89 7.74
N GLN D 347 23.71 45.87 7.13
CA GLN D 347 22.48 46.40 7.71
C GLN D 347 21.56 45.23 8.06
N GLN D 348 20.44 45.54 8.67
CA GLN D 348 19.47 44.52 9.00
C GLN D 348 18.41 44.42 7.90
N SER D 349 17.66 43.31 7.94
CA SER D 349 16.67 43.02 6.91
C SER D 349 15.26 42.90 7.50
N VAL D 354 7.37 39.70 4.99
CA VAL D 354 7.24 38.63 5.96
C VAL D 354 6.03 37.75 5.65
N ASP D 355 6.27 36.49 5.34
CA ASP D 355 5.21 35.57 4.97
C ASP D 355 4.30 35.28 6.18
N SER D 356 3.08 34.84 5.88
CA SER D 356 2.23 34.25 6.90
C SER D 356 2.74 32.88 7.32
N SER D 357 3.52 32.22 6.45
CA SER D 357 4.22 30.98 6.80
C SER D 357 5.49 31.25 7.61
N SER D 358 5.91 32.50 7.75
CA SER D 358 6.91 32.90 8.71
C SER D 358 6.29 33.20 10.07
N ILE D 359 5.02 32.83 10.27
CA ILE D 359 4.27 33.09 11.49
C ILE D 359 3.35 31.90 11.77
N PHE D 360 3.09 31.09 10.74
CA PHE D 360 2.20 29.94 10.86
C PHE D 360 2.84 28.60 10.53
N ASN D 361 3.72 28.54 9.52
CA ASN D 361 4.21 27.31 8.91
C ASN D 361 3.09 26.56 8.19
N GLY D 362 2.99 26.76 6.88
CA GLY D 362 1.99 26.11 6.05
C GLY D 362 1.00 27.06 5.39
N ILE D 363 1.01 28.33 5.74
CA ILE D 363 0.04 29.31 5.23
C ILE D 363 0.84 30.34 4.43
N GLU D 364 0.88 30.16 3.11
CA GLU D 364 1.65 31.02 2.22
C GLU D 364 0.72 32.01 1.51
N GLY D 365 1.32 32.90 0.72
CA GLY D 365 0.57 33.85 -0.08
C GLY D 365 -0.25 34.84 0.72
N ALA D 366 0.32 35.39 1.79
CA ALA D 366 -0.34 36.43 2.57
C ALA D 366 0.75 37.16 3.36
N GLU D 367 1.20 38.29 2.84
CA GLU D 367 2.26 39.07 3.45
C GLU D 367 1.66 40.00 4.49
N MET D 368 2.08 39.83 5.74
CA MET D 368 1.52 40.58 6.86
C MET D 368 2.63 41.18 7.70
N SER D 369 2.23 42.05 8.63
CA SER D 369 3.15 42.74 9.53
C SER D 369 2.30 43.46 10.59
N ASN D 370 2.96 44.25 11.42
CA ASN D 370 2.27 45.07 12.40
C ASN D 370 1.68 46.32 11.74
N LYS D 371 0.83 47.01 12.50
CA LYS D 371 0.18 48.22 12.03
C LYS D 371 0.29 49.30 13.10
N GLY D 372 0.86 50.44 12.73
CA GLY D 372 0.92 51.59 13.62
C GLY D 372 1.62 51.29 14.93
N LYS D 373 1.10 51.87 16.01
CA LYS D 373 1.61 51.66 17.36
C LYS D 373 0.60 50.77 18.08
N ASP D 374 0.76 49.45 17.90
CA ASP D 374 -0.08 48.44 18.54
C ASP D 374 -1.54 48.59 18.10
N GLN D 375 -1.77 48.46 16.79
CA GLN D 375 -3.09 48.61 16.21
C GLN D 375 -3.52 47.39 15.42
N GLY D 376 -2.87 46.26 15.61
CA GLY D 376 -3.25 45.01 14.98
C GLY D 376 -2.27 44.58 13.90
N VAL D 377 -2.49 43.37 13.42
CA VAL D 377 -1.67 42.78 12.37
C VAL D 377 -2.36 43.02 11.03
N VAL D 378 -1.80 43.93 10.23
CA VAL D 378 -2.39 44.26 8.94
C VAL D 378 -1.94 43.25 7.90
N VAL D 379 -2.84 42.94 6.96
CA VAL D 379 -2.55 42.07 5.83
C VAL D 379 -2.22 42.96 4.64
N ASN D 380 -1.00 42.83 4.13
CA ASN D 380 -0.51 43.76 3.12
C ASN D 380 -0.93 43.34 1.73
N ASN D 381 -0.67 42.09 1.35
CA ASN D 381 -1.06 41.60 0.04
C ASN D 381 -1.31 40.10 0.13
N VAL D 382 -2.30 39.64 -0.63
CA VAL D 382 -2.70 38.24 -0.65
C VAL D 382 -2.81 37.78 -2.11
N LYS D 383 -2.27 36.60 -2.39
CA LYS D 383 -2.36 35.99 -3.71
C LYS D 383 -3.53 35.01 -3.74
N THR D 384 -4.19 34.93 -4.90
CA THR D 384 -5.38 34.10 -5.05
C THR D 384 -5.02 32.62 -4.93
N GLY D 385 -5.83 31.87 -4.19
CA GLY D 385 -5.60 30.45 -4.06
C GLY D 385 -4.42 30.05 -3.20
N THR D 386 -4.09 30.86 -2.20
CA THR D 386 -3.00 30.57 -1.28
C THR D 386 -3.54 30.18 0.08
N PRO D 387 -2.77 29.42 0.88
CA PRO D 387 -3.33 28.81 2.10
C PRO D 387 -3.98 29.79 3.08
N ALA D 388 -3.82 31.10 2.91
CA ALA D 388 -4.55 32.07 3.72
C ALA D 388 -5.86 32.50 3.07
N ALA D 389 -5.85 32.75 1.76
CA ALA D 389 -7.06 33.15 1.05
C ALA D 389 -8.11 32.04 0.99
N GLN D 390 -7.74 30.80 1.29
CA GLN D 390 -8.71 29.71 1.37
C GLN D 390 -9.58 29.79 2.61
N ILE D 391 -9.13 30.51 3.65
CA ILE D 391 -9.91 30.67 4.87
C ILE D 391 -10.62 32.02 4.95
N GLY D 392 -10.14 33.04 4.22
CA GLY D 392 -10.83 34.32 4.18
C GLY D 392 -9.99 35.55 4.43
N LEU D 393 -8.66 35.41 4.49
CA LEU D 393 -7.77 36.54 4.72
C LEU D 393 -7.60 37.34 3.42
N LYS D 394 -8.11 38.56 3.42
CA LYS D 394 -8.01 39.46 2.28
C LYS D 394 -6.97 40.54 2.56
N LYS D 395 -6.57 41.23 1.49
CA LYS D 395 -5.56 42.28 1.60
C LYS D 395 -6.15 43.52 2.25
N GLY D 396 -5.51 43.98 3.33
CA GLY D 396 -5.94 45.15 4.06
C GLY D 396 -6.58 44.85 5.40
N ASP D 397 -6.88 43.58 5.67
CA ASP D 397 -7.52 43.21 6.92
C ASP D 397 -6.64 43.58 8.11
N VAL D 398 -7.27 44.13 9.14
CA VAL D 398 -6.57 44.56 10.35
C VAL D 398 -6.97 43.59 11.45
N ILE D 399 -6.06 42.66 11.77
CA ILE D 399 -6.33 41.62 12.76
C ILE D 399 -6.44 42.29 14.13
N ILE D 400 -7.65 42.34 14.68
CA ILE D 400 -7.89 43.06 15.93
C ILE D 400 -7.73 42.16 17.15
N GLY D 401 -8.22 40.92 17.08
CA GLY D 401 -8.17 40.05 18.23
C GLY D 401 -8.38 38.60 17.86
N ALA D 402 -8.32 37.74 18.87
CA ALA D 402 -8.47 36.31 18.66
C ALA D 402 -8.83 35.64 19.99
N ASN D 403 -9.86 34.80 19.96
CA ASN D 403 -10.31 34.03 21.13
C ASN D 403 -10.46 34.92 22.37
N GLN D 404 -11.17 36.04 22.17
CA GLN D 404 -11.60 36.94 23.25
C GLN D 404 -10.42 37.65 23.91
N GLN D 405 -9.34 37.86 23.17
CA GLN D 405 -8.22 38.66 23.64
C GLN D 405 -7.69 39.51 22.50
N ALA D 406 -7.27 40.73 22.82
CA ALA D 406 -6.88 41.69 21.80
C ALA D 406 -5.55 41.32 21.16
N VAL D 407 -5.44 41.60 19.87
CA VAL D 407 -4.23 41.40 19.08
C VAL D 407 -3.78 42.77 18.57
N LYS D 408 -2.69 43.28 19.13
CA LYS D 408 -2.18 44.59 18.76
C LYS D 408 -0.96 44.53 17.84
N ASN D 409 -0.24 43.41 17.83
CA ASN D 409 0.97 43.27 17.04
C ASN D 409 1.28 41.79 16.87
N ILE D 410 2.36 41.49 16.15
CA ILE D 410 2.81 40.12 15.95
C ILE D 410 3.21 39.45 17.27
N ALA D 411 3.48 40.26 18.31
CA ALA D 411 3.86 39.75 19.63
C ALA D 411 2.64 39.30 20.43
N GLU D 412 1.62 40.16 20.59
CA GLU D 412 0.42 39.75 21.32
C GLU D 412 -0.32 38.64 20.60
N LEU D 413 -0.20 38.58 19.27
CA LEU D 413 -0.77 37.48 18.51
C LEU D 413 -0.17 36.15 18.93
N ARG D 414 1.16 36.09 19.05
CA ARG D 414 1.88 34.87 19.40
C ARG D 414 1.76 34.50 20.87
N LYS D 415 1.03 35.26 21.68
CA LYS D 415 0.82 34.88 23.07
C LYS D 415 -0.24 33.79 23.21
N VAL D 416 -1.18 33.74 22.28
CA VAL D 416 -2.21 32.71 22.28
C VAL D 416 -1.99 31.67 21.19
N LEU D 417 -1.28 32.01 20.11
CA LEU D 417 -0.85 31.00 19.15
C LEU D 417 -0.08 29.89 19.83
N ASP D 418 0.95 30.24 20.59
CA ASP D 418 1.74 29.30 21.36
C ASP D 418 0.97 28.70 22.53
N SER D 419 -0.16 29.30 22.92
CA SER D 419 -1.08 28.65 23.83
C SER D 419 -1.81 27.48 23.17
N LYS D 420 -1.63 27.30 21.85
CA LYS D 420 -2.19 26.23 21.02
C LYS D 420 -3.63 25.91 21.38
N PRO D 421 -4.59 26.70 20.91
CA PRO D 421 -5.99 26.33 21.07
C PRO D 421 -6.43 25.39 19.95
N SER D 422 -7.46 24.60 20.25
CA SER D 422 -7.97 23.64 19.28
C SER D 422 -8.44 24.35 18.01
N VAL D 423 -9.47 25.18 18.13
CA VAL D 423 -9.97 25.98 17.03
C VAL D 423 -9.62 27.44 17.30
N LEU D 424 -9.25 28.16 16.26
CA LEU D 424 -8.83 29.55 16.37
C LEU D 424 -9.87 30.46 15.73
N ALA D 425 -10.07 31.63 16.32
CA ALA D 425 -11.08 32.59 15.87
C ALA D 425 -10.45 33.99 15.83
N LEU D 426 -10.03 34.44 14.65
CA LEU D 426 -9.53 35.79 14.49
C LEU D 426 -10.68 36.79 14.51
N ASN D 427 -10.39 38.00 14.98
CA ASN D 427 -11.36 39.08 14.94
C ASN D 427 -10.83 40.21 14.07
N ILE D 428 -10.49 39.90 12.83
CA ILE D 428 -9.98 40.88 11.89
C ILE D 428 -11.11 41.81 11.47
N GLN D 429 -10.81 42.82 10.65
CA GLN D 429 -11.87 43.70 10.15
C GLN D 429 -11.57 44.10 8.71
N ARG D 430 -12.56 43.93 7.84
CA ARG D 430 -12.48 44.37 6.44
C ARG D 430 -12.96 45.81 6.36
N GLY D 431 -12.07 46.73 6.71
CA GLY D 431 -12.42 48.14 6.78
C GLY D 431 -13.45 48.48 7.83
N ASP D 432 -14.59 49.03 7.41
CA ASP D 432 -15.62 49.42 8.35
C ASP D 432 -16.33 48.21 8.97
N SER D 433 -16.30 47.06 8.30
CA SER D 433 -16.96 45.86 8.81
C SER D 433 -16.11 45.19 9.87
N THR D 434 -16.78 44.47 10.77
CA THR D 434 -16.12 43.61 11.75
C THR D 434 -16.48 42.18 11.43
N ILE D 435 -15.50 41.40 10.96
CA ILE D 435 -15.73 40.01 10.59
C ILE D 435 -14.89 39.12 11.50
N TYR D 436 -15.16 37.82 11.44
CA TYR D 436 -14.41 36.81 12.18
C TYR D 436 -13.89 35.78 11.19
N LEU D 437 -12.74 35.20 11.53
CA LEU D 437 -12.15 34.14 10.72
C LEU D 437 -11.81 32.95 11.62
N LEU D 438 -11.97 31.75 11.07
CA LEU D 438 -11.75 30.52 11.82
C LEU D 438 -10.67 29.68 11.15
N MET D 439 -9.92 28.94 11.97
CA MET D 439 -8.89 28.04 11.50
C MET D 439 -8.90 26.80 12.36
N GLN D 440 -8.54 25.66 11.75
CA GLN D 440 -8.44 24.40 12.47
C GLN D 440 -9.70 24.05 13.26
N GLN E 3 60.51 12.35 -11.38
CA GLN E 3 60.51 10.99 -10.87
C GLN E 3 59.39 10.80 -9.84
N MET E 4 58.37 10.06 -10.24
CA MET E 4 57.04 9.96 -9.66
C MET E 4 56.93 8.80 -8.69
N PRO E 5 56.31 9.00 -7.53
CA PRO E 5 55.97 7.86 -6.67
C PRO E 5 54.92 6.97 -7.31
N SER E 6 55.02 5.67 -7.04
CA SER E 6 54.11 4.72 -7.67
C SER E 6 54.04 3.45 -6.84
N LEU E 7 52.99 2.68 -7.12
CA LEU E 7 52.81 1.35 -6.56
C LEU E 7 53.29 0.24 -7.48
N ALA E 8 53.55 0.56 -8.75
CA ALA E 8 53.99 -0.45 -9.70
C ALA E 8 55.22 -1.23 -9.26
N PRO E 9 56.27 -0.64 -8.65
CA PRO E 9 57.40 -1.48 -8.20
C PRO E 9 56.99 -2.56 -7.21
N MET E 10 56.09 -2.22 -6.27
CA MET E 10 55.61 -3.23 -5.33
C MET E 10 54.68 -4.23 -6.02
N LEU E 11 53.81 -3.74 -6.91
CA LEU E 11 52.79 -4.62 -7.48
C LEU E 11 53.42 -5.70 -8.36
N GLU E 12 54.42 -5.34 -9.16
CA GLU E 12 55.07 -6.32 -10.01
C GLU E 12 55.68 -7.46 -9.21
N LYS E 13 55.92 -7.28 -7.90
CA LYS E 13 56.33 -8.39 -7.06
C LYS E 13 55.16 -9.26 -6.61
N VAL E 14 53.99 -8.65 -6.42
CA VAL E 14 52.88 -9.30 -5.74
C VAL E 14 51.83 -9.77 -6.74
N MET E 15 51.71 -9.06 -7.86
CA MET E 15 50.73 -9.43 -8.89
C MET E 15 50.80 -10.89 -9.31
N PRO E 16 51.95 -11.56 -9.43
CA PRO E 16 51.92 -13.00 -9.71
C PRO E 16 51.26 -13.83 -8.63
N SER E 17 51.34 -13.39 -7.36
CA SER E 17 50.84 -14.19 -6.26
C SER E 17 49.32 -14.31 -6.27
N VAL E 18 48.61 -13.35 -6.85
CA VAL E 18 47.15 -13.37 -6.86
C VAL E 18 46.67 -14.09 -8.11
N VAL E 19 45.73 -15.02 -7.93
CA VAL E 19 45.16 -15.77 -9.03
C VAL E 19 43.69 -15.43 -9.14
N SER E 20 43.10 -15.77 -10.29
CA SER E 20 41.66 -15.79 -10.43
C SER E 20 41.20 -17.25 -10.45
N ILE E 21 39.99 -17.48 -9.94
CA ILE E 21 39.48 -18.82 -9.72
C ILE E 21 38.17 -18.98 -10.47
N ASN E 22 38.14 -19.96 -11.39
CA ASN E 22 36.94 -20.30 -12.15
C ASN E 22 36.46 -21.68 -11.73
N VAL E 23 35.18 -21.80 -11.41
CA VAL E 23 34.61 -23.03 -10.84
C VAL E 23 33.29 -23.36 -11.53
N GLU E 24 33.09 -24.64 -11.82
CA GLU E 24 31.83 -25.17 -12.31
C GLU E 24 31.31 -26.22 -11.34
N GLY E 25 30.00 -26.21 -11.11
CA GLY E 25 29.38 -27.10 -10.15
C GLY E 25 27.95 -27.40 -10.54
N SER E 26 27.11 -27.63 -9.52
CA SER E 26 25.71 -27.96 -9.74
C SER E 26 24.95 -27.85 -8.43
N THR E 27 23.62 -27.84 -8.54
CA THR E 27 22.74 -27.87 -7.39
C THR E 27 21.37 -28.42 -7.78
N GLN E 74 20.46 -28.76 -11.83
CA GLN E 74 20.65 -27.31 -11.82
C GLN E 74 22.13 -26.96 -11.79
N LYS E 75 22.70 -26.75 -12.97
CA LYS E 75 24.13 -26.46 -13.12
C LYS E 75 24.35 -24.96 -13.25
N PHE E 76 25.47 -24.49 -12.70
CA PHE E 76 25.79 -23.07 -12.67
C PHE E 76 27.30 -22.88 -12.83
N MET E 77 27.69 -21.61 -12.98
CA MET E 77 29.09 -21.21 -13.08
C MET E 77 29.28 -19.89 -12.35
N ALA E 78 30.47 -19.71 -11.78
CA ALA E 78 30.79 -18.50 -11.02
C ALA E 78 32.30 -18.39 -10.90
N LEU E 79 32.75 -17.25 -10.36
CA LEU E 79 34.19 -17.02 -10.26
C LEU E 79 34.50 -16.02 -9.15
N GLY E 80 35.65 -16.23 -8.50
CA GLY E 80 36.20 -15.33 -7.52
C GLY E 80 37.71 -15.20 -7.72
N SER E 81 38.46 -14.92 -6.67
CA SER E 81 39.90 -14.80 -6.75
C SER E 81 40.56 -15.58 -5.62
N GLY E 82 41.86 -15.81 -5.77
CA GLY E 82 42.62 -16.56 -4.79
C GLY E 82 44.03 -16.00 -4.66
N VAL E 83 44.72 -16.44 -3.60
CA VAL E 83 46.05 -15.95 -3.26
C VAL E 83 46.95 -17.13 -2.93
N ILE E 84 48.15 -17.14 -3.49
CA ILE E 84 49.09 -18.25 -3.31
C ILE E 84 49.82 -18.06 -1.98
N ILE E 85 49.67 -19.03 -1.08
CA ILE E 85 50.31 -18.95 0.23
C ILE E 85 51.63 -19.71 0.24
N ASP E 86 51.63 -20.92 -0.30
CA ASP E 86 52.84 -21.72 -0.49
C ASP E 86 53.00 -21.99 -1.98
N ALA E 87 53.96 -21.31 -2.60
CA ALA E 87 54.21 -21.51 -4.03
C ALA E 87 54.76 -22.90 -4.32
N ASP E 88 55.38 -23.54 -3.34
CA ASP E 88 55.95 -24.87 -3.53
C ASP E 88 54.84 -25.91 -3.59
N LYS E 89 54.04 -26.01 -2.53
CA LYS E 89 52.97 -26.99 -2.48
C LYS E 89 51.80 -26.64 -3.40
N GLY E 90 51.61 -25.38 -3.73
CA GLY E 90 50.49 -24.98 -4.57
C GLY E 90 49.26 -24.56 -3.81
N TYR E 91 49.43 -24.04 -2.59
CA TYR E 91 48.30 -23.69 -1.75
C TYR E 91 47.76 -22.31 -2.12
N VAL E 92 46.48 -22.25 -2.46
CA VAL E 92 45.78 -21.02 -2.77
C VAL E 92 44.64 -20.86 -1.78
N VAL E 93 44.66 -19.78 -1.01
CA VAL E 93 43.58 -19.47 -0.09
C VAL E 93 42.52 -18.65 -0.82
N THR E 94 41.26 -18.84 -0.43
CA THR E 94 40.15 -18.12 -1.03
C THR E 94 39.00 -18.13 -0.04
N ASN E 95 37.88 -17.54 -0.45
CA ASN E 95 36.68 -17.55 0.39
C ASN E 95 35.95 -18.88 0.20
N ASN E 96 35.37 -19.39 1.30
CA ASN E 96 34.68 -20.67 1.21
C ASN E 96 33.43 -20.58 0.36
N HIS E 97 32.78 -19.40 0.32
CA HIS E 97 31.61 -19.22 -0.54
C HIS E 97 31.98 -19.10 -2.01
N VAL E 98 33.27 -18.90 -2.33
CA VAL E 98 33.71 -18.98 -3.72
C VAL E 98 33.72 -20.42 -4.19
N VAL E 99 34.01 -21.35 -3.28
CA VAL E 99 34.26 -22.75 -3.61
C VAL E 99 33.17 -23.66 -3.06
N ASP E 100 32.07 -23.10 -2.60
CA ASP E 100 30.96 -23.90 -2.08
C ASP E 100 30.26 -24.61 -3.24
N ASN E 101 29.98 -25.91 -3.06
CA ASN E 101 29.31 -26.73 -4.07
C ASN E 101 30.09 -26.71 -5.39
N ALA E 102 31.34 -27.17 -5.31
CA ALA E 102 32.29 -27.07 -6.41
C ALA E 102 32.68 -28.46 -6.88
N THR E 103 32.45 -28.75 -8.16
CA THR E 103 32.90 -30.00 -8.74
C THR E 103 34.25 -29.87 -9.44
N VAL E 104 34.47 -28.78 -10.16
CA VAL E 104 35.72 -28.54 -10.88
C VAL E 104 36.22 -27.14 -10.55
N ILE E 105 37.48 -27.05 -10.14
CA ILE E 105 38.10 -25.80 -9.74
C ILE E 105 39.31 -25.55 -10.61
N LYS E 106 39.28 -24.47 -11.38
CA LYS E 106 40.42 -24.08 -12.20
C LYS E 106 40.97 -22.75 -11.71
N VAL E 107 42.31 -22.65 -11.67
CA VAL E 107 43.01 -21.46 -11.23
C VAL E 107 43.80 -20.91 -12.41
N GLN E 108 43.64 -19.61 -12.68
CA GLN E 108 44.35 -18.94 -13.75
C GLN E 108 45.26 -17.87 -13.14
N LEU E 109 46.54 -17.90 -13.52
CA LEU E 109 47.54 -17.05 -12.90
C LEU E 109 47.51 -15.65 -13.53
N SER E 110 48.49 -14.82 -13.15
CA SER E 110 48.59 -13.48 -13.73
C SER E 110 48.97 -13.55 -15.20
N ASP E 111 49.82 -14.51 -15.57
CA ASP E 111 50.33 -14.62 -16.93
C ASP E 111 49.42 -15.43 -17.84
N GLY E 112 48.34 -16.01 -17.31
CA GLY E 112 47.40 -16.76 -18.12
C GLY E 112 47.59 -18.25 -18.10
N ARG E 113 48.53 -18.77 -17.32
CA ARG E 113 48.72 -20.21 -17.22
C ARG E 113 47.53 -20.83 -16.50
N LYS E 114 46.87 -21.80 -17.14
CA LYS E 114 45.76 -22.51 -16.52
C LYS E 114 46.28 -23.70 -15.73
N PHE E 115 45.67 -23.94 -14.57
CA PHE E 115 46.02 -25.05 -13.71
C PHE E 115 44.74 -25.71 -13.21
N ASP E 116 44.91 -26.72 -12.36
CA ASP E 116 43.80 -27.39 -11.71
C ASP E 116 44.04 -27.38 -10.20
N ALA E 117 42.98 -27.25 -9.43
CA ALA E 117 43.10 -27.16 -7.98
C ALA E 117 42.04 -28.04 -7.34
N LYS E 118 42.46 -28.83 -6.35
CA LYS E 118 41.56 -29.64 -5.54
C LYS E 118 41.38 -29.00 -4.17
N MET E 119 40.20 -29.20 -3.60
CA MET E 119 39.90 -28.64 -2.28
C MET E 119 40.84 -29.22 -1.23
N VAL E 120 41.01 -28.48 -0.13
CA VAL E 120 41.78 -28.96 1.00
C VAL E 120 40.91 -28.87 2.25
N GLY E 121 40.69 -27.67 2.75
CA GLY E 121 39.85 -27.46 3.92
C GLY E 121 38.97 -26.26 3.74
N LYS E 122 37.77 -26.34 4.31
CA LYS E 122 36.79 -25.26 4.27
C LYS E 122 36.35 -24.92 5.68
N ASP E 123 35.94 -23.67 5.89
CA ASP E 123 35.45 -23.21 7.19
C ASP E 123 34.41 -22.13 6.96
N PRO E 124 33.16 -22.53 6.68
CA PRO E 124 32.13 -21.53 6.34
C PRO E 124 31.78 -20.60 7.49
N ARG E 125 32.16 -20.95 8.72
CA ARG E 125 31.89 -20.04 9.83
C ARG E 125 32.68 -18.74 9.70
N SER E 126 33.83 -18.78 9.02
CA SER E 126 34.64 -17.60 8.77
C SER E 126 34.93 -17.39 7.29
N ASP E 127 34.29 -18.17 6.41
CA ASP E 127 34.34 -17.97 4.96
C ASP E 127 35.78 -17.97 4.45
N ILE E 128 36.61 -18.86 5.01
CA ILE E 128 37.96 -19.10 4.52
C ILE E 128 38.01 -20.51 3.95
N ALA E 129 38.38 -20.61 2.68
CA ALA E 129 38.68 -21.89 2.06
C ALA E 129 40.16 -21.99 1.77
N LEU E 130 40.60 -23.20 1.45
CA LEU E 130 41.98 -23.44 1.05
C LEU E 130 41.98 -24.54 0.01
N ILE E 131 42.66 -24.30 -1.11
CA ILE E 131 42.77 -25.29 -2.17
C ILE E 131 44.25 -25.47 -2.51
N GLN E 132 44.55 -26.59 -3.17
CA GLN E 132 45.91 -26.89 -3.58
C GLN E 132 45.95 -27.09 -5.09
N ILE E 133 46.89 -26.41 -5.74
CA ILE E 133 47.00 -26.45 -7.19
C ILE E 133 47.58 -27.79 -7.61
N GLN E 134 46.85 -28.52 -8.46
CA GLN E 134 47.38 -29.73 -9.07
C GLN E 134 48.51 -29.35 -10.01
N ASN E 135 49.70 -29.94 -9.78
CA ASN E 135 50.92 -29.71 -10.54
C ASN E 135 51.46 -28.31 -10.29
N PRO E 136 51.99 -28.02 -9.10
CA PRO E 136 52.60 -26.71 -8.85
C PRO E 136 53.91 -26.59 -9.60
N LYS E 137 53.96 -25.69 -10.58
CA LYS E 137 55.13 -25.51 -11.43
C LYS E 137 55.51 -24.04 -11.45
N ASN E 138 56.54 -23.68 -10.68
CA ASN E 138 57.19 -22.38 -10.73
C ASN E 138 56.19 -21.26 -10.45
N LEU E 139 55.83 -21.15 -9.18
CA LEU E 139 54.96 -20.09 -8.70
C LEU E 139 55.74 -19.14 -7.81
N THR E 140 55.05 -18.13 -7.28
CA THR E 140 55.61 -17.25 -6.27
C THR E 140 54.50 -16.85 -5.32
N ALA E 141 54.66 -17.23 -4.05
CA ALA E 141 53.64 -16.94 -3.06
C ALA E 141 53.85 -15.55 -2.48
N ILE E 142 52.85 -15.08 -1.75
CA ILE E 142 52.89 -13.77 -1.10
C ILE E 142 53.30 -13.97 0.35
N LYS E 143 54.11 -13.05 0.85
CA LYS E 143 54.39 -13.01 2.28
C LYS E 143 53.26 -12.26 2.98
N MET E 144 53.03 -12.61 4.24
CA MET E 144 51.96 -12.02 5.02
C MET E 144 52.50 -11.09 6.10
N ALA E 145 51.61 -10.25 6.60
CA ALA E 145 51.91 -9.32 7.68
C ALA E 145 50.99 -9.58 8.87
N ASP E 146 51.36 -8.99 10.01
CA ASP E 146 50.62 -9.17 11.25
C ASP E 146 49.50 -8.13 11.29
N SER E 147 48.25 -8.57 11.12
CA SER E 147 47.12 -7.66 11.11
C SER E 147 46.90 -7.00 12.47
N ASP E 148 47.37 -7.62 13.56
CA ASP E 148 47.23 -7.02 14.88
C ASP E 148 47.99 -5.71 15.01
N ALA E 149 48.92 -5.42 14.11
CA ALA E 149 49.64 -4.15 14.07
C ALA E 149 49.03 -3.17 13.08
N LEU E 150 47.96 -3.55 12.38
CA LEU E 150 47.27 -2.64 11.48
C LEU E 150 46.64 -1.50 12.26
N ARG E 151 46.66 -0.32 11.64
CA ARG E 151 46.06 0.87 12.23
C ARG E 151 45.12 1.50 11.20
N VAL E 152 44.03 2.06 11.69
CA VAL E 152 43.11 2.76 10.79
C VAL E 152 43.83 3.96 10.19
N GLY E 153 43.80 4.06 8.86
CA GLY E 153 44.48 5.11 8.15
C GLY E 153 45.65 4.64 7.32
N ASP E 154 46.10 3.40 7.50
CA ASP E 154 47.16 2.87 6.66
C ASP E 154 46.64 2.62 5.25
N TYR E 155 47.52 2.83 4.28
CA TYR E 155 47.16 2.64 2.89
C TYR E 155 47.09 1.16 2.54
N THR E 156 46.13 0.80 1.69
CA THR E 156 45.90 -0.58 1.30
C THR E 156 45.71 -0.67 -0.21
N VAL E 157 45.98 -1.86 -0.73
CA VAL E 157 45.83 -2.16 -2.16
C VAL E 157 45.07 -3.46 -2.31
N ALA E 158 43.97 -3.43 -3.06
CA ALA E 158 43.17 -4.60 -3.31
C ALA E 158 43.53 -5.20 -4.68
N ILE E 159 43.70 -6.51 -4.72
CA ILE E 159 43.98 -7.21 -5.97
C ILE E 159 42.95 -8.33 -6.11
N GLY E 160 42.31 -8.39 -7.27
CA GLY E 160 41.30 -9.40 -7.52
C GLY E 160 40.90 -9.38 -8.98
N ASN E 161 39.90 -10.20 -9.32
CA ASN E 161 39.41 -10.32 -10.68
C ASN E 161 37.95 -9.90 -10.71
N PRO E 162 37.67 -8.60 -10.65
CA PRO E 162 36.27 -8.13 -10.67
C PRO E 162 35.65 -8.34 -12.03
N PHE E 163 34.52 -9.06 -12.05
CA PHE E 163 33.74 -9.30 -13.27
C PHE E 163 34.51 -10.11 -14.31
N GLY E 164 35.45 -10.93 -13.86
CA GLY E 164 36.26 -11.71 -14.79
C GLY E 164 37.13 -10.88 -15.71
N LEU E 165 37.31 -9.59 -15.40
CA LEU E 165 38.10 -8.70 -16.24
C LEU E 165 39.57 -9.09 -16.27
N GLY E 166 40.02 -9.90 -15.32
CA GLY E 166 41.42 -10.15 -15.10
C GLY E 166 41.88 -9.48 -13.83
N GLU E 167 43.16 -9.68 -13.53
CA GLU E 167 43.75 -9.14 -12.30
C GLU E 167 43.68 -7.62 -12.26
N THR E 168 42.79 -7.09 -11.43
CA THR E 168 42.61 -5.66 -11.25
C THR E 168 43.18 -5.21 -9.91
N VAL E 169 43.88 -4.09 -9.93
CA VAL E 169 44.49 -3.51 -8.74
C VAL E 169 43.77 -2.20 -8.40
N THR E 170 43.44 -2.04 -7.13
CA THR E 170 42.76 -0.84 -6.67
C THR E 170 43.32 -0.41 -5.33
N SER E 171 43.35 0.90 -5.11
CA SER E 171 43.96 1.46 -3.92
C SER E 171 42.92 2.04 -2.98
N GLY E 172 43.26 2.07 -1.70
CA GLY E 172 42.39 2.63 -0.69
C GLY E 172 43.13 2.79 0.62
N ILE E 173 42.35 2.87 1.71
CA ILE E 173 42.91 2.97 3.05
C ILE E 173 42.13 2.04 3.97
N VAL E 174 42.73 1.75 5.12
CA VAL E 174 42.03 1.11 6.21
C VAL E 174 40.94 2.07 6.71
N SER E 175 39.68 1.69 6.52
CA SER E 175 38.59 2.52 7.00
C SER E 175 38.31 2.29 8.48
N ALA E 176 38.27 1.02 8.90
CA ALA E 176 38.03 0.68 10.29
C ALA E 176 38.44 -0.77 10.52
N LEU E 177 38.57 -1.12 11.80
CA LEU E 177 38.97 -2.45 12.23
C LEU E 177 37.90 -3.05 13.15
N GLY E 178 37.95 -4.37 13.28
CA GLY E 178 37.05 -5.05 14.21
C GLY E 178 35.60 -5.01 13.82
N ARG E 179 35.29 -4.85 12.53
CA ARG E 179 33.91 -4.73 12.10
C ARG E 179 33.23 -6.10 12.08
N SER E 180 31.98 -6.12 12.53
CA SER E 180 31.21 -7.35 12.61
C SER E 180 29.73 -6.99 12.69
N GLY E 181 28.89 -8.00 12.92
CA GLY E 181 27.46 -7.82 12.99
C GLY E 181 26.72 -8.09 11.69
N LEU E 182 27.45 -8.25 10.59
CA LEU E 182 26.82 -8.50 9.28
C LEU E 182 26.29 -9.92 9.16
N ASN E 183 26.79 -10.85 9.98
CA ASN E 183 26.17 -12.15 10.15
C ASN E 183 26.59 -12.64 11.54
N ALA E 184 25.67 -12.58 12.49
CA ALA E 184 26.04 -12.66 13.90
C ALA E 184 26.72 -13.98 14.25
N GLU E 185 26.33 -15.09 13.62
CA GLU E 185 26.88 -16.39 13.99
C GLU E 185 28.28 -16.62 13.43
N ASN E 186 28.67 -15.90 12.40
CA ASN E 186 29.98 -16.10 11.79
C ASN E 186 31.07 -15.40 12.58
N TYR E 187 32.26 -15.99 12.55
CA TYR E 187 33.44 -15.41 13.19
C TYR E 187 33.98 -14.32 12.26
N GLU E 188 33.58 -13.09 12.50
CA GLU E 188 33.95 -11.96 11.64
C GLU E 188 34.65 -10.90 12.47
N ASN E 189 35.88 -10.58 12.07
CA ASN E 189 36.69 -9.51 12.66
C ASN E 189 37.20 -8.60 11.56
N PHE E 190 36.32 -8.28 10.61
CA PHE E 190 36.69 -7.67 9.33
C PHE E 190 37.53 -6.40 9.43
N ILE E 191 38.20 -6.09 8.32
CA ILE E 191 38.81 -4.79 8.08
C ILE E 191 37.95 -4.08 7.04
N GLN E 192 37.78 -2.77 7.21
CA GLN E 192 37.01 -1.98 6.26
C GLN E 192 37.96 -1.16 5.40
N THR E 193 37.61 -1.00 4.14
CA THR E 193 38.40 -0.19 3.23
C THR E 193 37.48 0.50 2.23
N ASP E 194 37.95 1.65 1.74
CA ASP E 194 37.32 2.34 0.61
C ASP E 194 37.97 1.94 -0.70
N ALA E 195 38.80 0.91 -0.71
CA ALA E 195 39.35 0.39 -1.96
C ALA E 195 38.24 -0.29 -2.75
N ALA E 196 38.28 -0.10 -4.07
CA ALA E 196 37.24 -0.65 -4.93
C ALA E 196 37.28 -2.16 -4.92
N ILE E 197 36.15 -2.78 -4.59
CA ILE E 197 36.01 -4.23 -4.50
C ILE E 197 34.62 -4.60 -5.01
N ASN E 198 34.56 -5.55 -5.94
CA ASN E 198 33.29 -5.94 -6.55
C ASN E 198 33.29 -7.46 -6.74
N ARG E 199 32.27 -7.95 -7.46
CA ARG E 199 32.12 -9.38 -7.71
C ARG E 199 33.33 -9.92 -8.45
N GLY E 200 34.01 -10.90 -7.85
CA GLY E 200 35.22 -11.49 -8.39
C GLY E 200 36.44 -11.19 -7.54
N ASN E 201 36.46 -10.06 -6.84
CA ASN E 201 37.50 -9.81 -5.85
C ASN E 201 37.47 -10.82 -4.72
N ALA E 202 36.34 -11.53 -4.57
CA ALA E 202 36.17 -12.49 -3.49
C ALA E 202 37.35 -13.44 -3.42
N GLY E 203 37.94 -13.53 -2.23
CA GLY E 203 39.15 -14.32 -2.04
C GLY E 203 40.42 -13.62 -2.47
N GLY E 204 40.32 -12.45 -3.10
CA GLY E 204 41.48 -11.71 -3.52
C GLY E 204 42.34 -11.22 -2.37
N ALA E 205 43.45 -10.56 -2.70
CA ALA E 205 44.41 -10.12 -1.70
C ALA E 205 44.19 -8.66 -1.33
N LEU E 206 44.50 -8.34 -0.08
CA LEU E 206 44.59 -6.96 0.38
C LEU E 206 45.95 -6.79 1.04
N VAL E 207 46.82 -6.01 0.41
CA VAL E 207 48.20 -5.90 0.83
C VAL E 207 48.48 -4.48 1.30
N ASN E 208 49.58 -4.32 2.02
CA ASN E 208 50.06 -3.01 2.46
C ASN E 208 51.05 -2.47 1.42
N LEU E 209 51.81 -1.44 1.78
CA LEU E 209 52.70 -0.82 0.82
C LEU E 209 54.01 -1.60 0.62
N ASN E 210 54.38 -2.46 1.59
CA ASN E 210 55.53 -3.33 1.42
C ASN E 210 55.19 -4.62 0.68
N GLY E 211 53.96 -4.76 0.17
CA GLY E 211 53.54 -5.92 -0.57
C GLY E 211 53.10 -7.11 0.25
N GLU E 212 52.97 -6.96 1.57
CA GLU E 212 52.64 -8.05 2.46
C GLU E 212 51.13 -8.17 2.62
N LEU E 213 50.62 -9.40 2.48
CA LEU E 213 49.19 -9.63 2.60
C LEU E 213 48.71 -9.32 4.01
N ILE E 214 47.68 -8.48 4.10
CA ILE E 214 47.07 -8.19 5.39
C ILE E 214 45.62 -8.66 5.48
N GLY E 215 44.99 -8.99 4.36
CA GLY E 215 43.60 -9.43 4.42
C GLY E 215 43.15 -10.04 3.11
N ILE E 216 42.06 -10.79 3.20
CA ILE E 216 41.44 -11.44 2.05
C ILE E 216 40.08 -10.78 1.84
N ASN E 217 39.93 -10.04 0.74
CA ASN E 217 38.66 -9.40 0.40
C ASN E 217 37.54 -10.44 0.35
N THR E 218 36.51 -10.23 1.17
CA THR E 218 35.44 -11.19 1.36
C THR E 218 34.10 -10.71 0.81
N ALA E 219 33.61 -9.57 1.28
CA ALA E 219 32.30 -9.10 0.86
C ALA E 219 32.24 -7.58 1.00
N ILE E 220 31.22 -6.99 0.39
CA ILE E 220 31.02 -5.55 0.37
C ILE E 220 29.64 -5.23 0.91
N LEU E 221 29.47 -3.97 1.32
CA LEU E 221 28.18 -3.43 1.73
C LEU E 221 27.70 -2.52 0.60
N ALA E 222 27.08 -3.12 -0.41
CA ALA E 222 26.62 -2.38 -1.59
C ALA E 222 25.12 -2.55 -1.73
N PRO E 223 24.33 -1.48 -1.56
CA PRO E 223 22.88 -1.62 -1.73
C PRO E 223 22.46 -2.04 -3.13
N ASP E 224 23.29 -1.82 -4.14
CA ASP E 224 22.97 -2.15 -5.52
C ASP E 224 23.86 -3.23 -6.11
N GLY E 225 24.76 -3.81 -5.31
CA GLY E 225 25.71 -4.79 -5.81
C GLY E 225 26.98 -4.21 -6.38
N GLY E 226 27.11 -2.89 -6.43
CA GLY E 226 28.32 -2.25 -6.91
C GLY E 226 28.96 -1.44 -5.80
N ASN E 227 30.29 -1.48 -5.75
CA ASN E 227 31.06 -0.90 -4.65
C ASN E 227 30.72 0.58 -4.46
N ILE E 228 30.26 0.92 -3.26
CA ILE E 228 30.03 2.32 -2.89
C ILE E 228 31.14 2.83 -1.98
N GLY E 229 32.28 2.15 -1.96
CA GLY E 229 33.40 2.57 -1.14
C GLY E 229 33.47 1.91 0.21
N ILE E 230 32.83 0.77 0.40
CA ILE E 230 32.84 0.05 1.67
C ILE E 230 33.10 -1.41 1.37
N GLY E 231 34.29 -1.88 1.72
CA GLY E 231 34.65 -3.27 1.53
C GLY E 231 35.17 -3.89 2.81
N PHE E 232 34.92 -5.18 2.96
CA PHE E 232 35.35 -5.95 4.12
C PHE E 232 36.27 -7.08 3.71
N ALA E 233 37.30 -7.33 4.53
CA ALA E 233 38.28 -8.37 4.27
C ALA E 233 38.69 -9.02 5.58
N ILE E 234 38.93 -10.32 5.52
CA ILE E 234 39.29 -11.09 6.72
C ILE E 234 40.76 -10.84 7.04
N PRO E 235 41.11 -10.50 8.29
CA PRO E 235 42.50 -10.17 8.62
C PRO E 235 43.45 -11.33 8.36
N SER E 236 44.74 -11.02 8.37
CA SER E 236 45.74 -12.01 7.98
C SER E 236 45.93 -13.08 9.05
N ASN E 237 46.11 -12.66 10.31
CA ASN E 237 46.31 -13.61 11.40
C ASN E 237 45.18 -14.63 11.46
N MET E 238 43.95 -14.18 11.22
CA MET E 238 42.83 -15.11 11.16
C MET E 238 43.01 -16.11 10.01
N VAL E 239 43.42 -15.63 8.84
CA VAL E 239 43.63 -16.54 7.71
C VAL E 239 44.85 -17.42 7.95
N LYS E 240 45.87 -16.91 8.64
CA LYS E 240 47.04 -17.75 8.89
C LYS E 240 46.71 -18.88 9.86
N ASN E 241 45.97 -18.57 10.94
CA ASN E 241 45.61 -19.59 11.92
C ASN E 241 44.71 -20.65 11.29
N LEU E 242 43.78 -20.23 10.42
CA LEU E 242 42.84 -21.17 9.82
C LEU E 242 43.50 -22.02 8.74
N THR E 243 44.31 -21.40 7.88
CA THR E 243 44.97 -22.16 6.83
C THR E 243 45.97 -23.16 7.40
N SER E 244 46.77 -22.73 8.39
CA SER E 244 47.77 -23.61 8.98
C SER E 244 47.13 -24.80 9.69
N GLN E 245 45.86 -24.69 10.08
CA GLN E 245 45.15 -25.86 10.57
C GLN E 245 44.71 -26.76 9.41
N MET E 246 44.28 -26.15 8.30
CA MET E 246 43.80 -26.93 7.17
C MET E 246 44.91 -27.72 6.48
N VAL E 247 46.18 -27.35 6.68
CA VAL E 247 47.27 -28.10 6.07
C VAL E 247 47.47 -29.43 6.81
N GLU E 248 47.38 -29.39 8.15
CA GLU E 248 47.57 -30.60 8.94
C GLU E 248 46.32 -31.47 8.96
N TYR E 249 45.17 -30.89 9.32
CA TYR E 249 43.98 -31.68 9.55
C TYR E 249 42.95 -31.65 8.44
N GLY E 250 43.10 -30.80 7.42
CA GLY E 250 41.99 -30.55 6.51
C GLY E 250 40.71 -30.05 7.16
N GLN E 251 40.78 -29.58 8.41
CA GLN E 251 39.62 -29.12 9.16
C GLN E 251 40.12 -28.09 10.18
N VAL E 252 39.21 -27.55 10.98
CA VAL E 252 39.58 -26.54 11.96
C VAL E 252 39.40 -27.13 13.36
N LYS E 253 40.50 -27.27 14.09
CA LYS E 253 40.44 -27.68 15.49
C LYS E 253 39.77 -26.57 16.29
N ARG E 254 38.45 -26.65 16.43
CA ARG E 254 37.66 -25.60 17.08
C ARG E 254 37.78 -25.75 18.59
N GLY E 255 38.66 -24.95 19.19
CA GLY E 255 38.81 -24.96 20.64
C GLY E 255 37.95 -23.89 21.30
N GLU E 256 37.57 -24.15 22.55
CA GLU E 256 36.74 -23.22 23.31
C GLU E 256 37.41 -22.88 24.64
N LEU E 257 37.06 -21.71 25.16
CA LEU E 257 37.57 -21.23 26.43
C LEU E 257 36.59 -21.44 27.58
N GLY E 258 35.29 -21.49 27.28
CA GLY E 258 34.29 -21.77 28.29
C GLY E 258 33.82 -20.53 29.04
N ILE E 259 33.35 -19.53 28.32
CA ILE E 259 32.75 -18.34 28.90
C ILE E 259 31.49 -17.96 28.13
N MET E 260 30.56 -17.34 28.83
CA MET E 260 29.38 -16.73 28.24
C MET E 260 29.51 -15.22 28.30
N GLY E 261 29.00 -14.54 27.27
CA GLY E 261 29.19 -13.11 27.23
C GLY E 261 28.24 -12.42 26.28
N THR E 262 28.22 -11.10 26.41
CA THR E 262 27.50 -10.24 25.48
C THR E 262 28.28 -8.93 25.35
N GLU E 263 27.87 -8.12 24.38
CA GLU E 263 28.60 -6.90 24.07
C GLU E 263 28.41 -5.87 25.18
N LEU E 264 29.52 -5.30 25.63
CA LEU E 264 29.50 -4.26 26.67
C LEU E 264 29.23 -2.92 26.01
N ASN E 265 28.03 -2.39 26.19
CA ASN E 265 27.67 -1.06 25.70
C ASN E 265 27.82 -0.05 26.83
N SER E 266 27.67 1.22 26.46
CA SER E 266 27.80 2.29 27.46
C SER E 266 26.70 2.21 28.51
N GLU E 267 25.54 1.67 28.12
CA GLU E 267 24.43 1.55 29.07
C GLU E 267 24.75 0.51 30.15
N LEU E 268 25.22 -0.68 29.74
CA LEU E 268 25.61 -1.69 30.71
C LEU E 268 26.82 -1.26 31.52
N ALA E 269 27.72 -0.48 30.92
CA ALA E 269 28.89 0.01 31.63
C ALA E 269 28.47 0.76 32.89
N LYS E 270 27.47 1.63 32.77
CA LYS E 270 26.94 2.33 33.94
C LYS E 270 26.27 1.35 34.89
N ALA E 271 25.60 0.33 34.35
CA ALA E 271 24.87 -0.61 35.18
C ALA E 271 25.79 -1.28 36.20
N MET E 272 26.96 -1.71 35.75
CA MET E 272 27.92 -2.39 36.62
C MET E 272 29.02 -1.48 37.12
N LYS E 273 28.86 -0.17 36.97
CA LYS E 273 29.85 0.81 37.44
C LYS E 273 31.24 0.51 36.88
N VAL E 274 31.28 0.07 35.63
CA VAL E 274 32.53 -0.28 34.96
C VAL E 274 32.95 0.87 34.07
N ASP E 275 34.23 1.22 34.11
CA ASP E 275 34.72 2.38 33.36
C ASP E 275 34.80 2.10 31.87
N ALA E 276 35.29 0.93 31.48
CA ALA E 276 35.43 0.61 30.06
C ALA E 276 34.05 0.56 29.39
N GLN E 277 33.89 1.34 28.33
CA GLN E 277 32.61 1.42 27.63
C GLN E 277 32.46 0.37 26.56
N ARG E 278 33.49 -0.44 26.30
CA ARG E 278 33.37 -1.51 25.32
C ARG E 278 34.25 -2.67 25.75
N GLY E 279 33.88 -3.86 25.30
CA GLY E 279 34.61 -5.06 25.61
C GLY E 279 33.66 -6.23 25.75
N ALA E 280 34.16 -7.27 26.41
CA ALA E 280 33.41 -8.48 26.69
C ALA E 280 32.88 -8.42 28.11
N PHE E 281 31.59 -8.70 28.28
CA PHE E 281 30.99 -8.83 29.60
C PHE E 281 30.78 -10.30 29.90
N VAL E 282 31.47 -10.81 30.92
CA VAL E 282 31.35 -12.21 31.30
C VAL E 282 30.03 -12.43 32.02
N SER E 283 29.19 -13.30 31.47
CA SER E 283 27.93 -13.66 32.09
C SER E 283 28.07 -14.85 33.03
N GLN E 284 28.81 -15.87 32.61
CA GLN E 284 29.02 -17.06 33.42
C GLN E 284 30.20 -17.83 32.82
N VAL E 285 30.87 -18.61 33.67
CA VAL E 285 31.96 -19.46 33.25
C VAL E 285 31.53 -20.91 33.41
N LEU E 286 32.02 -21.77 32.49
CA LEU E 286 31.54 -23.13 32.63
C LEU E 286 32.45 -23.94 33.55
N PRO E 287 31.90 -24.93 34.25
CA PRO E 287 32.74 -25.80 35.08
C PRO E 287 33.72 -26.60 34.24
N ASN E 288 34.83 -26.97 34.86
CA ASN E 288 35.92 -27.73 34.25
C ASN E 288 36.56 -26.99 33.08
N SER E 289 36.22 -25.73 32.86
CA SER E 289 36.77 -24.97 31.75
C SER E 289 38.12 -24.40 32.11
N SER E 290 38.97 -24.22 31.11
CA SER E 290 40.23 -23.51 31.33
C SER E 290 39.99 -22.12 31.87
N ALA E 291 38.88 -21.48 31.45
CA ALA E 291 38.54 -20.16 31.99
C ALA E 291 38.26 -20.24 33.48
N ALA E 292 37.60 -21.32 33.92
CA ALA E 292 37.39 -21.52 35.35
C ALA E 292 38.71 -21.84 36.05
N LYS E 293 39.51 -22.74 35.46
CA LYS E 293 40.83 -23.03 36.01
C LYS E 293 41.69 -21.78 36.10
N ALA E 294 41.53 -20.86 35.16
CA ALA E 294 42.23 -19.58 35.22
C ALA E 294 41.67 -18.66 36.28
N GLY E 295 40.47 -18.94 36.80
CA GLY E 295 39.90 -18.15 37.87
C GLY E 295 39.17 -16.90 37.41
N ILE E 296 38.33 -17.04 36.39
CA ILE E 296 37.52 -15.93 35.89
C ILE E 296 36.14 -16.02 36.51
N LYS E 297 35.68 -14.93 37.10
CA LYS E 297 34.36 -14.86 37.70
C LYS E 297 33.42 -14.11 36.78
N ALA E 298 32.13 -14.45 36.88
CA ALA E 298 31.11 -13.72 36.13
C ALA E 298 31.07 -12.27 36.58
N GLY E 299 30.71 -11.39 35.65
CA GLY E 299 30.74 -9.96 35.89
C GLY E 299 32.06 -9.28 35.59
N ASP E 300 33.10 -10.05 35.26
CA ASP E 300 34.35 -9.47 34.82
C ASP E 300 34.20 -8.96 33.39
N VAL E 301 34.94 -7.90 33.07
CA VAL E 301 34.92 -7.30 31.74
C VAL E 301 36.28 -7.53 31.10
N ILE E 302 36.29 -8.18 29.94
CA ILE E 302 37.52 -8.36 29.17
C ILE E 302 37.78 -7.11 28.35
N THR E 303 39.02 -6.63 28.38
CA THR E 303 39.40 -5.42 27.66
C THR E 303 40.51 -5.62 26.64
N SER E 304 41.42 -6.57 26.84
CA SER E 304 42.55 -6.76 25.95
C SER E 304 42.77 -8.24 25.68
N LEU E 305 43.38 -8.53 24.53
CA LEU E 305 43.72 -9.88 24.11
C LEU E 305 45.21 -9.92 23.82
N ASN E 306 45.97 -10.58 24.70
CA ASN E 306 47.43 -10.64 24.59
C ASN E 306 48.03 -9.24 24.51
N GLY E 307 47.40 -8.29 25.20
CA GLY E 307 47.84 -6.91 25.14
C GLY E 307 46.98 -6.09 24.20
N LYS E 308 46.72 -6.65 23.02
CA LYS E 308 45.89 -6.04 21.98
C LYS E 308 44.51 -5.73 22.53
N PRO E 309 44.14 -4.47 22.65
CA PRO E 309 42.80 -4.13 23.15
C PRO E 309 41.73 -4.74 22.27
N ILE E 310 40.55 -4.87 22.84
CA ILE E 310 39.42 -5.49 22.17
C ILE E 310 38.52 -4.40 21.60
N SER E 311 38.12 -4.54 20.34
CA SER E 311 37.21 -3.60 19.73
C SER E 311 35.76 -3.92 20.07
N SER E 312 35.48 -5.19 20.35
CA SER E 312 34.14 -5.64 20.69
C SER E 312 34.25 -7.10 21.14
N PHE E 313 33.18 -7.59 21.76
CA PHE E 313 33.11 -9.01 22.07
C PHE E 313 33.06 -9.84 20.79
N ALA E 314 32.32 -9.36 19.78
CA ALA E 314 32.21 -10.09 18.52
C ALA E 314 33.57 -10.27 17.87
N ALA E 315 34.44 -9.26 17.96
CA ALA E 315 35.81 -9.42 17.51
C ALA E 315 36.55 -10.45 18.34
N LEU E 316 36.35 -10.43 19.67
CA LEU E 316 36.99 -11.40 20.54
C LEU E 316 36.57 -12.83 20.22
N ARG E 317 35.27 -13.03 19.95
CA ARG E 317 34.81 -14.37 19.61
C ARG E 317 35.49 -14.88 18.35
N ALA E 318 35.70 -14.00 17.37
CA ALA E 318 36.33 -14.41 16.12
C ALA E 318 37.83 -14.62 16.31
N GLN E 319 38.49 -13.75 17.09
CA GLN E 319 39.91 -13.87 17.35
C GLN E 319 40.26 -15.24 17.92
N VAL E 320 39.81 -15.54 19.14
CA VAL E 320 40.12 -16.83 19.73
C VAL E 320 39.23 -17.94 19.16
N GLY E 321 38.15 -17.59 18.48
CA GLY E 321 37.40 -18.60 17.76
C GLY E 321 38.10 -19.15 16.55
N THR E 322 39.32 -18.69 16.28
CA THR E 322 40.17 -19.23 15.23
C THR E 322 41.48 -19.82 15.75
N MET E 323 41.99 -19.34 16.86
CA MET E 323 43.24 -19.87 17.39
C MET E 323 43.10 -21.38 17.59
N PRO E 324 44.08 -22.17 17.14
CA PRO E 324 43.96 -23.63 17.25
C PRO E 324 43.87 -24.07 18.70
N VAL E 325 43.32 -25.26 18.89
CA VAL E 325 43.17 -25.82 20.23
C VAL E 325 44.52 -25.86 20.91
N GLY E 326 44.56 -25.42 22.17
CA GLY E 326 45.75 -25.42 22.96
C GLY E 326 46.50 -24.10 22.97
N SER E 327 46.18 -23.18 22.07
CA SER E 327 46.88 -21.91 21.95
C SER E 327 46.84 -21.12 23.25
N LYS E 328 48.00 -20.99 23.90
CA LYS E 328 48.07 -20.25 25.15
C LYS E 328 48.02 -18.75 24.88
N LEU E 329 47.15 -18.05 25.60
CA LEU E 329 46.97 -16.63 25.44
C LEU E 329 46.67 -16.00 26.79
N THR E 330 46.79 -14.67 26.86
CA THR E 330 46.49 -13.92 28.06
C THR E 330 45.33 -12.96 27.78
N LEU E 331 44.71 -12.50 28.86
CA LEU E 331 43.52 -11.66 28.77
C LEU E 331 43.62 -10.48 29.73
N GLY E 332 43.02 -9.36 29.31
CA GLY E 332 42.90 -8.20 30.16
C GLY E 332 41.51 -8.06 30.72
N LEU E 333 41.33 -8.41 31.99
CA LEU E 333 40.01 -8.39 32.61
C LEU E 333 39.79 -7.05 33.32
N LEU E 334 38.70 -6.96 34.10
CA LEU E 334 38.34 -5.76 34.83
C LEU E 334 37.19 -6.03 35.79
N ARG E 335 37.50 -6.49 36.99
CA ARG E 335 36.51 -6.78 38.02
C ARG E 335 36.62 -5.76 39.15
N ASP E 336 35.47 -5.32 39.66
CA ASP E 336 35.41 -4.30 40.71
C ASP E 336 36.18 -3.05 40.32
N GLY E 337 36.27 -2.78 39.01
CA GLY E 337 37.01 -1.64 38.53
C GLY E 337 38.51 -1.77 38.64
N LYS E 338 39.03 -2.95 38.96
CA LYS E 338 40.46 -3.17 39.12
C LYS E 338 40.96 -4.04 37.96
N GLN E 339 42.05 -3.60 37.32
CA GLN E 339 42.60 -4.33 36.19
C GLN E 339 43.26 -5.62 36.64
N VAL E 340 42.98 -6.71 35.91
CA VAL E 340 43.50 -8.04 36.22
C VAL E 340 43.92 -8.71 34.92
N ASN E 341 45.12 -9.29 34.91
CA ASN E 341 45.60 -10.11 33.81
C ASN E 341 45.54 -11.58 34.22
N VAL E 342 45.44 -12.45 33.22
CA VAL E 342 45.35 -13.89 33.47
C VAL E 342 45.88 -14.62 32.24
N ASN E 343 46.61 -15.70 32.47
CA ASN E 343 47.11 -16.57 31.42
C ASN E 343 46.16 -17.74 31.23
N LEU E 344 46.00 -18.16 29.97
CA LEU E 344 44.99 -19.14 29.62
C LEU E 344 45.52 -20.09 28.55
N GLU E 345 44.73 -21.14 28.28
CA GLU E 345 45.11 -22.18 27.33
C GLU E 345 43.83 -22.84 26.85
N LEU E 346 43.52 -22.68 25.56
CA LEU E 346 42.28 -23.21 25.00
C LEU E 346 42.22 -24.72 25.13
N GLN E 347 41.02 -25.23 25.32
CA GLN E 347 40.77 -26.67 25.40
C GLN E 347 39.77 -27.08 24.33
N GLN E 348 39.47 -28.37 24.30
CA GLN E 348 38.58 -28.93 23.30
C GLN E 348 37.12 -28.65 23.67
N SER E 349 36.28 -28.53 22.64
CA SER E 349 34.85 -28.32 22.83
C SER E 349 34.00 -29.52 22.43
N SER E 350 34.53 -30.44 21.62
CA SER E 350 33.82 -31.66 21.19
C SER E 350 32.57 -31.32 20.38
N GLN E 351 32.71 -30.37 19.44
CA GLN E 351 31.64 -29.99 18.52
C GLN E 351 30.35 -29.64 19.24
N SER E 356 27.30 -32.34 6.80
CA SER E 356 27.86 -33.51 6.15
C SER E 356 28.73 -33.13 4.97
N SER E 357 28.47 -31.96 4.38
CA SER E 357 29.26 -31.49 3.24
C SER E 357 30.72 -31.27 3.59
N SER E 358 31.08 -31.30 4.87
CA SER E 358 32.48 -31.44 5.24
C SER E 358 33.06 -32.73 4.68
N ILE E 359 32.27 -33.79 4.66
CA ILE E 359 32.66 -35.07 4.12
C ILE E 359 32.01 -35.34 2.78
N PHE E 360 30.73 -35.02 2.66
CA PHE E 360 29.98 -35.27 1.42
C PHE E 360 30.46 -34.38 0.29
N ASN E 361 30.73 -33.10 0.59
CA ASN E 361 31.06 -32.07 -0.40
C ASN E 361 29.88 -31.83 -1.35
N GLY E 362 28.82 -31.26 -0.78
CA GLY E 362 27.67 -30.88 -1.57
C GLY E 362 26.33 -31.27 -0.96
N ILE E 363 26.33 -32.32 -0.14
CA ILE E 363 25.10 -32.80 0.48
C ILE E 363 25.16 -32.50 1.97
N GLU E 364 24.63 -31.34 2.38
CA GLU E 364 24.82 -30.85 3.74
C GLU E 364 23.52 -30.88 4.56
N GLY E 365 23.48 -30.04 5.59
CA GLY E 365 22.35 -29.95 6.49
C GLY E 365 22.37 -30.91 7.66
N ALA E 366 23.41 -31.73 7.77
CA ALA E 366 23.48 -32.74 8.83
C ALA E 366 24.92 -32.95 9.22
N GLU E 367 25.24 -32.65 10.48
CA GLU E 367 26.59 -32.84 10.99
C GLU E 367 26.81 -34.30 11.35
N MET E 368 28.00 -34.83 11.04
CA MET E 368 28.28 -36.22 11.29
C MET E 368 29.77 -36.43 11.52
N SER E 369 30.09 -37.37 12.40
CA SER E 369 31.46 -37.62 12.86
C SER E 369 31.66 -39.13 13.01
N ASN E 370 32.64 -39.52 13.81
CA ASN E 370 32.76 -40.90 14.26
C ASN E 370 31.82 -41.15 15.44
N LYS E 371 31.53 -42.42 15.67
CA LYS E 371 30.71 -42.84 16.80
C LYS E 371 31.56 -43.62 17.80
N GLY E 372 31.41 -43.28 19.08
CA GLY E 372 32.06 -43.97 20.18
C GLY E 372 33.48 -44.41 19.92
N LYS E 373 33.79 -45.64 20.33
CA LYS E 373 35.08 -46.26 20.06
C LYS E 373 34.86 -47.28 18.93
N ASP E 374 35.20 -46.86 17.70
CA ASP E 374 35.11 -47.72 16.53
C ASP E 374 33.67 -48.18 16.27
N GLN E 375 32.73 -47.26 16.42
CA GLN E 375 31.31 -47.59 16.30
C GLN E 375 30.67 -47.12 15.00
N GLY E 376 31.44 -46.53 14.09
CA GLY E 376 30.94 -46.14 12.79
C GLY E 376 30.82 -44.64 12.63
N VAL E 377 29.99 -44.23 11.67
CA VAL E 377 29.80 -42.83 11.34
C VAL E 377 28.40 -42.39 11.78
N VAL E 378 28.31 -41.81 12.98
CA VAL E 378 27.03 -41.37 13.52
C VAL E 378 26.63 -40.03 12.91
N VAL E 379 25.33 -39.74 12.95
CA VAL E 379 24.78 -38.46 12.51
C VAL E 379 24.32 -37.70 13.75
N ASN E 380 24.81 -36.48 13.93
CA ASN E 380 24.52 -35.71 15.13
C ASN E 380 23.15 -35.06 15.05
N ASN E 381 22.93 -34.18 14.08
CA ASN E 381 21.68 -33.45 13.95
C ASN E 381 21.52 -33.00 12.50
N VAL E 382 20.27 -32.98 12.04
CA VAL E 382 19.94 -32.72 10.64
C VAL E 382 19.02 -31.51 10.54
N LYS E 383 19.20 -30.73 9.48
CA LYS E 383 18.29 -29.67 9.10
C LYS E 383 17.37 -30.15 7.99
N THR E 384 16.14 -29.64 7.98
CA THR E 384 15.13 -30.06 7.02
C THR E 384 15.35 -29.38 5.66
N GLY E 385 14.72 -29.95 4.63
CA GLY E 385 14.78 -29.41 3.28
C GLY E 385 16.15 -29.37 2.64
N THR E 386 17.21 -29.64 3.38
CA THR E 386 18.56 -29.66 2.83
C THR E 386 18.78 -30.94 2.04
N PRO E 387 19.93 -31.08 1.33
CA PRO E 387 20.21 -32.33 0.62
C PRO E 387 20.32 -33.58 1.51
N ALA E 388 20.22 -33.41 2.82
CA ALA E 388 20.30 -34.56 3.72
C ALA E 388 18.96 -35.30 3.79
N ALA E 389 17.85 -34.56 3.85
CA ALA E 389 16.53 -35.17 3.77
C ALA E 389 16.17 -35.59 2.35
N GLN E 390 16.98 -35.23 1.35
CA GLN E 390 16.79 -35.68 -0.02
C GLN E 390 17.19 -37.15 -0.21
N ILE E 391 17.87 -37.74 0.74
CA ILE E 391 18.35 -39.12 0.61
C ILE E 391 17.75 -40.06 1.63
N GLY E 392 17.19 -39.56 2.73
CA GLY E 392 16.62 -40.41 3.76
C GLY E 392 17.48 -40.47 5.00
N LEU E 393 17.85 -39.31 5.54
CA LEU E 393 18.69 -39.23 6.73
C LEU E 393 18.00 -38.41 7.82
N LYS E 394 18.11 -38.90 9.05
CA LYS E 394 17.60 -38.23 10.24
C LYS E 394 18.72 -38.15 11.28
N LYS E 395 18.39 -37.57 12.44
CA LYS E 395 19.36 -37.44 13.51
C LYS E 395 19.50 -38.77 14.26
N GLY E 396 20.75 -39.18 14.50
CA GLY E 396 21.03 -40.42 15.18
C GLY E 396 21.41 -41.56 14.27
N ASP E 397 21.34 -41.38 12.95
CA ASP E 397 21.70 -42.43 12.01
C ASP E 397 23.19 -42.71 12.08
N VAL E 398 23.56 -43.97 11.93
CA VAL E 398 24.94 -44.43 12.10
C VAL E 398 25.30 -45.24 10.85
N ILE E 399 26.15 -44.65 10.00
CA ILE E 399 26.56 -45.31 8.76
C ILE E 399 27.60 -46.37 9.11
N ILE E 400 27.18 -47.63 9.11
CA ILE E 400 28.07 -48.72 9.48
C ILE E 400 28.76 -49.35 8.27
N GLY E 401 28.15 -49.29 7.08
CA GLY E 401 28.72 -49.94 5.93
C GLY E 401 28.37 -49.24 4.64
N ALA E 402 28.95 -49.75 3.55
CA ALA E 402 28.71 -49.22 2.22
C ALA E 402 29.25 -50.17 1.15
N ASN E 403 28.37 -50.71 0.31
CA ASN E 403 28.76 -51.60 -0.79
C ASN E 403 29.54 -52.81 -0.30
N GLN E 404 28.96 -53.52 0.67
CA GLN E 404 29.49 -54.77 1.22
C GLN E 404 30.85 -54.59 1.89
N GLN E 405 31.17 -53.37 2.33
CA GLN E 405 32.44 -53.08 2.98
C GLN E 405 32.16 -52.22 4.20
N ALA E 406 32.47 -52.74 5.39
CA ALA E 406 32.12 -52.09 6.65
C ALA E 406 32.78 -50.71 6.74
N VAL E 407 32.27 -49.91 7.69
CA VAL E 407 32.69 -48.54 7.90
C VAL E 407 32.80 -48.33 9.40
N LYS E 408 34.02 -48.29 9.91
CA LYS E 408 34.26 -48.10 11.34
C LYS E 408 34.38 -46.64 11.74
N ASN E 409 34.72 -45.75 10.80
CA ASN E 409 34.97 -44.35 11.10
C ASN E 409 34.87 -43.56 9.80
N ILE E 410 35.15 -42.26 9.88
CA ILE E 410 35.09 -41.41 8.68
C ILE E 410 36.26 -41.71 7.75
N ALA E 411 37.39 -42.18 8.29
CA ALA E 411 38.50 -42.59 7.46
C ALA E 411 38.23 -43.91 6.73
N GLU E 412 37.52 -44.83 7.38
CA GLU E 412 37.02 -46.02 6.71
C GLU E 412 35.83 -45.71 5.83
N LEU E 413 35.09 -44.64 6.14
CA LEU E 413 33.93 -44.24 5.35
C LEU E 413 34.36 -43.63 4.02
N ARG E 414 35.22 -42.60 4.07
CA ARG E 414 35.74 -42.00 2.85
C ARG E 414 36.65 -42.95 2.10
N LYS E 415 37.10 -44.04 2.74
CA LYS E 415 37.92 -45.04 2.05
C LYS E 415 37.13 -45.76 0.97
N VAL E 416 35.81 -45.66 1.00
CA VAL E 416 34.97 -46.15 -0.08
C VAL E 416 34.39 -45.02 -0.92
N LEU E 417 34.26 -43.81 -0.37
CA LEU E 417 33.93 -42.64 -1.20
C LEU E 417 34.95 -42.46 -2.31
N ASP E 418 36.19 -42.90 -2.08
CA ASP E 418 37.23 -42.82 -3.10
C ASP E 418 36.92 -43.70 -4.29
N SER E 419 36.22 -44.81 -4.08
CA SER E 419 36.00 -45.78 -5.15
C SER E 419 35.14 -45.19 -6.26
N LYS E 420 34.26 -44.25 -5.93
CA LYS E 420 33.32 -43.60 -6.84
C LYS E 420 32.70 -44.57 -7.83
N PRO E 421 31.80 -45.45 -7.41
CA PRO E 421 31.06 -46.28 -8.38
C PRO E 421 29.87 -45.51 -8.94
N SER E 422 29.07 -46.22 -9.74
CA SER E 422 27.89 -45.59 -10.33
C SER E 422 26.76 -45.48 -9.31
N VAL E 423 26.70 -46.38 -8.34
CA VAL E 423 25.58 -46.48 -7.41
C VAL E 423 26.12 -46.69 -6.00
N LEU E 424 25.53 -45.97 -5.04
CA LEU E 424 25.94 -46.01 -3.65
C LEU E 424 24.90 -46.76 -2.83
N ALA E 425 25.37 -47.53 -1.85
CA ALA E 425 24.51 -48.28 -0.94
C ALA E 425 24.99 -48.01 0.49
N LEU E 426 24.33 -47.09 1.20
CA LEU E 426 24.70 -46.75 2.56
C LEU E 426 23.98 -47.68 3.54
N ASN E 427 24.76 -48.46 4.29
CA ASN E 427 24.22 -49.42 5.26
C ASN E 427 24.13 -48.78 6.64
N ILE E 428 23.13 -47.91 6.79
CA ILE E 428 22.96 -47.12 8.01
C ILE E 428 22.09 -47.88 9.00
N GLN E 429 21.97 -47.36 10.21
CA GLN E 429 21.02 -47.89 11.18
C GLN E 429 20.27 -46.74 11.84
N ARG E 430 19.02 -47.01 12.23
CA ARG E 430 18.23 -46.08 13.03
C ARG E 430 17.60 -46.88 14.16
N GLY E 431 18.04 -46.60 15.39
CA GLY E 431 17.69 -47.50 16.48
C GLY E 431 18.37 -48.84 16.28
N ASP E 432 17.75 -49.89 16.80
CA ASP E 432 18.23 -51.25 16.54
C ASP E 432 17.92 -51.72 15.12
N SER E 433 17.33 -50.87 14.29
CA SER E 433 16.93 -51.23 12.93
C SER E 433 18.09 -50.99 11.97
N THR E 434 18.31 -51.94 11.07
CA THR E 434 19.35 -51.86 10.05
C THR E 434 18.68 -51.70 8.70
N ILE E 435 19.00 -50.60 8.00
CA ILE E 435 18.40 -50.30 6.70
C ILE E 435 19.54 -49.97 5.72
N TYR E 436 19.15 -49.84 4.44
CA TYR E 436 20.04 -49.41 3.38
C TYR E 436 19.46 -48.18 2.69
N LEU E 437 20.34 -47.43 2.03
CA LEU E 437 19.98 -46.23 1.29
C LEU E 437 20.71 -46.24 -0.04
N LEU E 438 20.04 -45.82 -1.10
CA LEU E 438 20.59 -45.85 -2.44
C LEU E 438 20.65 -44.44 -3.03
N MET E 439 21.71 -44.16 -3.79
CA MET E 439 21.91 -42.85 -4.39
C MET E 439 22.67 -43.03 -5.69
N GLN E 440 22.57 -42.01 -6.55
CA GLN E 440 23.25 -41.99 -7.86
C GLN E 440 22.99 -43.27 -8.66
N GLN F 3 54.27 20.54 6.14
CA GLN F 3 54.38 20.56 4.69
C GLN F 3 53.67 19.36 4.07
N MET F 4 52.43 19.59 3.55
CA MET F 4 51.57 18.54 3.04
C MET F 4 51.79 18.31 1.55
N PRO F 5 51.56 17.09 1.08
CA PRO F 5 51.48 16.86 -0.37
C PRO F 5 50.19 17.43 -0.93
N SER F 6 50.16 17.54 -2.27
CA SER F 6 48.96 17.95 -2.99
C SER F 6 49.14 17.83 -4.51
N LEU F 7 48.03 17.66 -5.23
CA LEU F 7 48.04 17.67 -6.69
C LEU F 7 47.82 19.06 -7.26
N ALA F 8 47.42 20.02 -6.43
CA ALA F 8 47.07 21.36 -6.90
C ALA F 8 48.13 22.01 -7.80
N PRO F 9 49.43 21.93 -7.51
CA PRO F 9 50.40 22.53 -8.47
C PRO F 9 50.33 21.91 -9.85
N MET F 10 50.37 20.58 -9.94
CA MET F 10 50.21 19.91 -11.22
C MET F 10 48.88 20.27 -11.89
N LEU F 11 47.81 20.34 -11.11
CA LEU F 11 46.49 20.51 -11.71
C LEU F 11 46.28 21.92 -12.23
N GLU F 12 46.77 22.94 -11.51
CA GLU F 12 46.60 24.31 -11.97
C GLU F 12 47.39 24.58 -13.25
N LYS F 13 48.27 23.67 -13.66
CA LYS F 13 48.90 23.74 -14.97
C LYS F 13 48.10 23.01 -16.04
N VAL F 14 47.34 21.99 -15.66
CA VAL F 14 46.68 21.11 -16.61
C VAL F 14 45.22 21.50 -16.81
N MET F 15 44.55 21.95 -15.75
CA MET F 15 43.11 22.21 -15.83
C MET F 15 42.72 23.22 -16.91
N PRO F 16 43.47 24.29 -17.16
CA PRO F 16 43.13 25.14 -18.33
C PRO F 16 43.10 24.39 -19.65
N SER F 17 43.68 23.20 -19.73
CA SER F 17 43.80 22.46 -20.98
C SER F 17 42.68 21.45 -21.19
N VAL F 18 41.77 21.30 -20.23
CA VAL F 18 40.63 20.41 -20.36
C VAL F 18 39.37 21.25 -20.39
N VAL F 19 38.46 20.92 -21.31
CA VAL F 19 37.29 21.74 -21.58
C VAL F 19 36.03 20.94 -21.23
N SER F 20 34.90 21.64 -21.29
CA SER F 20 33.58 21.02 -21.24
C SER F 20 32.87 21.32 -22.55
N ILE F 21 32.10 20.35 -23.04
CA ILE F 21 31.44 20.47 -24.33
C ILE F 21 29.93 20.39 -24.13
N ASN F 22 29.21 21.22 -24.88
CA ASN F 22 27.75 21.22 -24.91
C ASN F 22 27.31 21.05 -26.34
N VAL F 23 26.47 20.05 -26.61
CA VAL F 23 26.08 19.68 -27.96
C VAL F 23 24.58 19.46 -27.99
N GLU F 24 23.94 19.94 -29.06
CA GLU F 24 22.50 19.73 -29.25
C GLU F 24 22.19 19.19 -30.64
N GLN F 74 12.92 14.35 -32.74
CA GLN F 74 13.59 13.89 -31.52
C GLN F 74 14.87 14.67 -31.25
N LYS F 75 14.70 15.94 -30.87
CA LYS F 75 15.82 16.84 -30.61
C LYS F 75 16.33 16.64 -29.19
N PHE F 76 17.66 16.72 -29.03
CA PHE F 76 18.31 16.39 -27.77
C PHE F 76 19.33 17.46 -27.39
N MET F 77 19.75 17.40 -26.13
CA MET F 77 20.80 18.23 -25.57
C MET F 77 21.77 17.32 -24.82
N ALA F 78 23.07 17.53 -25.03
CA ALA F 78 24.08 16.61 -24.54
C ALA F 78 25.22 17.38 -23.88
N LEU F 79 26.00 16.66 -23.07
CA LEU F 79 27.14 17.24 -22.37
C LEU F 79 28.25 16.20 -22.25
N GLY F 80 29.47 16.66 -22.42
CA GLY F 80 30.64 15.82 -22.32
C GLY F 80 31.87 16.65 -22.01
N SER F 81 33.04 16.10 -22.35
CA SER F 81 34.30 16.79 -22.09
C SER F 81 35.24 16.62 -23.26
N GLY F 82 36.27 17.46 -23.29
CA GLY F 82 37.29 17.41 -24.32
C GLY F 82 38.59 17.94 -23.76
N VAL F 83 39.67 17.68 -24.51
CA VAL F 83 41.02 18.05 -24.10
C VAL F 83 41.73 18.70 -25.28
N ILE F 84 42.44 19.79 -25.01
CA ILE F 84 43.05 20.60 -26.06
C ILE F 84 44.32 19.91 -26.54
N ILE F 85 44.44 19.76 -27.86
CA ILE F 85 45.59 19.13 -28.47
C ILE F 85 46.55 20.16 -29.06
N ASP F 86 46.02 21.24 -29.63
CA ASP F 86 46.82 22.28 -30.27
C ASP F 86 46.36 23.63 -29.77
N ALA F 87 47.30 24.40 -29.19
CA ALA F 87 46.95 25.69 -28.61
C ALA F 87 46.52 26.67 -29.69
N ASP F 88 47.23 26.69 -30.82
CA ASP F 88 46.98 27.69 -31.85
C ASP F 88 45.73 27.37 -32.67
N LYS F 89 45.63 26.13 -33.16
CA LYS F 89 44.53 25.76 -34.05
C LYS F 89 43.22 25.49 -33.32
N GLY F 90 43.23 25.43 -31.99
CA GLY F 90 42.01 25.18 -31.24
C GLY F 90 41.48 23.77 -31.36
N TYR F 91 42.33 22.80 -31.66
CA TYR F 91 41.89 21.42 -31.76
C TYR F 91 41.61 20.84 -30.37
N VAL F 92 40.42 20.29 -30.20
CA VAL F 92 40.02 19.61 -28.97
C VAL F 92 39.67 18.17 -29.30
N VAL F 93 40.31 17.23 -28.61
CA VAL F 93 39.96 15.82 -28.74
C VAL F 93 38.83 15.50 -27.78
N THR F 94 37.94 14.60 -28.20
CA THR F 94 36.78 14.23 -27.40
C THR F 94 36.29 12.88 -27.90
N ASN F 95 35.36 12.30 -27.15
CA ASN F 95 34.79 11.02 -27.53
C ASN F 95 33.73 11.22 -28.60
N ASN F 96 33.64 10.25 -29.53
CA ASN F 96 32.73 10.39 -30.65
C ASN F 96 31.27 10.35 -30.20
N HIS F 97 30.96 9.52 -29.21
CA HIS F 97 29.58 9.43 -28.74
C HIS F 97 29.13 10.65 -27.96
N VAL F 98 29.89 11.75 -28.04
CA VAL F 98 29.53 13.02 -27.45
C VAL F 98 29.13 14.03 -28.50
N VAL F 99 29.84 14.07 -29.62
CA VAL F 99 29.63 15.07 -30.66
C VAL F 99 29.09 14.44 -31.94
N ASP F 100 28.67 13.18 -31.90
CA ASP F 100 28.01 12.57 -33.05
C ASP F 100 26.60 13.13 -33.20
N ASN F 101 26.17 13.30 -34.45
CA ASN F 101 24.88 13.91 -34.77
C ASN F 101 24.74 15.27 -34.09
N ALA F 102 25.80 16.07 -34.16
CA ALA F 102 25.86 17.37 -33.52
C ALA F 102 25.49 18.46 -34.52
N THR F 103 24.47 19.24 -34.20
CA THR F 103 24.14 20.43 -34.96
C THR F 103 24.86 21.66 -34.41
N VAL F 104 24.96 21.76 -33.09
CA VAL F 104 25.61 22.88 -32.42
C VAL F 104 26.61 22.32 -31.42
N ILE F 105 27.81 22.87 -31.40
CA ILE F 105 28.90 22.40 -30.55
C ILE F 105 29.48 23.60 -29.83
N LYS F 106 29.11 23.78 -28.56
CA LYS F 106 29.61 24.84 -27.71
C LYS F 106 30.61 24.28 -26.71
N VAL F 107 31.80 24.88 -26.66
CA VAL F 107 32.86 24.46 -25.75
C VAL F 107 33.07 25.55 -24.71
N GLN F 108 33.14 25.14 -23.44
CA GLN F 108 33.32 26.07 -22.32
C GLN F 108 34.66 25.77 -21.64
N LEU F 109 35.53 26.76 -21.60
CA LEU F 109 36.88 26.58 -21.06
C LEU F 109 36.81 26.49 -19.53
N SER F 110 38.00 26.45 -18.91
CA SER F 110 38.07 26.35 -17.45
C SER F 110 37.71 27.67 -16.79
N ASP F 111 37.95 28.79 -17.46
CA ASP F 111 37.67 30.11 -16.91
C ASP F 111 36.21 30.51 -17.08
N GLY F 112 35.47 29.83 -17.96
CA GLY F 112 34.10 30.18 -18.28
C GLY F 112 33.90 30.58 -19.72
N ARG F 113 34.96 30.95 -20.42
CA ARG F 113 34.87 31.43 -21.79
C ARG F 113 34.22 30.38 -22.69
N LYS F 114 33.10 30.75 -23.31
CA LYS F 114 32.43 29.89 -24.27
C LYS F 114 33.03 30.06 -25.65
N PHE F 115 32.95 28.99 -26.44
CA PHE F 115 33.44 29.01 -27.81
C PHE F 115 32.54 28.15 -28.67
N ASP F 116 32.54 28.45 -29.97
CA ASP F 116 31.84 27.66 -30.97
C ASP F 116 32.85 26.76 -31.67
N ALA F 117 32.51 25.49 -31.80
CA ALA F 117 33.39 24.51 -32.41
C ALA F 117 32.66 23.74 -33.49
N LYS F 118 33.42 23.24 -34.47
CA LYS F 118 32.87 22.43 -35.53
C LYS F 118 33.72 21.18 -35.72
N MET F 119 33.17 20.24 -36.48
CA MET F 119 33.75 18.91 -36.60
C MET F 119 34.98 18.92 -37.49
N VAL F 120 35.95 18.07 -37.16
CA VAL F 120 37.16 17.89 -37.95
C VAL F 120 37.24 16.45 -38.43
N GLY F 121 37.30 15.51 -37.48
CA GLY F 121 37.36 14.10 -37.81
C GLY F 121 36.52 13.28 -36.83
N LYS F 122 36.32 12.03 -37.21
CA LYS F 122 35.56 11.10 -36.38
C LYS F 122 35.91 9.68 -36.78
N ASP F 123 35.94 8.79 -35.78
CA ASP F 123 36.15 7.36 -36.02
C ASP F 123 35.43 6.61 -34.93
N PRO F 124 34.17 6.21 -35.17
CA PRO F 124 33.39 5.56 -34.12
C PRO F 124 33.87 4.16 -33.76
N ARG F 125 34.66 3.52 -34.63
CA ARG F 125 35.21 2.22 -34.28
C ARG F 125 36.13 2.31 -33.07
N SER F 126 36.75 3.47 -32.85
CA SER F 126 37.57 3.71 -31.67
C SER F 126 36.95 4.72 -30.71
N ASP F 127 35.82 5.33 -31.08
CA ASP F 127 35.11 6.30 -30.24
C ASP F 127 35.96 7.54 -29.99
N ILE F 128 36.70 7.97 -31.00
CA ILE F 128 37.52 9.18 -30.94
C ILE F 128 37.01 10.16 -31.99
N ALA F 129 36.90 11.43 -31.61
CA ALA F 129 36.49 12.49 -32.51
C ALA F 129 37.26 13.75 -32.19
N LEU F 130 37.62 14.50 -33.22
CA LEU F 130 38.35 15.75 -33.07
C LEU F 130 37.48 16.90 -33.52
N ILE F 131 37.37 17.92 -32.68
CA ILE F 131 36.68 19.16 -33.03
C ILE F 131 37.68 20.29 -33.01
N GLN F 132 37.32 21.41 -33.64
CA GLN F 132 38.17 22.58 -33.71
C GLN F 132 37.41 23.80 -33.22
N ILE F 133 37.92 24.42 -32.16
CA ILE F 133 37.37 25.68 -31.69
C ILE F 133 37.48 26.73 -32.78
N GLN F 134 36.38 27.41 -33.06
CA GLN F 134 36.40 28.52 -34.01
C GLN F 134 36.88 29.79 -33.31
N ASN F 135 37.79 30.50 -33.98
CA ASN F 135 38.38 31.75 -33.48
C ASN F 135 38.99 31.54 -32.09
N PRO F 136 40.13 30.85 -31.99
CA PRO F 136 40.74 30.60 -30.69
C PRO F 136 41.47 31.83 -30.18
N LYS F 137 41.34 32.08 -28.87
CA LYS F 137 42.04 33.18 -28.21
C LYS F 137 42.64 32.67 -26.91
N ASN F 138 43.97 32.66 -26.84
CA ASN F 138 44.73 32.32 -25.64
C ASN F 138 44.28 30.96 -25.07
N LEU F 139 44.60 29.92 -25.83
CA LEU F 139 44.30 28.56 -25.44
C LEU F 139 45.55 27.86 -24.93
N THR F 140 45.33 26.85 -24.09
CA THR F 140 46.41 26.14 -23.40
C THR F 140 46.36 24.67 -23.81
N ALA F 141 47.35 24.22 -24.58
CA ALA F 141 47.43 22.82 -24.96
C ALA F 141 47.95 21.97 -23.80
N ILE F 142 47.74 20.66 -23.90
CA ILE F 142 48.23 19.72 -22.91
C ILE F 142 49.46 19.03 -23.47
N LYS F 143 50.32 18.57 -22.57
CA LYS F 143 51.49 17.79 -22.96
C LYS F 143 51.13 16.31 -22.89
N MET F 144 51.38 15.59 -23.98
CA MET F 144 51.02 14.18 -24.07
C MET F 144 52.22 13.30 -23.70
N ALA F 145 51.94 12.22 -22.97
CA ALA F 145 52.94 11.22 -22.64
C ALA F 145 52.72 9.96 -23.47
N ASP F 146 53.76 9.14 -23.55
CA ASP F 146 53.69 7.85 -24.23
C ASP F 146 53.08 6.84 -23.27
N SER F 147 51.87 6.37 -23.58
CA SER F 147 51.17 5.43 -22.71
C SER F 147 51.86 4.07 -22.63
N ASP F 148 52.80 3.78 -23.53
CA ASP F 148 53.55 2.53 -23.43
C ASP F 148 54.49 2.48 -22.23
N ALA F 149 54.74 3.62 -21.60
CA ALA F 149 55.50 3.67 -20.36
C ALA F 149 54.63 3.41 -19.13
N LEU F 150 53.31 3.33 -19.30
CA LEU F 150 52.43 3.12 -18.17
C LEU F 150 52.66 1.74 -17.55
N ARG F 151 52.27 1.62 -16.29
CA ARG F 151 52.49 0.42 -15.51
C ARG F 151 51.38 0.33 -14.48
N VAL F 152 50.84 -0.88 -14.29
CA VAL F 152 49.76 -1.05 -13.32
C VAL F 152 50.25 -0.64 -11.94
N GLY F 153 49.56 0.32 -11.33
CA GLY F 153 49.94 0.85 -10.04
C GLY F 153 50.39 2.29 -10.07
N ASP F 154 50.63 2.86 -11.24
CA ASP F 154 50.94 4.28 -11.32
C ASP F 154 49.71 5.10 -10.95
N TYR F 155 49.91 6.19 -10.23
CA TYR F 155 48.80 7.03 -9.81
C TYR F 155 48.30 7.86 -10.98
N THR F 156 46.97 7.94 -11.11
CA THR F 156 46.31 8.66 -12.19
C THR F 156 45.42 9.76 -11.63
N VAL F 157 45.13 10.74 -12.47
CA VAL F 157 44.22 11.83 -12.15
C VAL F 157 43.32 12.07 -13.35
N ALA F 158 42.01 12.04 -13.12
CA ALA F 158 41.02 12.20 -14.18
C ALA F 158 40.35 13.56 -14.05
N ILE F 159 40.20 14.22 -15.18
CA ILE F 159 39.58 15.54 -15.26
C ILE F 159 38.42 15.45 -16.23
N GLY F 160 37.29 16.05 -15.87
CA GLY F 160 36.13 16.02 -16.74
C GLY F 160 34.99 16.82 -16.17
N ASN F 161 33.83 16.70 -16.83
CA ASN F 161 32.61 17.43 -16.47
C ASN F 161 31.50 16.42 -16.15
N PRO F 162 31.49 15.86 -14.94
CA PRO F 162 30.47 14.88 -14.56
C PRO F 162 29.14 15.57 -14.30
N PHE F 163 28.12 15.21 -15.07
CA PHE F 163 26.77 15.77 -14.95
C PHE F 163 26.76 17.27 -15.16
N GLY F 164 27.68 17.78 -15.99
CA GLY F 164 27.73 19.20 -16.27
C GLY F 164 28.04 20.08 -15.08
N LEU F 165 28.53 19.52 -13.98
CA LEU F 165 28.81 20.30 -12.78
C LEU F 165 29.89 21.34 -13.02
N GLY F 166 30.75 21.11 -13.99
CA GLY F 166 32.01 21.83 -14.12
C GLY F 166 33.20 20.88 -13.97
N GLU F 167 34.37 21.44 -14.24
CA GLU F 167 35.58 20.63 -14.23
C GLU F 167 35.78 19.99 -12.86
N THR F 168 35.85 18.67 -12.84
CA THR F 168 36.00 17.90 -11.61
C THR F 168 37.23 17.01 -11.72
N VAL F 169 38.09 17.10 -10.71
CA VAL F 169 39.33 16.34 -10.68
C VAL F 169 39.16 15.16 -9.73
N THR F 170 39.60 13.99 -10.17
CA THR F 170 39.46 12.75 -9.42
C THR F 170 40.74 11.93 -9.53
N SER F 171 41.07 11.22 -8.46
CA SER F 171 42.34 10.51 -8.33
C SER F 171 42.14 9.01 -8.30
N GLY F 172 43.19 8.29 -8.68
CA GLY F 172 43.16 6.85 -8.69
C GLY F 172 44.49 6.29 -9.14
N ILE F 173 44.50 5.00 -9.44
CA ILE F 173 45.69 4.32 -9.93
C ILE F 173 45.34 3.62 -11.24
N VAL F 174 46.39 3.17 -11.93
CA VAL F 174 46.19 2.28 -13.08
C VAL F 174 45.70 0.93 -12.55
N SER F 175 44.41 0.67 -12.69
CA SER F 175 43.87 -0.60 -12.19
C SER F 175 44.43 -1.78 -12.98
N ALA F 176 44.51 -1.64 -14.30
CA ALA F 176 45.09 -2.64 -15.18
C ALA F 176 45.19 -1.99 -16.56
N LEU F 177 45.74 -2.72 -17.51
CA LEU F 177 45.99 -2.21 -18.85
C LEU F 177 45.57 -3.25 -19.88
N GLY F 178 45.53 -2.81 -21.14
CA GLY F 178 45.28 -3.71 -22.25
C GLY F 178 43.90 -4.33 -22.25
N ARG F 179 42.97 -3.78 -21.49
CA ARG F 179 41.65 -4.38 -21.37
C ARG F 179 40.84 -4.16 -22.64
N SER F 180 40.04 -5.16 -22.97
CA SER F 180 39.20 -5.11 -24.17
C SER F 180 38.06 -6.09 -23.97
N GLY F 181 37.20 -6.18 -24.98
CA GLY F 181 36.11 -7.13 -25.02
C GLY F 181 34.74 -6.55 -24.79
N LEU F 182 34.65 -5.31 -24.27
CA LEU F 182 33.35 -4.70 -23.99
C LEU F 182 32.58 -4.36 -25.24
N ASN F 183 33.22 -4.38 -26.41
CA ASN F 183 32.53 -4.24 -27.70
C ASN F 183 33.44 -4.91 -28.72
N ALA F 184 33.24 -6.21 -28.93
CA ALA F 184 34.18 -7.06 -29.66
C ALA F 184 34.49 -6.55 -31.06
N GLU F 185 33.77 -5.55 -31.56
CA GLU F 185 34.02 -4.99 -32.88
C GLU F 185 34.60 -3.58 -32.82
N ASN F 186 34.71 -2.98 -31.63
CA ASN F 186 35.36 -1.69 -31.48
C ASN F 186 36.85 -1.86 -31.22
N TYR F 187 37.63 -0.88 -31.68
CA TYR F 187 39.06 -0.86 -31.40
C TYR F 187 39.25 -0.43 -29.95
N GLU F 188 39.65 -1.37 -29.11
CA GLU F 188 39.66 -1.17 -27.66
C GLU F 188 40.96 -1.70 -27.08
N ASN F 189 41.69 -0.82 -26.38
CA ASN F 189 42.92 -1.18 -25.68
C ASN F 189 42.99 -0.36 -24.40
N PHE F 190 41.94 -0.45 -23.59
CA PHE F 190 41.71 0.52 -22.52
C PHE F 190 42.74 0.43 -21.41
N ILE F 191 43.08 1.59 -20.86
CA ILE F 191 43.59 1.69 -19.49
C ILE F 191 42.41 1.60 -18.55
N GLN F 192 42.49 0.73 -17.55
CA GLN F 192 41.47 0.65 -16.53
C GLN F 192 41.97 1.38 -15.28
N THR F 193 41.06 2.08 -14.62
CA THR F 193 41.44 2.85 -13.44
C THR F 193 40.29 2.89 -12.46
N ASP F 194 40.65 2.99 -11.18
CA ASP F 194 39.70 3.15 -10.09
C ASP F 194 39.36 4.61 -9.81
N ALA F 195 39.82 5.53 -10.67
CA ALA F 195 39.52 6.94 -10.49
C ALA F 195 38.05 7.22 -10.79
N ALA F 196 37.46 8.13 -10.03
CA ALA F 196 36.03 8.39 -10.14
C ALA F 196 35.70 8.96 -11.52
N ILE F 197 34.81 8.29 -12.25
CA ILE F 197 34.43 8.70 -13.59
C ILE F 197 32.94 8.40 -13.77
N ASN F 198 32.14 9.40 -14.13
CA ASN F 198 30.71 9.15 -14.34
C ASN F 198 30.21 9.78 -15.62
N ARG F 199 28.88 9.79 -15.80
CA ARG F 199 28.27 10.34 -17.00
C ARG F 199 28.68 11.80 -17.17
N GLY F 200 29.36 12.10 -18.26
CA GLY F 200 29.89 13.41 -18.53
C GLY F 200 31.41 13.48 -18.51
N ASN F 201 32.07 12.54 -17.82
CA ASN F 201 33.52 12.46 -17.84
C ASN F 201 34.07 12.00 -19.19
N ALA F 202 33.19 11.57 -20.11
CA ALA F 202 33.64 11.09 -21.41
C ALA F 202 34.33 12.20 -22.19
N GLY F 203 35.43 11.84 -22.84
CA GLY F 203 36.25 12.82 -23.53
C GLY F 203 37.22 13.58 -22.64
N GLY F 204 37.21 13.33 -21.33
CA GLY F 204 38.05 14.04 -20.40
C GLY F 204 39.49 13.54 -20.42
N ALA F 205 40.28 14.08 -19.51
CA ALA F 205 41.71 13.81 -19.46
C ALA F 205 42.04 12.84 -18.32
N LEU F 206 42.77 11.79 -18.65
CA LEU F 206 43.46 10.96 -17.66
C LEU F 206 44.94 11.24 -17.81
N VAL F 207 45.55 11.83 -16.78
CA VAL F 207 46.94 12.22 -16.81
C VAL F 207 47.68 11.53 -15.67
N ASN F 208 49.00 11.46 -15.81
CA ASN F 208 49.82 10.92 -14.75
C ASN F 208 50.08 12.00 -13.70
N LEU F 209 50.99 11.74 -12.76
CA LEU F 209 51.21 12.69 -11.68
C LEU F 209 51.99 13.91 -12.14
N ASN F 210 52.73 13.81 -13.24
CA ASN F 210 53.37 14.99 -13.81
C ASN F 210 52.44 15.80 -14.71
N GLY F 211 51.17 15.41 -14.82
CA GLY F 211 50.24 16.11 -15.67
C GLY F 211 50.23 15.69 -17.13
N GLU F 212 51.14 14.83 -17.53
CA GLU F 212 51.19 14.39 -18.92
C GLU F 212 49.96 13.52 -19.24
N LEU F 213 49.36 13.76 -20.40
CA LEU F 213 48.14 13.06 -20.76
C LEU F 213 48.46 11.62 -21.12
N ILE F 214 47.88 10.66 -20.38
CA ILE F 214 48.09 9.26 -20.69
C ILE F 214 46.90 8.61 -21.37
N GLY F 215 45.70 9.19 -21.25
CA GLY F 215 44.54 8.60 -21.89
C GLY F 215 43.35 9.51 -21.81
N ILE F 216 42.31 9.13 -22.55
CA ILE F 216 41.06 9.88 -22.61
C ILE F 216 39.96 9.02 -22.00
N ASN F 217 39.40 9.48 -20.88
CA ASN F 217 38.30 8.78 -20.22
C ASN F 217 37.15 8.53 -21.19
N THR F 218 36.67 7.29 -21.22
CA THR F 218 35.70 6.90 -22.23
C THR F 218 34.43 6.28 -21.63
N ALA F 219 34.58 5.16 -20.93
CA ALA F 219 33.41 4.47 -20.41
C ALA F 219 33.74 3.78 -19.09
N ILE F 220 32.71 3.60 -18.28
CA ILE F 220 32.83 2.94 -16.99
C ILE F 220 32.10 1.61 -17.04
N LEU F 221 32.56 0.67 -16.23
CA LEU F 221 31.81 -0.55 -15.97
C LEU F 221 31.01 -0.32 -14.70
N ALA F 222 29.69 -0.25 -14.85
CA ALA F 222 28.81 0.01 -13.72
C ALA F 222 27.45 -0.63 -13.98
N PRO F 223 26.99 -1.52 -13.10
CA PRO F 223 25.64 -2.07 -13.25
C PRO F 223 24.54 -1.03 -13.04
N ASP F 224 24.88 0.15 -12.53
CA ASP F 224 23.89 1.17 -12.16
C ASP F 224 24.08 2.49 -12.87
N GLY F 225 25.09 2.62 -13.73
CA GLY F 225 25.38 3.91 -14.34
C GLY F 225 26.18 4.86 -13.47
N GLY F 226 26.68 4.39 -12.34
CA GLY F 226 27.52 5.21 -11.48
C GLY F 226 28.79 4.47 -11.13
N ASN F 227 29.89 5.21 -11.08
CA ASN F 227 31.23 4.63 -10.94
C ASN F 227 31.29 3.71 -9.73
N ILE F 228 31.84 2.50 -9.94
CA ILE F 228 32.05 1.55 -8.86
C ILE F 228 33.52 1.19 -8.81
N GLY F 229 34.37 2.10 -9.29
CA GLY F 229 35.80 1.87 -9.27
C GLY F 229 36.36 1.23 -10.51
N ILE F 230 35.59 1.16 -11.58
CA ILE F 230 36.06 0.58 -12.84
C ILE F 230 35.78 1.60 -13.94
N GLY F 231 36.81 2.34 -14.31
CA GLY F 231 36.73 3.26 -15.44
C GLY F 231 37.78 2.91 -16.47
N PHE F 232 37.44 3.11 -17.74
CA PHE F 232 38.34 2.82 -18.84
C PHE F 232 38.64 4.08 -19.62
N ALA F 233 39.88 4.17 -20.14
CA ALA F 233 40.33 5.32 -20.89
C ALA F 233 41.18 4.86 -22.08
N ILE F 234 40.90 5.40 -23.25
CA ILE F 234 41.69 5.10 -24.45
C ILE F 234 43.11 5.63 -24.27
N PRO F 235 44.15 4.83 -24.47
CA PRO F 235 45.51 5.31 -24.20
C PRO F 235 45.88 6.48 -25.12
N SER F 236 46.79 7.31 -24.62
CA SER F 236 47.16 8.53 -25.35
C SER F 236 47.74 8.21 -26.71
N ASN F 237 48.50 7.12 -26.81
CA ASN F 237 49.15 6.79 -28.08
C ASN F 237 48.13 6.49 -29.18
N MET F 238 47.00 5.90 -28.82
CA MET F 238 45.93 5.76 -29.80
C MET F 238 45.34 7.11 -30.17
N VAL F 239 45.22 8.01 -29.19
CA VAL F 239 44.72 9.35 -29.46
C VAL F 239 45.68 10.11 -30.38
N LYS F 240 46.98 9.94 -30.15
CA LYS F 240 47.98 10.57 -31.01
C LYS F 240 47.83 10.11 -32.46
N ASN F 241 47.86 8.78 -32.67
CA ASN F 241 47.78 8.25 -34.03
C ASN F 241 46.44 8.56 -34.68
N LEU F 242 45.36 8.64 -33.90
CA LEU F 242 44.04 8.87 -34.48
C LEU F 242 43.82 10.35 -34.80
N THR F 243 44.12 11.24 -33.85
CA THR F 243 43.89 12.67 -34.10
C THR F 243 44.86 13.21 -35.15
N SER F 244 46.13 12.82 -35.09
CA SER F 244 47.09 13.25 -36.10
C SER F 244 46.71 12.79 -37.50
N GLN F 245 45.82 11.80 -37.60
CA GLN F 245 45.28 11.43 -38.90
C GLN F 245 44.08 12.31 -39.27
N MET F 246 43.21 12.61 -38.29
CA MET F 246 42.04 13.42 -38.59
C MET F 246 42.43 14.82 -39.05
N VAL F 247 43.60 15.30 -38.63
CA VAL F 247 44.08 16.60 -39.10
C VAL F 247 44.64 16.47 -40.51
N GLU F 248 45.47 15.46 -40.73
CA GLU F 248 46.18 15.33 -42.01
C GLU F 248 45.31 14.74 -43.11
N TYR F 249 44.36 13.87 -42.75
CA TYR F 249 43.50 13.24 -43.74
C TYR F 249 42.01 13.51 -43.57
N GLY F 250 41.56 14.01 -42.43
CA GLY F 250 40.15 14.32 -42.28
C GLY F 250 39.38 13.12 -41.75
N GLN F 251 39.82 11.92 -42.13
CA GLN F 251 39.27 10.68 -41.61
C GLN F 251 40.42 9.74 -41.26
N VAL F 252 40.12 8.49 -40.94
CA VAL F 252 41.15 7.56 -40.48
C VAL F 252 41.48 6.60 -41.62
N LYS F 253 42.69 6.75 -42.17
CA LYS F 253 43.18 5.87 -43.23
C LYS F 253 43.50 4.50 -42.63
N ARG F 254 42.57 3.55 -42.77
CA ARG F 254 42.68 2.25 -42.12
C ARG F 254 43.47 1.28 -42.99
N GLY F 255 44.50 0.69 -42.41
CA GLY F 255 45.32 -0.29 -43.11
C GLY F 255 45.12 -1.68 -42.55
N GLU F 256 45.36 -2.70 -43.37
CA GLU F 256 45.20 -4.08 -42.93
C GLU F 256 46.39 -4.90 -43.38
N LEU F 257 46.66 -5.96 -42.61
CA LEU F 257 47.78 -6.87 -42.88
C LEU F 257 47.36 -8.10 -43.66
N GLY F 258 46.08 -8.46 -43.63
CA GLY F 258 45.62 -9.65 -44.28
C GLY F 258 45.95 -10.93 -43.53
N ILE F 259 45.67 -10.95 -42.23
CA ILE F 259 45.75 -12.17 -41.44
C ILE F 259 44.47 -12.30 -40.63
N MET F 260 43.96 -13.53 -40.56
CA MET F 260 42.91 -13.88 -39.62
C MET F 260 43.52 -14.56 -38.41
N GLY F 261 42.83 -14.48 -37.29
CA GLY F 261 43.35 -15.08 -36.07
C GLY F 261 42.38 -14.99 -34.92
N THR F 262 42.64 -15.83 -33.92
CA THR F 262 41.90 -15.83 -32.67
C THR F 262 42.89 -15.75 -31.51
N GLU F 263 42.35 -15.52 -30.32
CA GLU F 263 43.18 -15.38 -29.13
C GLU F 263 43.90 -16.69 -28.83
N LEU F 264 44.89 -16.61 -27.95
CA LEU F 264 45.69 -17.76 -27.54
C LEU F 264 45.41 -18.03 -26.08
N ASN F 265 44.71 -19.12 -25.79
CA ASN F 265 44.43 -19.56 -24.43
C ASN F 265 45.47 -20.58 -23.99
N SER F 266 45.47 -20.87 -22.68
CA SER F 266 46.38 -21.89 -22.15
C SER F 266 46.03 -23.27 -22.67
N GLU F 267 44.83 -23.44 -23.22
CA GLU F 267 44.43 -24.72 -23.79
C GLU F 267 44.98 -24.92 -25.19
N LEU F 268 45.10 -23.84 -25.97
CA LEU F 268 45.67 -23.95 -27.31
C LEU F 268 47.19 -24.06 -27.26
N ALA F 269 47.82 -23.46 -26.25
CA ALA F 269 49.27 -23.53 -26.12
C ALA F 269 49.73 -24.97 -26.02
N LYS F 270 48.96 -25.81 -25.32
CA LYS F 270 49.28 -27.23 -25.22
C LYS F 270 49.19 -27.91 -26.59
N ALA F 271 48.08 -27.70 -27.30
CA ALA F 271 47.82 -28.47 -28.50
C ALA F 271 48.82 -28.17 -29.61
N MET F 272 49.26 -26.92 -29.70
CA MET F 272 50.14 -26.48 -30.77
C MET F 272 51.61 -26.39 -30.33
N LYS F 273 51.94 -26.98 -29.17
CA LYS F 273 53.32 -27.00 -28.68
C LYS F 273 53.91 -25.60 -28.60
N VAL F 274 53.08 -24.64 -28.19
CA VAL F 274 53.48 -23.26 -28.04
C VAL F 274 53.77 -22.98 -26.57
N ASP F 275 54.72 -22.09 -26.31
CA ASP F 275 55.12 -21.78 -24.95
C ASP F 275 54.26 -20.69 -24.31
N ALA F 276 54.11 -19.55 -24.98
CA ALA F 276 53.35 -18.43 -24.42
C ALA F 276 51.87 -18.79 -24.26
N GLN F 277 51.22 -18.20 -23.27
CA GLN F 277 49.83 -18.49 -22.95
C GLN F 277 48.86 -17.39 -23.39
N ARG F 278 49.35 -16.34 -24.03
CA ARG F 278 48.46 -15.28 -24.49
C ARG F 278 49.11 -14.57 -25.67
N GLY F 279 48.34 -14.37 -26.74
CA GLY F 279 48.88 -13.74 -27.93
C GLY F 279 47.91 -13.83 -29.10
N ALA F 280 48.47 -13.82 -30.30
CA ALA F 280 47.68 -13.85 -31.53
C ALA F 280 48.05 -15.10 -32.32
N PHE F 281 47.04 -15.90 -32.67
CA PHE F 281 47.23 -17.15 -33.41
C PHE F 281 46.85 -16.92 -34.86
N VAL F 282 47.84 -16.91 -35.75
CA VAL F 282 47.61 -16.71 -37.17
C VAL F 282 46.87 -17.91 -37.74
N SER F 283 45.55 -17.75 -37.92
CA SER F 283 44.76 -18.80 -38.57
C SER F 283 45.10 -18.89 -40.04
N GLN F 284 45.01 -17.77 -40.76
CA GLN F 284 45.15 -17.77 -42.21
C GLN F 284 45.55 -16.36 -42.65
N VAL F 285 46.35 -16.30 -43.70
CA VAL F 285 46.77 -15.03 -44.29
C VAL F 285 46.17 -14.95 -45.68
N LEU F 286 45.58 -13.79 -46.00
CA LEU F 286 45.08 -13.57 -47.35
C LEU F 286 46.25 -13.43 -48.31
N PRO F 287 46.17 -14.01 -49.51
CA PRO F 287 47.19 -13.74 -50.52
C PRO F 287 47.12 -12.29 -50.97
N ASN F 288 48.24 -11.82 -51.53
CA ASN F 288 48.45 -10.43 -51.91
C ASN F 288 48.36 -9.48 -50.73
N SER F 289 48.41 -9.99 -49.50
CA SER F 289 48.45 -9.18 -48.31
C SER F 289 49.89 -8.98 -47.87
N SER F 290 50.11 -7.93 -47.07
CA SER F 290 51.47 -7.63 -46.59
C SER F 290 52.08 -8.84 -45.89
N ALA F 291 51.27 -9.54 -45.08
CA ALA F 291 51.78 -10.70 -44.37
C ALA F 291 52.07 -11.85 -45.33
N ALA F 292 51.20 -12.05 -46.32
CA ALA F 292 51.49 -13.04 -47.36
C ALA F 292 52.80 -12.69 -48.07
N LYS F 293 52.96 -11.43 -48.47
CA LYS F 293 54.22 -10.98 -49.06
C LYS F 293 55.37 -11.15 -48.07
N ALA F 294 55.18 -10.71 -46.82
CA ALA F 294 56.23 -10.82 -45.82
C ALA F 294 56.55 -12.25 -45.44
N GLY F 295 55.76 -13.22 -45.90
CA GLY F 295 56.03 -14.60 -45.58
C GLY F 295 55.62 -15.02 -44.19
N ILE F 296 54.49 -14.52 -43.71
CA ILE F 296 53.91 -15.01 -42.46
C ILE F 296 53.01 -16.18 -42.81
N LYS F 297 53.31 -17.34 -42.24
CA LYS F 297 52.56 -18.55 -42.54
C LYS F 297 51.52 -18.80 -41.45
N ALA F 298 50.59 -19.69 -41.77
CA ALA F 298 49.49 -20.00 -40.86
C ALA F 298 50.02 -20.78 -39.66
N GLY F 299 49.24 -20.75 -38.58
CA GLY F 299 49.65 -21.41 -37.36
C GLY F 299 50.77 -20.72 -36.61
N ASP F 300 51.13 -19.50 -37.01
CA ASP F 300 52.14 -18.73 -36.31
C ASP F 300 51.50 -17.97 -35.16
N VAL F 301 52.34 -17.57 -34.20
CA VAL F 301 51.88 -16.91 -32.99
C VAL F 301 52.62 -15.58 -32.84
N ILE F 302 51.86 -14.49 -32.72
CA ILE F 302 52.44 -13.16 -32.60
C ILE F 302 52.62 -12.85 -31.12
N THR F 303 53.88 -12.73 -30.70
CA THR F 303 54.19 -12.48 -29.29
C THR F 303 54.36 -11.00 -28.97
N SER F 304 55.04 -10.25 -29.84
CA SER F 304 55.38 -8.86 -29.59
C SER F 304 55.04 -8.00 -30.80
N LEU F 305 55.08 -6.69 -30.59
CA LEU F 305 54.90 -5.71 -31.65
C LEU F 305 55.93 -4.60 -31.45
N ASN F 306 56.90 -4.51 -32.36
CA ASN F 306 57.93 -3.48 -32.31
C ASN F 306 58.76 -3.56 -31.03
N GLY F 307 58.82 -4.73 -30.42
CA GLY F 307 59.57 -4.89 -29.18
C GLY F 307 58.66 -5.01 -27.97
N LYS F 308 57.61 -4.19 -27.94
CA LYS F 308 56.66 -4.23 -26.83
C LYS F 308 55.82 -5.50 -26.94
N PRO F 309 55.82 -6.36 -25.93
CA PRO F 309 55.05 -7.60 -26.02
C PRO F 309 53.55 -7.32 -26.12
N ILE F 310 52.83 -8.29 -26.65
CA ILE F 310 51.39 -8.19 -26.83
C ILE F 310 50.69 -8.85 -25.66
N SER F 311 49.62 -8.21 -25.18
CA SER F 311 48.80 -8.75 -24.10
C SER F 311 47.69 -9.65 -24.61
N SER F 312 47.14 -9.36 -25.78
CA SER F 312 46.03 -10.11 -26.36
C SER F 312 45.90 -9.71 -27.81
N PHE F 313 45.21 -10.56 -28.57
CA PHE F 313 44.89 -10.23 -29.97
C PHE F 313 44.02 -8.98 -30.03
N ALA F 314 43.00 -8.90 -29.17
CA ALA F 314 42.07 -7.78 -29.22
C ALA F 314 42.76 -6.45 -28.95
N ALA F 315 43.81 -6.46 -28.13
CA ALA F 315 44.64 -5.28 -28.00
C ALA F 315 45.45 -5.04 -29.28
N LEU F 316 46.12 -6.09 -29.77
CA LEU F 316 46.89 -6.01 -31.01
C LEU F 316 46.05 -5.50 -32.17
N ARG F 317 44.79 -5.95 -32.26
CA ARG F 317 43.90 -5.48 -33.31
C ARG F 317 43.66 -3.98 -33.19
N ALA F 318 43.51 -3.49 -31.96
CA ALA F 318 43.19 -2.08 -31.76
C ALA F 318 44.39 -1.18 -31.96
N GLN F 319 45.60 -1.66 -31.68
CA GLN F 319 46.80 -0.85 -31.89
C GLN F 319 46.95 -0.47 -33.36
N VAL F 320 47.06 -1.47 -34.24
CA VAL F 320 47.32 -1.21 -35.65
C VAL F 320 46.09 -0.69 -36.36
N GLY F 321 44.90 -0.89 -35.78
CA GLY F 321 43.71 -0.24 -36.29
C GLY F 321 43.80 1.27 -36.27
N THR F 322 44.64 1.82 -35.38
CA THR F 322 44.96 3.24 -35.35
C THR F 322 46.25 3.57 -36.10
N MET F 323 46.92 2.58 -36.70
CA MET F 323 48.11 3.11 -37.37
C MET F 323 47.77 3.52 -38.80
N PRO F 324 48.38 4.58 -39.29
CA PRO F 324 48.11 5.03 -40.66
C PRO F 324 48.58 3.99 -41.67
N VAL F 325 47.96 4.03 -42.85
CA VAL F 325 48.34 3.10 -43.92
C VAL F 325 49.81 3.31 -44.26
N GLY F 326 50.49 2.22 -44.59
CA GLY F 326 51.90 2.27 -44.90
C GLY F 326 52.81 2.31 -43.70
N SER F 327 52.26 2.30 -42.49
CA SER F 327 53.09 2.29 -41.28
C SER F 327 53.95 1.05 -41.21
N LYS F 328 55.24 1.18 -41.52
CA LYS F 328 56.16 0.07 -41.36
C LYS F 328 56.28 -0.30 -39.88
N LEU F 329 56.44 -1.59 -39.61
CA LEU F 329 56.50 -2.09 -38.25
C LEU F 329 57.24 -3.42 -38.27
N THR F 330 57.48 -3.97 -37.08
CA THR F 330 58.14 -5.26 -36.90
C THR F 330 57.33 -6.09 -35.92
N LEU F 331 57.25 -7.40 -36.17
CA LEU F 331 56.48 -8.31 -35.32
C LEU F 331 57.35 -9.43 -34.78
N GLY F 332 57.02 -9.88 -33.58
CA GLY F 332 57.67 -11.02 -32.97
C GLY F 332 56.83 -12.28 -33.09
N LEU F 333 57.19 -13.15 -34.02
CA LEU F 333 56.45 -14.38 -34.24
C LEU F 333 57.04 -15.54 -33.43
N LEU F 334 56.31 -16.65 -33.43
CA LEU F 334 56.74 -17.87 -32.73
C LEU F 334 56.11 -19.04 -33.47
N ARG F 335 56.91 -19.70 -34.32
CA ARG F 335 56.45 -20.85 -35.09
C ARG F 335 57.35 -22.03 -34.79
N ASP F 336 56.74 -23.15 -34.39
CA ASP F 336 57.46 -24.41 -34.14
C ASP F 336 58.60 -24.20 -33.15
N GLY F 337 58.35 -23.38 -32.13
CA GLY F 337 59.34 -23.15 -31.10
C GLY F 337 60.56 -22.36 -31.55
N LYS F 338 60.44 -21.58 -32.62
CA LYS F 338 61.53 -20.74 -33.11
C LYS F 338 61.10 -19.28 -33.04
N GLN F 339 61.91 -18.45 -32.37
CA GLN F 339 61.63 -17.02 -32.30
C GLN F 339 61.86 -16.39 -33.68
N VAL F 340 60.84 -15.72 -34.20
CA VAL F 340 60.86 -15.17 -35.55
C VAL F 340 60.47 -13.70 -35.51
N ASN F 341 61.30 -12.86 -36.12
CA ASN F 341 61.00 -11.44 -36.28
C ASN F 341 60.62 -11.19 -37.74
N VAL F 342 59.70 -10.26 -37.96
CA VAL F 342 59.24 -9.96 -39.32
C VAL F 342 58.86 -8.48 -39.40
N ASN F 343 59.22 -7.85 -40.51
CA ASN F 343 58.85 -6.48 -40.81
C ASN F 343 57.67 -6.46 -41.76
N LEU F 344 56.82 -5.44 -41.65
CA LEU F 344 55.55 -5.43 -42.35
C LEU F 344 55.22 -4.00 -42.80
N GLU F 345 54.13 -3.89 -43.56
CA GLU F 345 53.72 -2.61 -44.14
C GLU F 345 52.23 -2.66 -44.46
N LEU F 346 51.44 -1.83 -43.80
CA LEU F 346 50.01 -1.84 -43.98
C LEU F 346 49.63 -1.48 -45.42
N GLN F 347 48.43 -1.91 -45.82
CA GLN F 347 47.89 -1.65 -47.16
C GLN F 347 46.39 -1.35 -47.03
N GLN F 348 45.76 -1.06 -48.17
CA GLN F 348 44.36 -0.64 -48.17
C GLN F 348 43.44 -1.85 -48.35
N SER F 349 42.21 -1.71 -47.87
CA SER F 349 41.16 -2.70 -48.11
C SER F 349 40.50 -2.50 -49.46
N PHE F 360 47.17 5.59 -65.47
CA PHE F 360 45.98 4.78 -65.19
C PHE F 360 44.92 5.58 -64.47
N ASN F 361 43.69 5.04 -64.42
CA ASN F 361 42.59 5.65 -63.69
C ASN F 361 41.48 4.64 -63.44
N GLY F 362 41.64 3.78 -62.45
CA GLY F 362 40.62 2.81 -62.09
C GLY F 362 39.37 3.48 -61.58
N ILE F 363 38.29 3.43 -62.36
CA ILE F 363 37.05 4.13 -62.03
C ILE F 363 36.00 3.09 -61.69
N GLU F 364 35.55 3.10 -60.43
CA GLU F 364 34.39 2.33 -59.99
C GLU F 364 34.60 0.83 -60.18
N GLY F 365 35.82 0.37 -59.92
CA GLY F 365 36.10 -1.05 -59.95
C GLY F 365 36.45 -1.60 -61.31
N ALA F 366 37.10 -0.81 -62.16
CA ALA F 366 37.58 -1.26 -63.45
C ALA F 366 38.91 -0.57 -63.69
N GLU F 367 39.97 -1.37 -63.85
CA GLU F 367 41.31 -0.86 -64.10
C GLU F 367 41.49 -0.59 -65.59
N MET F 368 41.96 0.61 -65.93
CA MET F 368 42.08 1.01 -67.33
C MET F 368 43.36 1.82 -67.53
N SER F 369 43.92 1.71 -68.73
CA SER F 369 45.08 2.48 -69.17
C SER F 369 44.92 2.76 -70.66
N ASN F 370 45.86 3.50 -71.22
CA ASN F 370 45.76 3.91 -72.62
C ASN F 370 46.19 2.78 -73.56
N LYS F 371 45.59 2.77 -74.75
CA LYS F 371 45.92 1.84 -75.80
C LYS F 371 46.39 2.62 -77.01
N GLY F 372 47.42 2.11 -77.69
CA GLY F 372 47.95 2.74 -78.88
C GLY F 372 48.37 4.19 -78.68
N LYS F 373 48.61 4.91 -79.78
CA LYS F 373 48.99 6.32 -79.74
C LYS F 373 47.72 7.15 -79.82
N ASP F 374 47.20 7.56 -78.65
CA ASP F 374 45.95 8.33 -78.55
C ASP F 374 44.75 7.54 -79.08
N GLN F 375 44.79 6.22 -79.00
CA GLN F 375 43.74 5.35 -79.51
C GLN F 375 42.63 5.09 -78.49
N GLY F 376 42.56 5.88 -77.43
CA GLY F 376 41.56 5.69 -76.40
C GLY F 376 42.10 4.95 -75.19
N VAL F 377 41.17 4.55 -74.33
CA VAL F 377 41.48 3.92 -73.05
C VAL F 377 40.92 2.50 -73.05
N VAL F 378 41.80 1.52 -72.93
CA VAL F 378 41.41 0.12 -72.89
C VAL F 378 41.17 -0.30 -71.44
N VAL F 379 40.01 -0.91 -71.18
CA VAL F 379 39.75 -1.50 -69.87
C VAL F 379 40.62 -2.74 -69.69
N ASN F 380 41.18 -2.91 -68.50
CA ASN F 380 42.13 -3.98 -68.27
C ASN F 380 41.64 -5.06 -67.33
N ASN F 381 40.78 -4.72 -66.37
CA ASN F 381 40.15 -5.74 -65.55
C ASN F 381 38.78 -5.26 -65.11
N VAL F 382 37.95 -6.23 -64.74
CA VAL F 382 36.56 -5.99 -64.38
C VAL F 382 36.23 -6.92 -63.23
N LYS F 383 36.03 -6.37 -62.06
CA LYS F 383 35.56 -7.15 -60.93
C LYS F 383 34.06 -7.32 -61.03
N THR F 384 33.60 -8.56 -60.85
CA THR F 384 32.16 -8.83 -60.85
C THR F 384 31.52 -8.22 -59.61
N GLY F 385 30.21 -7.96 -59.71
CA GLY F 385 29.50 -7.33 -58.62
C GLY F 385 29.96 -5.93 -58.26
N THR F 386 30.50 -5.18 -59.22
CA THR F 386 31.06 -3.86 -59.03
C THR F 386 30.18 -2.86 -59.79
N PRO F 387 30.28 -1.55 -59.50
CA PRO F 387 29.75 -0.58 -60.46
C PRO F 387 30.09 -0.91 -61.90
N ALA F 388 31.32 -1.35 -62.17
CA ALA F 388 31.70 -1.80 -63.51
C ALA F 388 30.79 -2.91 -64.01
N ALA F 389 30.39 -3.81 -63.12
CA ALA F 389 29.51 -4.91 -63.52
C ALA F 389 28.11 -4.40 -63.85
N GLN F 390 27.65 -3.35 -63.17
CA GLN F 390 26.37 -2.75 -63.51
C GLN F 390 26.43 -2.09 -64.89
N ILE F 391 27.57 -1.51 -65.24
CA ILE F 391 27.71 -0.87 -66.54
C ILE F 391 27.86 -1.91 -67.64
N GLY F 392 28.32 -3.12 -67.28
CA GLY F 392 28.48 -4.20 -68.24
C GLY F 392 29.86 -4.31 -68.85
N LEU F 393 30.70 -3.28 -68.68
CA LEU F 393 32.02 -3.27 -69.28
C LEU F 393 32.82 -4.48 -68.86
N LYS F 394 33.57 -5.04 -69.81
CA LYS F 394 34.35 -6.25 -69.58
C LYS F 394 35.81 -5.99 -69.87
N LYS F 395 36.67 -6.84 -69.31
CA LYS F 395 38.10 -6.73 -69.49
C LYS F 395 38.46 -6.87 -70.97
N GLY F 396 39.34 -5.98 -71.45
CA GLY F 396 39.71 -5.93 -72.84
C GLY F 396 38.96 -4.91 -73.66
N ASP F 397 37.93 -4.28 -73.09
CA ASP F 397 37.09 -3.35 -73.84
C ASP F 397 37.86 -2.06 -74.10
N VAL F 398 37.63 -1.47 -75.27
CA VAL F 398 38.36 -0.28 -75.71
C VAL F 398 37.38 0.87 -75.89
N ILE F 399 37.72 2.02 -75.33
CA ILE F 399 36.91 3.23 -75.46
C ILE F 399 37.46 4.06 -76.60
N ILE F 400 36.57 4.58 -77.44
CA ILE F 400 36.93 5.51 -78.50
C ILE F 400 36.54 6.93 -78.15
N GLY F 401 35.34 7.11 -77.59
CA GLY F 401 34.85 8.42 -77.23
C GLY F 401 33.73 8.30 -76.22
N ALA F 402 33.13 9.44 -75.89
CA ALA F 402 32.06 9.48 -74.90
C ALA F 402 31.35 10.82 -74.97
N ASN F 403 30.03 10.77 -74.94
CA ASN F 403 29.20 11.99 -74.98
C ASN F 403 29.54 12.85 -76.19
N GLN F 404 29.62 12.19 -77.36
CA GLN F 404 29.92 12.80 -78.65
C GLN F 404 31.33 13.38 -78.69
N GLN F 405 32.11 13.22 -77.62
CA GLN F 405 33.49 13.66 -77.58
C GLN F 405 34.40 12.44 -77.65
N ALA F 406 35.37 12.48 -78.56
CA ALA F 406 36.31 11.37 -78.71
C ALA F 406 37.30 11.35 -77.55
N VAL F 407 37.68 10.14 -77.14
CA VAL F 407 38.61 9.93 -76.04
C VAL F 407 39.88 9.31 -76.61
N LYS F 408 41.02 9.98 -76.37
CA LYS F 408 42.32 9.52 -76.84
C LYS F 408 43.18 8.96 -75.72
N ASN F 409 43.04 9.48 -74.51
CA ASN F 409 43.86 9.08 -73.38
C ASN F 409 43.02 9.24 -72.11
N ILE F 410 43.63 8.90 -70.97
CA ILE F 410 42.95 9.03 -69.68
C ILE F 410 42.81 10.50 -69.26
N ALA F 411 43.53 11.42 -69.91
CA ALA F 411 43.35 12.84 -69.63
C ALA F 411 42.06 13.38 -70.26
N GLU F 412 41.78 13.01 -71.51
CA GLU F 412 40.56 13.49 -72.15
C GLU F 412 39.32 12.83 -71.54
N LEU F 413 39.44 11.55 -71.15
CA LEU F 413 38.40 10.91 -70.36
C LEU F 413 38.12 11.69 -69.09
N ARG F 414 39.19 12.07 -68.37
CA ARG F 414 39.01 12.72 -67.07
C ARG F 414 38.41 14.11 -67.23
N LYS F 415 38.76 14.84 -68.29
CA LYS F 415 38.23 16.19 -68.48
C LYS F 415 36.74 16.18 -68.83
N VAL F 416 36.21 15.04 -69.26
CA VAL F 416 34.76 14.88 -69.32
C VAL F 416 34.21 14.37 -68.00
N LEU F 417 34.97 13.53 -67.28
CA LEU F 417 34.60 13.18 -65.91
C LEU F 417 34.76 14.38 -64.97
N ASP F 418 35.76 15.23 -65.23
CA ASP F 418 35.89 16.47 -64.48
C ASP F 418 34.73 17.42 -64.78
N SER F 419 34.14 17.32 -65.97
CA SER F 419 32.96 18.08 -66.31
C SER F 419 31.72 17.59 -65.56
N LYS F 420 31.78 16.38 -64.96
CA LYS F 420 30.75 15.78 -64.13
C LYS F 420 29.35 15.92 -64.73
N PRO F 421 29.00 15.08 -65.70
CA PRO F 421 27.64 15.10 -66.24
C PRO F 421 26.71 14.14 -65.49
N SER F 422 25.41 14.35 -65.68
CA SER F 422 24.41 13.55 -64.98
C SER F 422 24.34 12.12 -65.53
N VAL F 423 24.52 11.95 -66.84
CA VAL F 423 24.53 10.64 -67.47
C VAL F 423 25.80 10.54 -68.31
N LEU F 424 26.30 9.32 -68.45
CA LEU F 424 27.55 9.07 -69.15
C LEU F 424 27.29 8.08 -70.27
N ALA F 425 27.56 8.50 -71.51
CA ALA F 425 27.39 7.66 -72.69
C ALA F 425 28.76 7.39 -73.29
N LEU F 426 29.21 6.14 -73.23
CA LEU F 426 30.56 5.74 -73.61
C LEU F 426 30.53 5.07 -74.97
N ASN F 427 31.36 5.54 -75.90
CA ASN F 427 31.41 5.02 -77.27
C ASN F 427 32.56 4.02 -77.36
N ILE F 428 32.34 2.83 -76.82
CA ILE F 428 33.36 1.79 -76.79
C ILE F 428 33.31 0.94 -78.04
N GLN F 429 34.16 -0.07 -78.13
CA GLN F 429 34.06 -1.10 -79.17
C GLN F 429 34.46 -2.44 -78.57
N ARG F 430 33.52 -3.37 -78.56
CA ARG F 430 33.70 -4.68 -77.97
C ARG F 430 33.92 -5.71 -79.07
N GLY F 431 35.12 -6.27 -79.14
CA GLY F 431 35.41 -7.24 -80.18
C GLY F 431 35.50 -6.51 -81.50
N ASP F 432 34.67 -6.94 -82.46
CA ASP F 432 34.56 -6.27 -83.74
C ASP F 432 33.47 -5.21 -83.78
N SER F 433 32.51 -5.28 -82.86
CA SER F 433 31.37 -4.37 -82.86
C SER F 433 31.72 -3.06 -82.16
N THR F 434 30.99 -2.02 -82.52
CA THR F 434 31.03 -0.72 -81.88
C THR F 434 29.70 -0.50 -81.18
N ILE F 435 29.73 -0.37 -79.85
CA ILE F 435 28.54 -0.21 -79.04
C ILE F 435 28.67 1.05 -78.18
N TYR F 436 27.59 1.36 -77.45
CA TYR F 436 27.59 2.42 -76.46
C TYR F 436 27.24 1.84 -75.09
N LEU F 437 27.82 2.42 -74.04
CA LEU F 437 27.48 2.07 -72.68
C LEU F 437 26.99 3.31 -71.94
N LEU F 438 26.21 3.09 -70.89
CA LEU F 438 25.52 4.17 -70.20
C LEU F 438 25.77 4.07 -68.70
N MET F 439 25.76 5.24 -68.05
CA MET F 439 26.15 5.35 -66.65
C MET F 439 25.38 6.50 -66.00
N GLN F 440 25.25 6.42 -64.67
CA GLN F 440 24.85 7.56 -63.84
C GLN F 440 23.52 8.18 -64.26
N CYS G 1 -18.11 -13.34 8.54
CA CYS G 1 -19.17 -13.76 9.44
C CYS G 1 -19.61 -12.62 10.36
N TYR G 2 -19.51 -12.85 11.67
CA TYR G 2 -19.87 -11.81 12.64
C TYR G 2 -18.97 -10.59 12.48
N TYR G 3 -19.55 -9.41 12.67
CA TYR G 3 -18.82 -8.14 12.55
C TYR G 3 -19.08 -7.29 13.77
N LYS G 4 -18.01 -6.69 14.32
CA LYS G 4 -18.08 -5.89 15.53
C LYS G 4 -18.21 -4.42 15.15
N ILE G 5 -19.30 -3.79 15.56
CA ILE G 5 -19.64 -2.44 15.16
C ILE G 5 -18.74 -1.38 15.81
N CYS H 1 -20.84 5.06 1.45
CA CYS H 1 -21.19 6.45 1.20
C CYS H 1 -22.71 6.61 1.03
N TYR H 2 -23.20 7.84 1.13
CA TYR H 2 -24.62 8.13 1.00
C TYR H 2 -25.04 8.04 -0.46
N TYR H 3 -26.09 7.27 -0.73
CA TYR H 3 -26.59 7.06 -2.08
C TYR H 3 -28.02 7.57 -2.21
N LYS H 4 -28.42 7.86 -3.45
CA LYS H 4 -29.76 8.33 -3.76
C LYS H 4 -30.63 7.16 -4.22
N ILE H 5 -31.92 7.46 -4.41
CA ILE H 5 -32.90 6.44 -4.74
C ILE H 5 -33.87 6.97 -5.80
N CYS I 1 -29.10 -10.55 -7.81
CA CYS I 1 -30.32 -10.31 -8.58
C CYS I 1 -31.56 -10.62 -7.76
N TYR I 2 -31.74 -11.91 -7.43
CA TYR I 2 -32.98 -12.37 -6.81
C TYR I 2 -32.66 -13.64 -6.03
N TYR I 3 -32.59 -13.51 -4.70
CA TYR I 3 -32.14 -14.59 -3.84
C TYR I 3 -33.30 -15.44 -3.36
N LYS I 4 -33.05 -16.74 -3.22
CA LYS I 4 -34.02 -17.72 -2.72
C LYS I 4 -33.40 -18.38 -1.49
N ILE I 5 -33.51 -17.69 -0.35
CA ILE I 5 -32.98 -18.12 0.95
C ILE I 5 -33.09 -19.62 1.19
N CYS J 1 17.43 15.81 -8.18
CA CYS J 1 18.77 16.40 -8.21
C CYS J 1 19.74 15.60 -7.34
N TYR J 2 20.19 16.22 -6.25
CA TYR J 2 21.14 15.58 -5.35
C TYR J 2 20.39 14.74 -4.31
N TYR J 3 21.17 13.97 -3.54
CA TYR J 3 20.67 13.25 -2.39
C TYR J 3 21.28 13.85 -1.12
N LYS J 4 20.60 13.62 0.01
CA LYS J 4 21.02 14.19 1.29
C LYS J 4 21.28 13.04 2.26
N ILE J 5 22.56 12.73 2.46
CA ILE J 5 22.98 11.62 3.32
C ILE J 5 22.45 11.80 4.75
N CYS K 1 20.78 -4.97 0.93
CA CYS K 1 21.78 -3.93 1.17
C CYS K 1 23.14 -4.59 1.40
N TYR K 2 23.23 -5.88 1.10
CA TYR K 2 24.43 -6.65 1.38
C TYR K 2 24.79 -7.50 0.17
N TYR K 3 26.07 -7.81 0.03
CA TYR K 3 26.55 -8.57 -1.14
C TYR K 3 27.84 -9.29 -0.77
N LYS K 4 27.83 -10.62 -0.93
CA LYS K 4 29.01 -11.46 -0.70
C LYS K 4 29.54 -11.89 -2.07
N ILE K 5 30.29 -10.98 -2.69
CA ILE K 5 30.93 -11.18 -4.00
C ILE K 5 31.46 -12.59 -4.24
N TYR L 3 27.98 0.69 -20.47
CA TYR L 3 27.45 2.01 -20.19
C TYR L 3 28.39 3.11 -20.69
N LYS L 4 28.33 3.37 -22.00
CA LYS L 4 29.16 4.41 -22.61
C LYS L 4 28.66 5.79 -22.19
N ILE L 5 29.45 6.49 -21.39
CA ILE L 5 29.04 7.76 -20.81
C ILE L 5 29.32 8.92 -21.76
N CYS M 1 -17.51 -28.94 21.99
CA CYS M 1 -16.27 -29.34 22.65
C CYS M 1 -16.38 -29.15 24.16
N TYR M 2 -15.29 -29.41 24.86
CA TYR M 2 -15.25 -29.28 26.32
C TYR M 2 -14.84 -27.87 26.71
N TYR M 3 -15.66 -27.22 27.54
CA TYR M 3 -15.34 -25.92 28.09
C TYR M 3 -15.21 -26.02 29.61
N LYS M 4 -14.36 -25.17 30.16
CA LYS M 4 -13.96 -25.19 31.56
C LYS M 4 -14.55 -23.98 32.26
N ILE M 5 -15.32 -24.21 33.32
CA ILE M 5 -15.90 -23.11 34.07
C ILE M 5 -15.48 -23.20 35.53
N CYS N 1 -16.18 24.71 6.92
CA CYS N 1 -16.47 25.79 5.98
C CYS N 1 -17.49 26.76 6.54
N TYR N 2 -17.85 27.77 5.74
CA TYR N 2 -18.79 28.82 6.15
C TYR N 2 -20.01 28.73 5.24
N TYR N 3 -21.17 28.40 5.81
CA TYR N 3 -22.39 28.34 5.03
C TYR N 3 -22.99 29.74 4.88
N LYS N 4 -23.61 29.97 3.73
CA LYS N 4 -24.03 31.30 3.29
C LYS N 4 -25.56 31.37 3.23
N ILE N 5 -26.16 31.91 4.29
CA ILE N 5 -27.59 32.18 4.28
C ILE N 5 -27.76 33.70 4.17
N CYS O 1 -45.50 -12.16 -22.07
CA CYS O 1 -45.35 -13.57 -22.40
C CYS O 1 -46.69 -14.16 -22.83
N TYR O 2 -46.76 -15.50 -22.86
CA TYR O 2 -47.97 -16.22 -23.25
C TYR O 2 -48.14 -17.39 -22.26
N TYR O 3 -48.81 -17.13 -21.15
CA TYR O 3 -49.02 -18.11 -20.10
C TYR O 3 -50.47 -18.58 -20.09
N LYS O 4 -50.66 -19.84 -19.72
CA LYS O 4 -51.97 -20.50 -19.73
C LYS O 4 -52.45 -20.70 -18.30
N ILE O 5 -53.61 -20.12 -17.97
CA ILE O 5 -54.19 -20.31 -16.66
C ILE O 5 -54.88 -21.67 -16.57
N CYS P 1 18.15 32.85 -12.18
CA CYS P 1 17.56 34.19 -12.14
C CYS P 1 18.31 35.11 -11.18
N TYR P 2 17.60 36.10 -10.64
CA TYR P 2 18.21 37.06 -9.73
C TYR P 2 18.16 36.55 -8.29
N TYR P 3 19.08 37.09 -7.48
CA TYR P 3 19.14 36.76 -6.06
C TYR P 3 19.69 37.96 -5.32
N LYS P 4 19.25 38.12 -4.07
CA LYS P 4 19.54 39.32 -3.30
C LYS P 4 20.65 39.08 -2.29
N ILE P 5 21.39 40.15 -1.99
CA ILE P 5 22.33 40.15 -0.87
C ILE P 5 22.66 41.60 -0.48
N CYS Q 1 22.03 -11.68 21.50
CA CYS Q 1 21.90 -12.36 22.78
C CYS Q 1 23.27 -12.84 23.29
N TYR Q 2 23.25 -13.76 24.27
CA TYR Q 2 24.47 -14.27 24.84
C TYR Q 2 25.22 -15.12 23.81
N TYR Q 3 26.56 -15.12 23.91
CA TYR Q 3 27.42 -15.91 23.07
C TYR Q 3 28.36 -16.77 23.89
N LYS Q 4 28.98 -17.73 23.20
CA LYS Q 4 29.76 -18.79 23.81
C LYS Q 4 31.12 -18.87 23.14
N ILE Q 5 32.13 -19.20 23.91
CA ILE Q 5 33.49 -19.36 23.38
C ILE Q 5 34.12 -20.64 23.91
N CYS R 1 34.67 -15.25 -32.27
CA CYS R 1 35.85 -14.43 -32.02
C CYS R 1 36.94 -14.70 -33.05
N TYR R 2 36.66 -14.35 -34.31
CA TYR R 2 37.58 -14.55 -35.44
C TYR R 2 37.62 -13.26 -36.27
N TYR R 3 38.14 -12.20 -35.67
CA TYR R 3 38.23 -10.90 -36.32
C TYR R 3 39.40 -10.90 -37.33
N LYS R 4 39.50 -9.80 -38.07
CA LYS R 4 40.52 -9.64 -39.11
C LYS R 4 41.36 -8.40 -38.82
N ILE R 5 42.67 -8.53 -39.00
CA ILE R 5 43.56 -7.38 -38.87
C ILE R 5 44.57 -7.38 -40.02
#